data_1W8A
# 
_entry.id   1W8A 
# 
_audit_conform.dict_name       mmcif_pdbx.dic 
_audit_conform.dict_version    5.399 
_audit_conform.dict_location   http://mmcif.pdb.org/dictionaries/ascii/mmcif_pdbx.dic 
# 
loop_
_database_2.database_id 
_database_2.database_code 
_database_2.pdbx_database_accession 
_database_2.pdbx_DOI 
PDB   1W8A         pdb_00001w8a 10.2210/pdb1w8a/pdb 
PDBE  EBI-21081    ?            ?                   
WWPDB D_1290021081 ?            ?                   
# 
loop_
_pdbx_audit_revision_history.ordinal 
_pdbx_audit_revision_history.data_content_type 
_pdbx_audit_revision_history.major_revision 
_pdbx_audit_revision_history.minor_revision 
_pdbx_audit_revision_history.revision_date 
1 'Structure model' 1 0 2004-10-25 
2 'Structure model' 1 1 2011-05-08 
3 'Structure model' 1 2 2011-07-13 
4 'Structure model' 1 3 2017-11-08 
5 'Structure model' 1 4 2023-12-13 
6 'Structure model' 1 5 2024-11-20 
# 
_pdbx_audit_revision_details.ordinal             1 
_pdbx_audit_revision_details.revision_ordinal    1 
_pdbx_audit_revision_details.data_content_type   'Structure model' 
_pdbx_audit_revision_details.provider            repository 
_pdbx_audit_revision_details.type                'Initial release' 
_pdbx_audit_revision_details.description         ? 
_pdbx_audit_revision_details.details             ? 
# 
loop_
_pdbx_audit_revision_group.ordinal 
_pdbx_audit_revision_group.revision_ordinal 
_pdbx_audit_revision_group.data_content_type 
_pdbx_audit_revision_group.group 
1  2 'Structure model' 'Version format compliance' 
2  3 'Structure model' 'Version format compliance' 
3  4 'Structure model' Advisory                    
4  4 'Structure model' 'Source and taxonomy'       
5  5 'Structure model' Advisory                    
6  5 'Structure model' 'Data collection'           
7  5 'Structure model' 'Database references'       
8  5 'Structure model' Other                       
9  5 'Structure model' 'Refinement description'    
10 6 'Structure model' 'Structure summary'         
# 
loop_
_pdbx_audit_revision_category.ordinal 
_pdbx_audit_revision_category.revision_ordinal 
_pdbx_audit_revision_category.data_content_type 
_pdbx_audit_revision_category.category 
1  4 'Structure model' entity_src_gen                  
2  4 'Structure model' pdbx_unobs_or_zero_occ_atoms    
3  4 'Structure model' pdbx_unobs_or_zero_occ_residues 
4  5 'Structure model' chem_comp_atom                  
5  5 'Structure model' chem_comp_bond                  
6  5 'Structure model' database_2                      
7  5 'Structure model' pdbx_database_status            
8  5 'Structure model' pdbx_initial_refinement_model   
9  5 'Structure model' pdbx_unobs_or_zero_occ_atoms    
10 5 'Structure model' pdbx_unobs_or_zero_occ_residues 
11 6 'Structure model' pdbx_entry_details              
12 6 'Structure model' pdbx_modification_feature       
# 
loop_
_pdbx_audit_revision_item.ordinal 
_pdbx_audit_revision_item.revision_ordinal 
_pdbx_audit_revision_item.data_content_type 
_pdbx_audit_revision_item.item 
1 4 'Structure model' '_entity_src_gen.gene_src_common_name'          
2 4 'Structure model' '_entity_src_gen.host_org_common_name'          
3 4 'Structure model' '_entity_src_gen.pdbx_host_org_scientific_name' 
4 5 'Structure model' '_database_2.pdbx_DOI'                          
5 5 'Structure model' '_database_2.pdbx_database_accession'           
6 5 'Structure model' '_pdbx_database_status.status_code_sf'          
# 
_pdbx_database_status.status_code                     REL 
_pdbx_database_status.entry_id                        1W8A 
_pdbx_database_status.deposit_site                    PDBE 
_pdbx_database_status.process_site                    PDBE 
_pdbx_database_status.SG_entry                        . 
_pdbx_database_status.recvd_initial_deposition_date   2004-09-17 
_pdbx_database_status.pdb_format_compatible           Y 
_pdbx_database_status.status_code_sf                  REL 
_pdbx_database_status.status_code_mr                  ? 
_pdbx_database_status.status_code_cs                  ? 
_pdbx_database_status.methods_development_category    ? 
_pdbx_database_status.status_code_nmr_data            ? 
# 
_pdbx_database_related.db_name        PDB 
_pdbx_database_related.db_id          1OZN 
_pdbx_database_related.content_type   unspecified 
_pdbx_database_related.details        'NOGO RECEPTOR LIGAND BINDING DOMAIN' 
# 
loop_
_audit_author.name 
_audit_author.pdbx_ordinal 
_audit_author.identifier_ORCID 
'Howitt, J.A.'   1 ? 
'Clout, N.J.'    2 ? 
'Hohenester, E.' 3 ? 
# 
_citation.id                        primary 
_citation.title                     
'Binding Site for Robo Receptors Revealed by Dissection of the Leucine-Rich Repeat Region of Slit.' 
_citation.journal_abbrev            'Embo J.' 
_citation.journal_volume            23 
_citation.page_first                4406 
_citation.page_last                 ? 
_citation.year                      2004 
_citation.journal_id_ASTM           EMJODG 
_citation.country                   UK 
_citation.journal_id_ISSN           0261-4189 
_citation.journal_id_CSD            0897 
_citation.book_publisher            ? 
_citation.pdbx_database_id_PubMed   15496984 
_citation.pdbx_database_id_DOI      10.1038/SJ.EMBOJ.7600446 
# 
loop_
_citation_author.citation_id 
_citation_author.name 
_citation_author.ordinal 
_citation_author.identifier_ORCID 
primary 'Howitt, J.A.'   1 ? 
primary 'Clout, N.J.'    2 ? 
primary 'Hohenester, E.' 3 ? 
# 
loop_
_entity.id 
_entity.type 
_entity.src_method 
_entity.pdbx_description 
_entity.formula_weight 
_entity.pdbx_number_of_molecules 
_entity.pdbx_ec 
_entity.pdbx_mutation 
_entity.pdbx_fragment 
_entity.details 
1 polymer man 'SLIT PROTEIN' 21313.307 1 ? ? 'THIRD LRR DOMAIN, RESIDUES 542-733' ? 
2 water   nat water          18.015    5 ? ? ?                                    ? 
# 
_entity_poly.entity_id                      1 
_entity_poly.type                           'polypeptide(L)' 
_entity_poly.nstd_linkage                   no 
_entity_poly.nstd_monomer                   no 
_entity_poly.pdbx_seq_one_letter_code       
;DCPAMCHCEGTTVDCTGRGLKEIPRDIPLHTTELLLNDNELGRISSDGLFGRLPHLVKLELKRNQLTGIEPNAFEGASHI
QELQLGENKIKEISNKMFLGLHQLKTLNLYDNQISCVMPGSFEHLNSLTSLNLASNPFNCNCHLAWFAEWLRKKSLNGGA
ARCGAPSKVRDVQIKDLPHSEFKCSSENSEGC
;
_entity_poly.pdbx_seq_one_letter_code_can   
;DCPAMCHCEGTTVDCTGRGLKEIPRDIPLHTTELLLNDNELGRISSDGLFGRLPHLVKLELKRNQLTGIEPNAFEGASHI
QELQLGENKIKEISNKMFLGLHQLKTLNLYDNQISCVMPGSFEHLNSLTSLNLASNPFNCNCHLAWFAEWLRKKSLNGGA
ARCGAPSKVRDVQIKDLPHSEFKCSSENSEGC
;
_entity_poly.pdbx_strand_id                 A 
_entity_poly.pdbx_target_identifier         ? 
# 
_pdbx_entity_nonpoly.entity_id   2 
_pdbx_entity_nonpoly.name        water 
_pdbx_entity_nonpoly.comp_id     HOH 
# 
loop_
_entity_poly_seq.entity_id 
_entity_poly_seq.num 
_entity_poly_seq.mon_id 
_entity_poly_seq.hetero 
1 1   ASP n 
1 2   CYS n 
1 3   PRO n 
1 4   ALA n 
1 5   MET n 
1 6   CYS n 
1 7   HIS n 
1 8   CYS n 
1 9   GLU n 
1 10  GLY n 
1 11  THR n 
1 12  THR n 
1 13  VAL n 
1 14  ASP n 
1 15  CYS n 
1 16  THR n 
1 17  GLY n 
1 18  ARG n 
1 19  GLY n 
1 20  LEU n 
1 21  LYS n 
1 22  GLU n 
1 23  ILE n 
1 24  PRO n 
1 25  ARG n 
1 26  ASP n 
1 27  ILE n 
1 28  PRO n 
1 29  LEU n 
1 30  HIS n 
1 31  THR n 
1 32  THR n 
1 33  GLU n 
1 34  LEU n 
1 35  LEU n 
1 36  LEU n 
1 37  ASN n 
1 38  ASP n 
1 39  ASN n 
1 40  GLU n 
1 41  LEU n 
1 42  GLY n 
1 43  ARG n 
1 44  ILE n 
1 45  SER n 
1 46  SER n 
1 47  ASP n 
1 48  GLY n 
1 49  LEU n 
1 50  PHE n 
1 51  GLY n 
1 52  ARG n 
1 53  LEU n 
1 54  PRO n 
1 55  HIS n 
1 56  LEU n 
1 57  VAL n 
1 58  LYS n 
1 59  LEU n 
1 60  GLU n 
1 61  LEU n 
1 62  LYS n 
1 63  ARG n 
1 64  ASN n 
1 65  GLN n 
1 66  LEU n 
1 67  THR n 
1 68  GLY n 
1 69  ILE n 
1 70  GLU n 
1 71  PRO n 
1 72  ASN n 
1 73  ALA n 
1 74  PHE n 
1 75  GLU n 
1 76  GLY n 
1 77  ALA n 
1 78  SER n 
1 79  HIS n 
1 80  ILE n 
1 81  GLN n 
1 82  GLU n 
1 83  LEU n 
1 84  GLN n 
1 85  LEU n 
1 86  GLY n 
1 87  GLU n 
1 88  ASN n 
1 89  LYS n 
1 90  ILE n 
1 91  LYS n 
1 92  GLU n 
1 93  ILE n 
1 94  SER n 
1 95  ASN n 
1 96  LYS n 
1 97  MET n 
1 98  PHE n 
1 99  LEU n 
1 100 GLY n 
1 101 LEU n 
1 102 HIS n 
1 103 GLN n 
1 104 LEU n 
1 105 LYS n 
1 106 THR n 
1 107 LEU n 
1 108 ASN n 
1 109 LEU n 
1 110 TYR n 
1 111 ASP n 
1 112 ASN n 
1 113 GLN n 
1 114 ILE n 
1 115 SER n 
1 116 CYS n 
1 117 VAL n 
1 118 MET n 
1 119 PRO n 
1 120 GLY n 
1 121 SER n 
1 122 PHE n 
1 123 GLU n 
1 124 HIS n 
1 125 LEU n 
1 126 ASN n 
1 127 SER n 
1 128 LEU n 
1 129 THR n 
1 130 SER n 
1 131 LEU n 
1 132 ASN n 
1 133 LEU n 
1 134 ALA n 
1 135 SER n 
1 136 ASN n 
1 137 PRO n 
1 138 PHE n 
1 139 ASN n 
1 140 CYS n 
1 141 ASN n 
1 142 CYS n 
1 143 HIS n 
1 144 LEU n 
1 145 ALA n 
1 146 TRP n 
1 147 PHE n 
1 148 ALA n 
1 149 GLU n 
1 150 TRP n 
1 151 LEU n 
1 152 ARG n 
1 153 LYS n 
1 154 LYS n 
1 155 SER n 
1 156 LEU n 
1 157 ASN n 
1 158 GLY n 
1 159 GLY n 
1 160 ALA n 
1 161 ALA n 
1 162 ARG n 
1 163 CYS n 
1 164 GLY n 
1 165 ALA n 
1 166 PRO n 
1 167 SER n 
1 168 LYS n 
1 169 VAL n 
1 170 ARG n 
1 171 ASP n 
1 172 VAL n 
1 173 GLN n 
1 174 ILE n 
1 175 LYS n 
1 176 ASP n 
1 177 LEU n 
1 178 PRO n 
1 179 HIS n 
1 180 SER n 
1 181 GLU n 
1 182 PHE n 
1 183 LYS n 
1 184 CYS n 
1 185 SER n 
1 186 SER n 
1 187 GLU n 
1 188 ASN n 
1 189 SER n 
1 190 GLU n 
1 191 GLY n 
1 192 CYS n 
# 
_entity_src_gen.entity_id                          1 
_entity_src_gen.pdbx_src_id                        1 
_entity_src_gen.pdbx_alt_source_flag               sample 
_entity_src_gen.pdbx_seq_type                      ? 
_entity_src_gen.pdbx_beg_seq_num                   ? 
_entity_src_gen.pdbx_end_seq_num                   ? 
_entity_src_gen.gene_src_common_name               'Fruit fly' 
_entity_src_gen.gene_src_genus                     ? 
_entity_src_gen.pdbx_gene_src_gene                 ? 
_entity_src_gen.gene_src_species                   ? 
_entity_src_gen.gene_src_strain                    ? 
_entity_src_gen.gene_src_tissue                    ? 
_entity_src_gen.gene_src_tissue_fraction           ? 
_entity_src_gen.gene_src_details                   ? 
_entity_src_gen.pdbx_gene_src_fragment             ? 
_entity_src_gen.pdbx_gene_src_scientific_name      'DROSOPHILA MELANOGASTER' 
_entity_src_gen.pdbx_gene_src_ncbi_taxonomy_id     7227 
_entity_src_gen.pdbx_gene_src_variant              ? 
_entity_src_gen.pdbx_gene_src_cell_line            ? 
_entity_src_gen.pdbx_gene_src_atcc                 ? 
_entity_src_gen.pdbx_gene_src_organ                ? 
_entity_src_gen.pdbx_gene_src_organelle            ? 
_entity_src_gen.pdbx_gene_src_cell                 ? 
_entity_src_gen.pdbx_gene_src_cellular_location    ? 
_entity_src_gen.host_org_common_name               Human 
_entity_src_gen.pdbx_host_org_scientific_name      'Homo sapiens' 
_entity_src_gen.pdbx_host_org_ncbi_taxonomy_id     9606 
_entity_src_gen.host_org_genus                     ? 
_entity_src_gen.pdbx_host_org_gene                 ? 
_entity_src_gen.pdbx_host_org_organ                ? 
_entity_src_gen.host_org_species                   ? 
_entity_src_gen.pdbx_host_org_tissue               ? 
_entity_src_gen.pdbx_host_org_tissue_fraction      ? 
_entity_src_gen.pdbx_host_org_strain               ? 
_entity_src_gen.pdbx_host_org_variant              ? 
_entity_src_gen.pdbx_host_org_cell_line            293-EBNA 
_entity_src_gen.pdbx_host_org_atcc                 ? 
_entity_src_gen.pdbx_host_org_culture_collection   ? 
_entity_src_gen.pdbx_host_org_cell                 ? 
_entity_src_gen.pdbx_host_org_organelle            ? 
_entity_src_gen.pdbx_host_org_cellular_location    ? 
_entity_src_gen.pdbx_host_org_vector_type          ? 
_entity_src_gen.pdbx_host_org_vector               ? 
_entity_src_gen.host_org_details                   ? 
_entity_src_gen.expression_system_id               ? 
_entity_src_gen.plasmid_name                       PCEP-PU 
_entity_src_gen.plasmid_details                    ? 
_entity_src_gen.pdbx_description                   ? 
# 
loop_
_chem_comp.id 
_chem_comp.type 
_chem_comp.mon_nstd_flag 
_chem_comp.name 
_chem_comp.pdbx_synonyms 
_chem_comp.formula 
_chem_comp.formula_weight 
ALA 'L-peptide linking' y ALANINE         ? 'C3 H7 N O2'     89.093  
ARG 'L-peptide linking' y ARGININE        ? 'C6 H15 N4 O2 1' 175.209 
ASN 'L-peptide linking' y ASPARAGINE      ? 'C4 H8 N2 O3'    132.118 
ASP 'L-peptide linking' y 'ASPARTIC ACID' ? 'C4 H7 N O4'     133.103 
CYS 'L-peptide linking' y CYSTEINE        ? 'C3 H7 N O2 S'   121.158 
GLN 'L-peptide linking' y GLUTAMINE       ? 'C5 H10 N2 O3'   146.144 
GLU 'L-peptide linking' y 'GLUTAMIC ACID' ? 'C5 H9 N O4'     147.129 
GLY 'peptide linking'   y GLYCINE         ? 'C2 H5 N O2'     75.067  
HIS 'L-peptide linking' y HISTIDINE       ? 'C6 H10 N3 O2 1' 156.162 
HOH non-polymer         . WATER           ? 'H2 O'           18.015  
ILE 'L-peptide linking' y ISOLEUCINE      ? 'C6 H13 N O2'    131.173 
LEU 'L-peptide linking' y LEUCINE         ? 'C6 H13 N O2'    131.173 
LYS 'L-peptide linking' y LYSINE          ? 'C6 H15 N2 O2 1' 147.195 
MET 'L-peptide linking' y METHIONINE      ? 'C5 H11 N O2 S'  149.211 
PHE 'L-peptide linking' y PHENYLALANINE   ? 'C9 H11 N O2'    165.189 
PRO 'L-peptide linking' y PROLINE         ? 'C5 H9 N O2'     115.130 
SER 'L-peptide linking' y SERINE          ? 'C3 H7 N O3'     105.093 
THR 'L-peptide linking' y THREONINE       ? 'C4 H9 N O3'     119.119 
TRP 'L-peptide linking' y TRYPTOPHAN      ? 'C11 H12 N2 O2'  204.225 
TYR 'L-peptide linking' y TYROSINE        ? 'C9 H11 N O3'    181.189 
VAL 'L-peptide linking' y VALINE          ? 'C5 H11 N O2'    117.146 
# 
loop_
_pdbx_poly_seq_scheme.asym_id 
_pdbx_poly_seq_scheme.entity_id 
_pdbx_poly_seq_scheme.seq_id 
_pdbx_poly_seq_scheme.mon_id 
_pdbx_poly_seq_scheme.ndb_seq_num 
_pdbx_poly_seq_scheme.pdb_seq_num 
_pdbx_poly_seq_scheme.auth_seq_num 
_pdbx_poly_seq_scheme.pdb_mon_id 
_pdbx_poly_seq_scheme.auth_mon_id 
_pdbx_poly_seq_scheme.pdb_strand_id 
_pdbx_poly_seq_scheme.pdb_ins_code 
_pdbx_poly_seq_scheme.hetero 
A 1 1   ASP 1   542 542 ASP ASP A . n 
A 1 2   CYS 2   543 543 CYS CYS A . n 
A 1 3   PRO 3   544 544 PRO PRO A . n 
A 1 4   ALA 4   545 545 ALA ALA A . n 
A 1 5   MET 5   546 546 MET MET A . n 
A 1 6   CYS 6   547 547 CYS CYS A . n 
A 1 7   HIS 7   548 548 HIS HIS A . n 
A 1 8   CYS 8   549 549 CYS CYS A . n 
A 1 9   GLU 9   550 550 GLU GLU A . n 
A 1 10  GLY 10  551 551 GLY GLY A . n 
A 1 11  THR 11  552 552 THR THR A . n 
A 1 12  THR 12  553 553 THR THR A . n 
A 1 13  VAL 13  554 554 VAL VAL A . n 
A 1 14  ASP 14  555 555 ASP ASP A . n 
A 1 15  CYS 15  556 556 CYS CYS A . n 
A 1 16  THR 16  557 557 THR THR A . n 
A 1 17  GLY 17  558 558 GLY GLY A . n 
A 1 18  ARG 18  559 559 ARG ARG A . n 
A 1 19  GLY 19  560 560 GLY GLY A . n 
A 1 20  LEU 20  561 561 LEU LEU A . n 
A 1 21  LYS 21  562 562 LYS LYS A . n 
A 1 22  GLU 22  563 563 GLU GLU A . n 
A 1 23  ILE 23  564 564 ILE ILE A . n 
A 1 24  PRO 24  565 565 PRO PRO A . n 
A 1 25  ARG 25  566 566 ARG ARG A . n 
A 1 26  ASP 26  567 567 ASP ASP A . n 
A 1 27  ILE 27  568 568 ILE ILE A . n 
A 1 28  PRO 28  569 569 PRO PRO A . n 
A 1 29  LEU 29  570 570 LEU LEU A . n 
A 1 30  HIS 30  571 571 HIS HIS A . n 
A 1 31  THR 31  572 572 THR THR A . n 
A 1 32  THR 32  573 573 THR THR A . n 
A 1 33  GLU 33  574 574 GLU GLU A . n 
A 1 34  LEU 34  575 575 LEU LEU A . n 
A 1 35  LEU 35  576 576 LEU LEU A . n 
A 1 36  LEU 36  577 577 LEU LEU A . n 
A 1 37  ASN 37  578 578 ASN ASN A . n 
A 1 38  ASP 38  579 579 ASP ASP A . n 
A 1 39  ASN 39  580 580 ASN ASN A . n 
A 1 40  GLU 40  581 581 GLU GLU A . n 
A 1 41  LEU 41  582 582 LEU LEU A . n 
A 1 42  GLY 42  583 583 GLY GLY A . n 
A 1 43  ARG 43  584 584 ARG ARG A . n 
A 1 44  ILE 44  585 585 ILE ILE A . n 
A 1 45  SER 45  586 586 SER SER A . n 
A 1 46  SER 46  587 587 SER SER A . n 
A 1 47  ASP 47  588 588 ASP ASP A . n 
A 1 48  GLY 48  589 589 GLY GLY A . n 
A 1 49  LEU 49  590 590 LEU LEU A . n 
A 1 50  PHE 50  591 591 PHE PHE A . n 
A 1 51  GLY 51  592 592 GLY GLY A . n 
A 1 52  ARG 52  593 593 ARG ARG A . n 
A 1 53  LEU 53  594 594 LEU LEU A . n 
A 1 54  PRO 54  595 595 PRO PRO A . n 
A 1 55  HIS 55  596 596 HIS HIS A . n 
A 1 56  LEU 56  597 597 LEU LEU A . n 
A 1 57  VAL 57  598 598 VAL VAL A . n 
A 1 58  LYS 58  599 599 LYS LYS A . n 
A 1 59  LEU 59  600 600 LEU LEU A . n 
A 1 60  GLU 60  601 601 GLU GLU A . n 
A 1 61  LEU 61  602 602 LEU LEU A . n 
A 1 62  LYS 62  603 603 LYS LYS A . n 
A 1 63  ARG 63  604 604 ARG ARG A . n 
A 1 64  ASN 64  605 605 ASN ASN A . n 
A 1 65  GLN 65  606 606 GLN GLN A . n 
A 1 66  LEU 66  607 607 LEU LEU A . n 
A 1 67  THR 67  608 608 THR THR A . n 
A 1 68  GLY 68  609 609 GLY GLY A . n 
A 1 69  ILE 69  610 610 ILE ILE A . n 
A 1 70  GLU 70  611 611 GLU GLU A . n 
A 1 71  PRO 71  612 612 PRO PRO A . n 
A 1 72  ASN 72  613 613 ASN ASN A . n 
A 1 73  ALA 73  614 614 ALA ALA A . n 
A 1 74  PHE 74  615 615 PHE PHE A . n 
A 1 75  GLU 75  616 616 GLU GLU A . n 
A 1 76  GLY 76  617 617 GLY GLY A . n 
A 1 77  ALA 77  618 618 ALA ALA A . n 
A 1 78  SER 78  619 619 SER SER A . n 
A 1 79  HIS 79  620 620 HIS HIS A . n 
A 1 80  ILE 80  621 621 ILE ILE A . n 
A 1 81  GLN 81  622 622 GLN GLN A . n 
A 1 82  GLU 82  623 623 GLU GLU A . n 
A 1 83  LEU 83  624 624 LEU LEU A . n 
A 1 84  GLN 84  625 625 GLN GLN A . n 
A 1 85  LEU 85  626 626 LEU LEU A . n 
A 1 86  GLY 86  627 627 GLY GLY A . n 
A 1 87  GLU 87  628 628 GLU GLU A . n 
A 1 88  ASN 88  629 629 ASN ASN A . n 
A 1 89  LYS 89  630 630 LYS LYS A . n 
A 1 90  ILE 90  631 631 ILE ILE A . n 
A 1 91  LYS 91  632 632 LYS LYS A . n 
A 1 92  GLU 92  633 633 GLU GLU A . n 
A 1 93  ILE 93  634 634 ILE ILE A . n 
A 1 94  SER 94  635 635 SER SER A . n 
A 1 95  ASN 95  636 636 ASN ASN A . n 
A 1 96  LYS 96  637 637 LYS LYS A . n 
A 1 97  MET 97  638 638 MET MET A . n 
A 1 98  PHE 98  639 639 PHE PHE A . n 
A 1 99  LEU 99  640 640 LEU LEU A . n 
A 1 100 GLY 100 641 641 GLY GLY A . n 
A 1 101 LEU 101 642 642 LEU LEU A . n 
A 1 102 HIS 102 643 643 HIS HIS A . n 
A 1 103 GLN 103 644 644 GLN GLN A . n 
A 1 104 LEU 104 645 645 LEU LEU A . n 
A 1 105 LYS 105 646 646 LYS LYS A . n 
A 1 106 THR 106 647 647 THR THR A . n 
A 1 107 LEU 107 648 648 LEU LEU A . n 
A 1 108 ASN 108 649 649 ASN ASN A . n 
A 1 109 LEU 109 650 650 LEU LEU A . n 
A 1 110 TYR 110 651 651 TYR TYR A . n 
A 1 111 ASP 111 652 652 ASP ASP A . n 
A 1 112 ASN 112 653 653 ASN ASN A . n 
A 1 113 GLN 113 654 654 GLN GLN A . n 
A 1 114 ILE 114 655 655 ILE ILE A . n 
A 1 115 SER 115 656 656 SER SER A . n 
A 1 116 CYS 116 657 657 CYS CYS A . n 
A 1 117 VAL 117 658 658 VAL VAL A . n 
A 1 118 MET 118 659 659 MET MET A . n 
A 1 119 PRO 119 660 660 PRO PRO A . n 
A 1 120 GLY 120 661 661 GLY GLY A . n 
A 1 121 SER 121 662 662 SER SER A . n 
A 1 122 PHE 122 663 663 PHE PHE A . n 
A 1 123 GLU 123 664 664 GLU GLU A . n 
A 1 124 HIS 124 665 665 HIS HIS A . n 
A 1 125 LEU 125 666 666 LEU LEU A . n 
A 1 126 ASN 126 667 667 ASN ASN A . n 
A 1 127 SER 127 668 668 SER SER A . n 
A 1 128 LEU 128 669 669 LEU LEU A . n 
A 1 129 THR 129 670 670 THR THR A . n 
A 1 130 SER 130 671 671 SER SER A . n 
A 1 131 LEU 131 672 672 LEU LEU A . n 
A 1 132 ASN 132 673 673 ASN ASN A . n 
A 1 133 LEU 133 674 674 LEU LEU A . n 
A 1 134 ALA 134 675 675 ALA ALA A . n 
A 1 135 SER 135 676 676 SER SER A . n 
A 1 136 ASN 136 677 677 ASN ASN A . n 
A 1 137 PRO 137 678 678 PRO PRO A . n 
A 1 138 PHE 138 679 679 PHE PHE A . n 
A 1 139 ASN 139 680 680 ASN ASN A . n 
A 1 140 CYS 140 681 681 CYS CYS A . n 
A 1 141 ASN 141 682 682 ASN ASN A . n 
A 1 142 CYS 142 683 683 CYS CYS A . n 
A 1 143 HIS 143 684 684 HIS HIS A . n 
A 1 144 LEU 144 685 685 LEU LEU A . n 
A 1 145 ALA 145 686 686 ALA ALA A . n 
A 1 146 TRP 146 687 687 TRP TRP A . n 
A 1 147 PHE 147 688 688 PHE PHE A . n 
A 1 148 ALA 148 689 689 ALA ALA A . n 
A 1 149 GLU 149 690 690 GLU GLU A . n 
A 1 150 TRP 150 691 691 TRP TRP A . n 
A 1 151 LEU 151 692 692 LEU LEU A . n 
A 1 152 ARG 152 693 693 ARG ARG A . n 
A 1 153 LYS 153 694 694 LYS LYS A . n 
A 1 154 LYS 154 695 695 LYS LYS A . n 
A 1 155 SER 155 696 696 SER SER A . n 
A 1 156 LEU 156 697 697 LEU LEU A . n 
A 1 157 ASN 157 698 698 ASN ASN A . n 
A 1 158 GLY 158 699 699 GLY GLY A . n 
A 1 159 GLY 159 700 700 GLY GLY A . n 
A 1 160 ALA 160 701 701 ALA ALA A . n 
A 1 161 ALA 161 702 702 ALA ALA A . n 
A 1 162 ARG 162 703 703 ARG ARG A . n 
A 1 163 CYS 163 704 704 CYS CYS A . n 
A 1 164 GLY 164 705 705 GLY GLY A . n 
A 1 165 ALA 165 706 706 ALA ALA A . n 
A 1 166 PRO 166 707 707 PRO PRO A . n 
A 1 167 SER 167 708 708 SER SER A . n 
A 1 168 LYS 168 709 709 LYS LYS A . n 
A 1 169 VAL 169 710 710 VAL VAL A . n 
A 1 170 ARG 170 711 711 ARG ARG A . n 
A 1 171 ASP 171 712 712 ASP ASP A . n 
A 1 172 VAL 172 713 713 VAL VAL A . n 
A 1 173 GLN 173 714 714 GLN GLN A . n 
A 1 174 ILE 174 715 715 ILE ILE A . n 
A 1 175 LYS 175 716 716 LYS LYS A . n 
A 1 176 ASP 176 717 717 ASP ASP A . n 
A 1 177 LEU 177 718 718 LEU LEU A . n 
A 1 178 PRO 178 719 719 PRO PRO A . n 
A 1 179 HIS 179 720 720 HIS HIS A . n 
A 1 180 SER 180 721 721 SER SER A . n 
A 1 181 GLU 181 722 722 GLU GLU A . n 
A 1 182 PHE 182 723 723 PHE PHE A . n 
A 1 183 LYS 183 724 724 LYS LYS A . n 
A 1 184 CYS 184 725 725 CYS CYS A . n 
A 1 185 SER 185 726 726 SER SER A . n 
A 1 186 SER 186 727 727 SER SER A . n 
A 1 187 GLU 187 728 ?   ?   ?   A . n 
A 1 188 ASN 188 729 ?   ?   ?   A . n 
A 1 189 SER 189 730 ?   ?   ?   A . n 
A 1 190 GLU 190 731 731 GLU GLU A . n 
A 1 191 GLY 191 732 732 GLY GLY A . n 
A 1 192 CYS 192 733 733 CYS CYS A . n 
# 
loop_
_pdbx_nonpoly_scheme.asym_id 
_pdbx_nonpoly_scheme.entity_id 
_pdbx_nonpoly_scheme.mon_id 
_pdbx_nonpoly_scheme.ndb_seq_num 
_pdbx_nonpoly_scheme.pdb_seq_num 
_pdbx_nonpoly_scheme.auth_seq_num 
_pdbx_nonpoly_scheme.pdb_mon_id 
_pdbx_nonpoly_scheme.auth_mon_id 
_pdbx_nonpoly_scheme.pdb_strand_id 
_pdbx_nonpoly_scheme.pdb_ins_code 
B 2 HOH 1 2001 2001 HOH HOH A . 
B 2 HOH 2 2002 2002 HOH HOH A . 
B 2 HOH 3 2003 2003 HOH HOH A . 
B 2 HOH 4 2004 2004 HOH HOH A . 
B 2 HOH 5 2005 2005 HOH HOH A . 
# 
loop_
_pdbx_unobs_or_zero_occ_atoms.id 
_pdbx_unobs_or_zero_occ_atoms.PDB_model_num 
_pdbx_unobs_or_zero_occ_atoms.polymer_flag 
_pdbx_unobs_or_zero_occ_atoms.occupancy_flag 
_pdbx_unobs_or_zero_occ_atoms.auth_asym_id 
_pdbx_unobs_or_zero_occ_atoms.auth_comp_id 
_pdbx_unobs_or_zero_occ_atoms.auth_seq_id 
_pdbx_unobs_or_zero_occ_atoms.PDB_ins_code 
_pdbx_unobs_or_zero_occ_atoms.auth_atom_id 
_pdbx_unobs_or_zero_occ_atoms.label_alt_id 
_pdbx_unobs_or_zero_occ_atoms.label_asym_id 
_pdbx_unobs_or_zero_occ_atoms.label_comp_id 
_pdbx_unobs_or_zero_occ_atoms.label_seq_id 
_pdbx_unobs_or_zero_occ_atoms.label_atom_id 
1 1 Y 0 A LEU 697 ? C ? A LEU 156 C 
2 1 Y 0 A LEU 697 ? O ? A LEU 156 O 
# 
loop_
_software.name 
_software.classification 
_software.version 
_software.citation_id 
_software.pdbx_ordinal 
_software.date 
_software.type 
_software.location 
_software.language 
CNS    refinement       1.1 ? 1 ? ? ? ? 
MOSFLM 'data reduction' .   ? 2 ? ? ? ? 
SCALA  'data scaling'   .   ? 3 ? ? ? ? 
AMoRE  phasing          .   ? 4 ? ? ? ? 
# 
_cell.entry_id           1W8A 
_cell.length_a           121.213 
_cell.length_b           31.852 
_cell.length_c           49.526 
_cell.angle_alpha        90.00 
_cell.angle_beta         100.72 
_cell.angle_gamma        90.00 
_cell.Z_PDB              4 
_cell.pdbx_unique_axis   ? 
# 
_symmetry.entry_id                         1W8A 
_symmetry.space_group_name_H-M             'C 1 2 1' 
_symmetry.pdbx_full_space_group_name_H-M   ? 
_symmetry.cell_setting                     ? 
_symmetry.Int_Tables_number                5 
# 
_exptl.entry_id          1W8A 
_exptl.method            'X-RAY DIFFRACTION' 
_exptl.crystals_number   1 
# 
_exptl_crystal.id                    1 
_exptl_crystal.density_meas          ? 
_exptl_crystal.density_Matthews      2.20 
_exptl_crystal.density_percent_sol   44.19 
_exptl_crystal.description           ? 
# 
_diffrn.id                     1 
_diffrn.ambient_temp           293.0 
_diffrn.ambient_temp_details   ? 
_diffrn.crystal_id             1 
# 
_diffrn_detector.diffrn_id              1 
_diffrn_detector.detector               'IMAGE PLATE' 
_diffrn_detector.type                   MARRESEARCH 
_diffrn_detector.pdbx_collection_date   ? 
_diffrn_detector.details                ? 
# 
_diffrn_radiation.diffrn_id                        1 
_diffrn_radiation.wavelength_id                    1 
_diffrn_radiation.pdbx_monochromatic_or_laue_m_l   M 
_diffrn_radiation.monochromator                    ? 
_diffrn_radiation.pdbx_diffrn_protocol             'SINGLE WAVELENGTH' 
_diffrn_radiation.pdbx_scattering_type             x-ray 
# 
_diffrn_radiation_wavelength.id           1 
_diffrn_radiation_wavelength.wavelength   1.5418 
_diffrn_radiation_wavelength.wt           1.0 
# 
_diffrn_source.diffrn_id                   1 
_diffrn_source.source                      'ROTATING ANODE' 
_diffrn_source.type                        'RIGAKU RUH3R' 
_diffrn_source.pdbx_synchrotron_site       ? 
_diffrn_source.pdbx_synchrotron_beamline   ? 
_diffrn_source.pdbx_wavelength             1.5418 
_diffrn_source.pdbx_wavelength_list        ? 
# 
_reflns.pdbx_diffrn_id               1 
_reflns.pdbx_ordinal                 1 
_reflns.entry_id                     1W8A 
_reflns.observed_criterion_sigma_I   0.000 
_reflns.observed_criterion_sigma_F   ? 
_reflns.d_resolution_low             20.000 
_reflns.d_resolution_high            2.800 
_reflns.number_obs                   4705 
_reflns.number_all                   ? 
_reflns.percent_possible_obs         98.5 
_reflns.pdbx_Rmerge_I_obs            0.07000 
_reflns.pdbx_Rsym_value              ? 
_reflns.pdbx_netI_over_sigmaI        16.2000 
_reflns.B_iso_Wilson_estimate        ? 
_reflns.pdbx_redundancy              4.000 
_reflns.pdbx_CC_half                 ? 
_reflns.pdbx_Rpim_I_all              ? 
_reflns.pdbx_Rrim_I_all              ? 
# 
_reflns_shell.pdbx_diffrn_id         1 
_reflns_shell.pdbx_ordinal           1 
_reflns_shell.d_res_high             2.80 
_reflns_shell.d_res_low              2.95 
_reflns_shell.percent_possible_all   96.3 
_reflns_shell.Rmerge_I_obs           0.19000 
_reflns_shell.pdbx_Rsym_value        ? 
_reflns_shell.meanI_over_sigI_obs    7.000 
_reflns_shell.pdbx_redundancy        4.00 
_reflns_shell.number_measured_obs    ? 
_reflns_shell.number_unique_all      ? 
_reflns_shell.number_unique_obs      ? 
_reflns_shell.pdbx_CC_half           ? 
_reflns_shell.pdbx_Rpim_I_all        ? 
_reflns_shell.pdbx_Rrim_I_all        ? 
# 
_refine.pdbx_refine_id                           'X-RAY DIFFRACTION' 
_refine.entry_id                                 1W8A 
_refine.pdbx_diffrn_id                           1 
_refine.pdbx_TLS_residual_ADP_flag               ? 
_refine.ls_number_reflns_obs                     4705 
_refine.ls_number_reflns_all                     ? 
_refine.pdbx_ls_sigma_I                          ? 
_refine.pdbx_ls_sigma_F                          0.0 
_refine.pdbx_data_cutoff_high_absF               10000 
_refine.pdbx_data_cutoff_low_absF                ? 
_refine.pdbx_data_cutoff_high_rms_absF           ? 
_refine.ls_d_res_low                             20 
_refine.ls_d_res_high                            2.8 
_refine.ls_percent_reflns_obs                    98.8 
_refine.ls_R_factor_obs                          0.1994 
_refine.ls_R_factor_all                          ? 
_refine.ls_R_factor_R_work                       0.1994 
_refine.ls_R_factor_R_free                       0.2687 
_refine.ls_R_factor_R_free_error                 ? 
_refine.ls_R_factor_R_free_error_details         ? 
_refine.ls_percent_reflns_R_free                 10.3 
_refine.ls_number_reflns_R_free                  493 
_refine.ls_number_parameters                     ? 
_refine.ls_number_restraints                     ? 
_refine.occupancy_min                            ? 
_refine.occupancy_max                            ? 
_refine.correlation_coeff_Fo_to_Fc               ? 
_refine.correlation_coeff_Fo_to_Fc_free          ? 
_refine.B_iso_mean                               ? 
_refine.aniso_B[1][1]                            -8.417 
_refine.aniso_B[2][2]                            0.528 
_refine.aniso_B[3][3]                            7.889 
_refine.aniso_B[1][2]                            0.000 
_refine.aniso_B[1][3]                            -1.610 
_refine.aniso_B[2][3]                            0.000 
_refine.solvent_model_details                    'FLAT MODEL' 
_refine.solvent_model_param_ksol                 0.294686 
_refine.solvent_model_param_bsol                 21.6057 
_refine.pdbx_solvent_vdw_probe_radii             ? 
_refine.pdbx_solvent_ion_probe_radii             ? 
_refine.pdbx_solvent_shrinkage_radii             ? 
_refine.pdbx_ls_cross_valid_method               THROUGHOUT 
_refine.details                                  ? 
_refine.pdbx_starting_model                      'PDB ENTRY 1OZN' 
_refine.pdbx_method_to_determine_struct          'MOLECULAR REPLACEMENT' 
_refine.pdbx_isotropic_thermal_model             RESTRAINED 
_refine.pdbx_stereochemistry_target_values       'MAXIMUM LIKELIHOOD' 
_refine.pdbx_stereochem_target_val_spec_case     ? 
_refine.pdbx_R_Free_selection_details            RANDOM 
_refine.pdbx_overall_ESU_R                       ? 
_refine.pdbx_overall_ESU_R_Free                  ? 
_refine.overall_SU_ML                            ? 
_refine.pdbx_overall_phase_error                 ? 
_refine.overall_SU_B                             ? 
_refine.overall_SU_R_Cruickshank_DPI             ? 
_refine.pdbx_overall_SU_R_free_Cruickshank_DPI   ? 
_refine.pdbx_overall_SU_R_Blow_DPI               ? 
_refine.pdbx_overall_SU_R_free_Blow_DPI          ? 
# 
_refine_hist.pdbx_refine_id                   'X-RAY DIFFRACTION' 
_refine_hist.cycle_id                         LAST 
_refine_hist.pdbx_number_atoms_protein        1465 
_refine_hist.pdbx_number_atoms_nucleic_acid   0 
_refine_hist.pdbx_number_atoms_ligand         0 
_refine_hist.number_atoms_solvent             5 
_refine_hist.number_atoms_total               1470 
_refine_hist.d_res_high                       2.8 
_refine_hist.d_res_low                        20 
# 
loop_
_refine_ls_restr.type 
_refine_ls_restr.dev_ideal 
_refine_ls_restr.dev_ideal_target 
_refine_ls_restr.weight 
_refine_ls_restr.number 
_refine_ls_restr.pdbx_refine_id 
_refine_ls_restr.pdbx_restraint_function 
c_bond_d                0.007 ?     ? ? 'X-RAY DIFFRACTION' ? 
c_bond_d_na             ?     ?     ? ? 'X-RAY DIFFRACTION' ? 
c_bond_d_prot           ?     ?     ? ? 'X-RAY DIFFRACTION' ? 
c_angle_d               ?     ?     ? ? 'X-RAY DIFFRACTION' ? 
c_angle_d_na            ?     ?     ? ? 'X-RAY DIFFRACTION' ? 
c_angle_d_prot          ?     ?     ? ? 'X-RAY DIFFRACTION' ? 
c_angle_deg             1.5   ?     ? ? 'X-RAY DIFFRACTION' ? 
c_angle_deg_na          ?     ?     ? ? 'X-RAY DIFFRACTION' ? 
c_angle_deg_prot        ?     ?     ? ? 'X-RAY DIFFRACTION' ? 
c_dihedral_angle_d      ?     ?     ? ? 'X-RAY DIFFRACTION' ? 
c_dihedral_angle_d_na   ?     ?     ? ? 'X-RAY DIFFRACTION' ? 
c_dihedral_angle_d_prot ?     ?     ? ? 'X-RAY DIFFRACTION' ? 
c_improper_angle_d      ?     ?     ? ? 'X-RAY DIFFRACTION' ? 
c_improper_angle_d_na   ?     ?     ? ? 'X-RAY DIFFRACTION' ? 
c_improper_angle_d_prot ?     ?     ? ? 'X-RAY DIFFRACTION' ? 
c_mcbond_it             0.817 1.000 ? ? 'X-RAY DIFFRACTION' ? 
c_mcangle_it            1.441 1.500 ? ? 'X-RAY DIFFRACTION' ? 
c_scbond_it             2.239 2.000 ? ? 'X-RAY DIFFRACTION' ? 
c_scangle_it            3.480 3.000 ? ? 'X-RAY DIFFRACTION' ? 
# 
loop_
_pdbx_xplor_file.pdbx_refine_id 
_pdbx_xplor_file.serial_no 
_pdbx_xplor_file.param_file 
_pdbx_xplor_file.topol_file 
'X-RAY DIFFRACTION' 1 PROTEIN_REP.PARAM ? 
'X-RAY DIFFRACTION' 2 WATER_REP.PARAM   ? 
# 
_struct.entry_id                  1W8A 
_struct.title                     'Third LRR domain of Drosophila Slit' 
_struct.pdbx_model_details        ? 
_struct.pdbx_CASP_flag            ? 
_struct.pdbx_model_type_details   ? 
# 
_struct_keywords.entry_id        1W8A 
_struct_keywords.pdbx_keywords   'SIGNALING PROTEIN' 
_struct_keywords.text            
'SIGNALING PROTEIN, SECRETED PROTEIN, AXON GUIDANCE, LEUCINE-RICH REPEAT GLYCOPROTEIN, EGF-LIKE DOMAIN, SIGNAL PROTEIN' 
# 
loop_
_struct_asym.id 
_struct_asym.pdbx_blank_PDB_chainid_flag 
_struct_asym.pdbx_modified 
_struct_asym.entity_id 
_struct_asym.details 
A N N 1 ? 
B N N 2 ? 
# 
_struct_ref.id                         1 
_struct_ref.db_name                    UNP 
_struct_ref.db_code                    SLIT_DROME 
_struct_ref.entity_id                  1 
_struct_ref.pdbx_seq_one_letter_code   ? 
_struct_ref.pdbx_align_begin           ? 
_struct_ref.pdbx_db_accession          P24014 
_struct_ref.pdbx_db_isoform            ? 
# 
_struct_ref_seq.align_id                      1 
_struct_ref_seq.ref_id                        1 
_struct_ref_seq.pdbx_PDB_id_code              1W8A 
_struct_ref_seq.pdbx_strand_id                A 
_struct_ref_seq.seq_align_beg                 1 
_struct_ref_seq.pdbx_seq_align_beg_ins_code   ? 
_struct_ref_seq.seq_align_end                 192 
_struct_ref_seq.pdbx_seq_align_end_ins_code   ? 
_struct_ref_seq.pdbx_db_accession             P24014 
_struct_ref_seq.db_align_beg                  542 
_struct_ref_seq.pdbx_db_align_beg_ins_code    ? 
_struct_ref_seq.db_align_end                  733 
_struct_ref_seq.pdbx_db_align_end_ins_code    ? 
_struct_ref_seq.pdbx_auth_seq_align_beg       542 
_struct_ref_seq.pdbx_auth_seq_align_end       733 
# 
_pdbx_struct_assembly.id                   1 
_pdbx_struct_assembly.details              author_and_software_defined_assembly 
_pdbx_struct_assembly.method_details       PQS 
_pdbx_struct_assembly.oligomeric_details   monomeric 
_pdbx_struct_assembly.oligomeric_count     1 
# 
_pdbx_struct_assembly_gen.assembly_id       1 
_pdbx_struct_assembly_gen.oper_expression   1 
_pdbx_struct_assembly_gen.asym_id_list      A,B 
# 
_pdbx_struct_oper_list.id                   1 
_pdbx_struct_oper_list.type                 'identity operation' 
_pdbx_struct_oper_list.name                 1_555 
_pdbx_struct_oper_list.symmetry_operation   x,y,z 
_pdbx_struct_oper_list.matrix[1][1]         1.0000000000 
_pdbx_struct_oper_list.matrix[1][2]         0.0000000000 
_pdbx_struct_oper_list.matrix[1][3]         0.0000000000 
_pdbx_struct_oper_list.vector[1]            0.0000000000 
_pdbx_struct_oper_list.matrix[2][1]         0.0000000000 
_pdbx_struct_oper_list.matrix[2][2]         1.0000000000 
_pdbx_struct_oper_list.matrix[2][3]         0.0000000000 
_pdbx_struct_oper_list.vector[2]            0.0000000000 
_pdbx_struct_oper_list.matrix[3][1]         0.0000000000 
_pdbx_struct_oper_list.matrix[3][2]         0.0000000000 
_pdbx_struct_oper_list.matrix[3][3]         1.0000000000 
_pdbx_struct_oper_list.vector[3]            0.0000000000 
# 
loop_
_struct_conf.conf_type_id 
_struct_conf.id 
_struct_conf.pdbx_PDB_helix_id 
_struct_conf.beg_label_comp_id 
_struct_conf.beg_label_asym_id 
_struct_conf.beg_label_seq_id 
_struct_conf.pdbx_beg_PDB_ins_code 
_struct_conf.end_label_comp_id 
_struct_conf.end_label_asym_id 
_struct_conf.end_label_seq_id 
_struct_conf.pdbx_end_PDB_ins_code 
_struct_conf.beg_auth_comp_id 
_struct_conf.beg_auth_asym_id 
_struct_conf.beg_auth_seq_id 
_struct_conf.end_auth_comp_id 
_struct_conf.end_auth_asym_id 
_struct_conf.end_auth_seq_id 
_struct_conf.pdbx_PDB_helix_class 
_struct_conf.details 
_struct_conf.pdbx_PDB_helix_length 
HELX_P HELX_P1 1 LEU A 49  ? LEU A 53  ? LEU A 590 LEU A 594 5 ? 5  
HELX_P HELX_P2 2 ASN A 141 ? HIS A 143 ? ASN A 682 HIS A 684 5 ? 3  
HELX_P HELX_P3 3 LEU A 144 ? SER A 155 ? LEU A 685 SER A 696 1 ? 12 
HELX_P HELX_P4 4 ASN A 157 ? ALA A 161 ? ASN A 698 ALA A 702 5 ? 5  
HELX_P HELX_P5 5 ILE A 174 ? LEU A 177 ? ILE A 715 LEU A 718 5 ? 4  
# 
_struct_conf_type.id          HELX_P 
_struct_conf_type.criteria    ? 
_struct_conf_type.reference   ? 
# 
loop_
_struct_conn.id 
_struct_conn.conn_type_id 
_struct_conn.pdbx_leaving_atom_flag 
_struct_conn.pdbx_PDB_id 
_struct_conn.ptnr1_label_asym_id 
_struct_conn.ptnr1_label_comp_id 
_struct_conn.ptnr1_label_seq_id 
_struct_conn.ptnr1_label_atom_id 
_struct_conn.pdbx_ptnr1_label_alt_id 
_struct_conn.pdbx_ptnr1_PDB_ins_code 
_struct_conn.pdbx_ptnr1_standard_comp_id 
_struct_conn.ptnr1_symmetry 
_struct_conn.ptnr2_label_asym_id 
_struct_conn.ptnr2_label_comp_id 
_struct_conn.ptnr2_label_seq_id 
_struct_conn.ptnr2_label_atom_id 
_struct_conn.pdbx_ptnr2_label_alt_id 
_struct_conn.pdbx_ptnr2_PDB_ins_code 
_struct_conn.ptnr1_auth_asym_id 
_struct_conn.ptnr1_auth_comp_id 
_struct_conn.ptnr1_auth_seq_id 
_struct_conn.ptnr2_auth_asym_id 
_struct_conn.ptnr2_auth_comp_id 
_struct_conn.ptnr2_auth_seq_id 
_struct_conn.ptnr2_symmetry 
_struct_conn.pdbx_ptnr3_label_atom_id 
_struct_conn.pdbx_ptnr3_label_seq_id 
_struct_conn.pdbx_ptnr3_label_comp_id 
_struct_conn.pdbx_ptnr3_label_asym_id 
_struct_conn.pdbx_ptnr3_label_alt_id 
_struct_conn.pdbx_ptnr3_PDB_ins_code 
_struct_conn.details 
_struct_conn.pdbx_dist_value 
_struct_conn.pdbx_value_order 
_struct_conn.pdbx_role 
disulf1 disulf ? ? A CYS 2   SG ? ? ? 1_555 A CYS 8   SG ? ? A CYS 543 A CYS 549 1_555 ? ? ? ? ? ? ? 2.031 ? ? 
disulf2 disulf ? ? A CYS 6   SG ? ? ? 1_555 A CYS 15  SG ? ? A CYS 547 A CYS 556 1_555 ? ? ? ? ? ? ? 2.030 ? ? 
disulf3 disulf ? ? A CYS 116 SG ? ? ? 1_555 A CYS 192 SG ? ? A CYS 657 A CYS 733 1_555 ? ? ? ? ? ? ? 2.012 ? ? 
disulf4 disulf ? ? A CYS 140 SG ? ? ? 1_555 A CYS 163 SG ? ? A CYS 681 A CYS 704 1_555 ? ? ? ? ? ? ? 2.031 ? ? 
disulf5 disulf ? ? A CYS 142 SG ? ? ? 1_555 A CYS 184 SG ? ? A CYS 683 A CYS 725 1_555 ? ? ? ? ? ? ? 2.020 ? ? 
# 
_struct_conn_type.id          disulf 
_struct_conn_type.criteria    ? 
_struct_conn_type.reference   ? 
# 
loop_
_pdbx_modification_feature.ordinal 
_pdbx_modification_feature.label_comp_id 
_pdbx_modification_feature.label_asym_id 
_pdbx_modification_feature.label_seq_id 
_pdbx_modification_feature.label_alt_id 
_pdbx_modification_feature.modified_residue_label_comp_id 
_pdbx_modification_feature.modified_residue_label_asym_id 
_pdbx_modification_feature.modified_residue_label_seq_id 
_pdbx_modification_feature.modified_residue_label_alt_id 
_pdbx_modification_feature.auth_comp_id 
_pdbx_modification_feature.auth_asym_id 
_pdbx_modification_feature.auth_seq_id 
_pdbx_modification_feature.PDB_ins_code 
_pdbx_modification_feature.symmetry 
_pdbx_modification_feature.modified_residue_auth_comp_id 
_pdbx_modification_feature.modified_residue_auth_asym_id 
_pdbx_modification_feature.modified_residue_auth_seq_id 
_pdbx_modification_feature.modified_residue_PDB_ins_code 
_pdbx_modification_feature.modified_residue_symmetry 
_pdbx_modification_feature.comp_id_linking_atom 
_pdbx_modification_feature.modified_residue_id_linking_atom 
_pdbx_modification_feature.modified_residue_id 
_pdbx_modification_feature.ref_pcm_id 
_pdbx_modification_feature.ref_comp_id 
_pdbx_modification_feature.type 
_pdbx_modification_feature.category 
1 CYS A 2   ? CYS A 8   ? CYS A 543 ? 1_555 CYS A 549 ? 1_555 SG SG . . . None 'Disulfide bridge' 
2 CYS A 6   ? CYS A 15  ? CYS A 547 ? 1_555 CYS A 556 ? 1_555 SG SG . . . None 'Disulfide bridge' 
3 CYS A 116 ? CYS A 192 ? CYS A 657 ? 1_555 CYS A 733 ? 1_555 SG SG . . . None 'Disulfide bridge' 
4 CYS A 140 ? CYS A 163 ? CYS A 681 ? 1_555 CYS A 704 ? 1_555 SG SG . . . None 'Disulfide bridge' 
5 CYS A 142 ? CYS A 184 ? CYS A 683 ? 1_555 CYS A 725 ? 1_555 SG SG . . . None 'Disulfide bridge' 
# 
loop_
_struct_sheet.id 
_struct_sheet.type 
_struct_sheet.number_strands 
_struct_sheet.details 
AA ? 7 ? 
AB ? 2 ? 
# 
loop_
_struct_sheet_order.sheet_id 
_struct_sheet_order.range_id_1 
_struct_sheet_order.range_id_2 
_struct_sheet_order.offset 
_struct_sheet_order.sense 
AA 1 2 ? anti-parallel 
AA 2 3 ? parallel      
AA 3 4 ? parallel      
AA 4 5 ? parallel      
AA 5 6 ? parallel      
AA 6 7 ? parallel      
AB 1 2 ? parallel      
# 
loop_
_struct_sheet_range.sheet_id 
_struct_sheet_range.id 
_struct_sheet_range.beg_label_comp_id 
_struct_sheet_range.beg_label_asym_id 
_struct_sheet_range.beg_label_seq_id 
_struct_sheet_range.pdbx_beg_PDB_ins_code 
_struct_sheet_range.end_label_comp_id 
_struct_sheet_range.end_label_asym_id 
_struct_sheet_range.end_label_seq_id 
_struct_sheet_range.pdbx_end_PDB_ins_code 
_struct_sheet_range.beg_auth_comp_id 
_struct_sheet_range.beg_auth_asym_id 
_struct_sheet_range.beg_auth_seq_id 
_struct_sheet_range.end_auth_comp_id 
_struct_sheet_range.end_auth_asym_id 
_struct_sheet_range.end_auth_seq_id 
AA 1 HIS A 7   ? GLU A 9   ? HIS A 548 GLU A 550 
AA 2 THR A 12  ? ASP A 14  ? THR A 553 ASP A 555 
AA 3 GLU A 33  ? LEU A 35  ? GLU A 574 LEU A 576 
AA 4 LYS A 58  ? GLU A 60  ? LYS A 599 GLU A 601 
AA 5 GLU A 82  ? GLN A 84  ? GLU A 623 GLN A 625 
AA 6 THR A 106 ? ASN A 108 ? THR A 647 ASN A 649 
AA 7 SER A 130 ? ASN A 132 ? SER A 671 ASN A 673 
AB 1 GLU A 92  ? ILE A 93  ? GLU A 633 ILE A 634 
AB 2 CYS A 116 ? VAL A 117 ? CYS A 657 VAL A 658 
# 
loop_
_pdbx_struct_sheet_hbond.sheet_id 
_pdbx_struct_sheet_hbond.range_id_1 
_pdbx_struct_sheet_hbond.range_id_2 
_pdbx_struct_sheet_hbond.range_1_label_atom_id 
_pdbx_struct_sheet_hbond.range_1_label_comp_id 
_pdbx_struct_sheet_hbond.range_1_label_asym_id 
_pdbx_struct_sheet_hbond.range_1_label_seq_id 
_pdbx_struct_sheet_hbond.range_1_PDB_ins_code 
_pdbx_struct_sheet_hbond.range_1_auth_atom_id 
_pdbx_struct_sheet_hbond.range_1_auth_comp_id 
_pdbx_struct_sheet_hbond.range_1_auth_asym_id 
_pdbx_struct_sheet_hbond.range_1_auth_seq_id 
_pdbx_struct_sheet_hbond.range_2_label_atom_id 
_pdbx_struct_sheet_hbond.range_2_label_comp_id 
_pdbx_struct_sheet_hbond.range_2_label_asym_id 
_pdbx_struct_sheet_hbond.range_2_label_seq_id 
_pdbx_struct_sheet_hbond.range_2_PDB_ins_code 
_pdbx_struct_sheet_hbond.range_2_auth_atom_id 
_pdbx_struct_sheet_hbond.range_2_auth_comp_id 
_pdbx_struct_sheet_hbond.range_2_auth_asym_id 
_pdbx_struct_sheet_hbond.range_2_auth_seq_id 
AA 1 2 N GLU A 9   ? N GLU A 550 O THR A 12  ? O THR A 553 
AA 2 3 N VAL A 13  ? N VAL A 554 O GLU A 33  ? O GLU A 574 
AA 3 4 N LEU A 34  ? N LEU A 575 O LYS A 58  ? O LYS A 599 
AA 4 5 N LEU A 59  ? N LEU A 600 O GLU A 82  ? O GLU A 623 
AA 5 6 N LEU A 83  ? N LEU A 624 O THR A 106 ? O THR A 647 
AA 6 7 N LEU A 107 ? N LEU A 648 O SER A 130 ? O SER A 671 
AB 1 2 N ILE A 93  ? N ILE A 634 O CYS A 116 ? O CYS A 657 
# 
_pdbx_entry_details.entry_id                   1W8A 
_pdbx_entry_details.compound_details           ? 
_pdbx_entry_details.source_details             ? 
_pdbx_entry_details.nonpolymer_details         ? 
_pdbx_entry_details.sequence_details           ? 
_pdbx_entry_details.has_ligand_of_interest     ? 
_pdbx_entry_details.has_protein_modification   Y 
# 
loop_
_pdbx_validate_torsion.id 
_pdbx_validate_torsion.PDB_model_num 
_pdbx_validate_torsion.auth_comp_id 
_pdbx_validate_torsion.auth_asym_id 
_pdbx_validate_torsion.auth_seq_id 
_pdbx_validate_torsion.PDB_ins_code 
_pdbx_validate_torsion.label_alt_id 
_pdbx_validate_torsion.phi 
_pdbx_validate_torsion.psi 
1  1 MET A 546 ? ? -94.58  38.60   
2  1 ASP A 567 ? ? -100.17 63.70   
3  1 SER A 587 ? ? -108.84 78.04   
4  1 ARG A 604 ? ? 43.69   70.42   
5  1 ALA A 618 ? ? -102.04 56.23   
6  1 ASN A 629 ? ? -124.38 -169.13 
7  1 ASN A 653 ? ? -112.33 -152.06 
8  1 LEU A 666 ? ? -108.02 75.48   
9  1 ASN A 682 ? ? -125.29 -163.98 
10 1 LYS A 694 ? ? -87.16  -74.21  
11 1 SER A 696 ? ? 62.32   97.25   
12 1 ASN A 698 ? ? -69.68  9.36    
13 1 ALA A 706 ? ? -140.86 -59.47  
14 1 PRO A 707 ? ? -64.27  87.22   
15 1 SER A 708 ? ? -18.89  -56.41  
16 1 ARG A 711 ? ? -41.81  151.32  
17 1 ASP A 712 ? ? 53.83   4.00    
18 1 HIS A 720 ? ? -48.54  -13.51  
19 1 SER A 726 ? ? 175.18  120.26  
# 
loop_
_pdbx_unobs_or_zero_occ_residues.id 
_pdbx_unobs_or_zero_occ_residues.PDB_model_num 
_pdbx_unobs_or_zero_occ_residues.polymer_flag 
_pdbx_unobs_or_zero_occ_residues.occupancy_flag 
_pdbx_unobs_or_zero_occ_residues.auth_asym_id 
_pdbx_unobs_or_zero_occ_residues.auth_comp_id 
_pdbx_unobs_or_zero_occ_residues.auth_seq_id 
_pdbx_unobs_or_zero_occ_residues.PDB_ins_code 
_pdbx_unobs_or_zero_occ_residues.label_asym_id 
_pdbx_unobs_or_zero_occ_residues.label_comp_id 
_pdbx_unobs_or_zero_occ_residues.label_seq_id 
1 1 Y 0 A ASN 698 ? A ASN 157 
2 1 Y 1 A GLU 728 ? A GLU 187 
3 1 Y 1 A ASN 729 ? A ASN 188 
4 1 Y 1 A SER 730 ? A SER 189 
# 
loop_
_chem_comp_atom.comp_id 
_chem_comp_atom.atom_id 
_chem_comp_atom.type_symbol 
_chem_comp_atom.pdbx_aromatic_flag 
_chem_comp_atom.pdbx_stereo_config 
_chem_comp_atom.pdbx_ordinal 
ALA N    N N N 1   
ALA CA   C N S 2   
ALA C    C N N 3   
ALA O    O N N 4   
ALA CB   C N N 5   
ALA OXT  O N N 6   
ALA H    H N N 7   
ALA H2   H N N 8   
ALA HA   H N N 9   
ALA HB1  H N N 10  
ALA HB2  H N N 11  
ALA HB3  H N N 12  
ALA HXT  H N N 13  
ARG N    N N N 14  
ARG CA   C N S 15  
ARG C    C N N 16  
ARG O    O N N 17  
ARG CB   C N N 18  
ARG CG   C N N 19  
ARG CD   C N N 20  
ARG NE   N N N 21  
ARG CZ   C N N 22  
ARG NH1  N N N 23  
ARG NH2  N N N 24  
ARG OXT  O N N 25  
ARG H    H N N 26  
ARG H2   H N N 27  
ARG HA   H N N 28  
ARG HB2  H N N 29  
ARG HB3  H N N 30  
ARG HG2  H N N 31  
ARG HG3  H N N 32  
ARG HD2  H N N 33  
ARG HD3  H N N 34  
ARG HE   H N N 35  
ARG HH11 H N N 36  
ARG HH12 H N N 37  
ARG HH21 H N N 38  
ARG HH22 H N N 39  
ARG HXT  H N N 40  
ASN N    N N N 41  
ASN CA   C N S 42  
ASN C    C N N 43  
ASN O    O N N 44  
ASN CB   C N N 45  
ASN CG   C N N 46  
ASN OD1  O N N 47  
ASN ND2  N N N 48  
ASN OXT  O N N 49  
ASN H    H N N 50  
ASN H2   H N N 51  
ASN HA   H N N 52  
ASN HB2  H N N 53  
ASN HB3  H N N 54  
ASN HD21 H N N 55  
ASN HD22 H N N 56  
ASN HXT  H N N 57  
ASP N    N N N 58  
ASP CA   C N S 59  
ASP C    C N N 60  
ASP O    O N N 61  
ASP CB   C N N 62  
ASP CG   C N N 63  
ASP OD1  O N N 64  
ASP OD2  O N N 65  
ASP OXT  O N N 66  
ASP H    H N N 67  
ASP H2   H N N 68  
ASP HA   H N N 69  
ASP HB2  H N N 70  
ASP HB3  H N N 71  
ASP HD2  H N N 72  
ASP HXT  H N N 73  
CYS N    N N N 74  
CYS CA   C N R 75  
CYS C    C N N 76  
CYS O    O N N 77  
CYS CB   C N N 78  
CYS SG   S N N 79  
CYS OXT  O N N 80  
CYS H    H N N 81  
CYS H2   H N N 82  
CYS HA   H N N 83  
CYS HB2  H N N 84  
CYS HB3  H N N 85  
CYS HG   H N N 86  
CYS HXT  H N N 87  
GLN N    N N N 88  
GLN CA   C N S 89  
GLN C    C N N 90  
GLN O    O N N 91  
GLN CB   C N N 92  
GLN CG   C N N 93  
GLN CD   C N N 94  
GLN OE1  O N N 95  
GLN NE2  N N N 96  
GLN OXT  O N N 97  
GLN H    H N N 98  
GLN H2   H N N 99  
GLN HA   H N N 100 
GLN HB2  H N N 101 
GLN HB3  H N N 102 
GLN HG2  H N N 103 
GLN HG3  H N N 104 
GLN HE21 H N N 105 
GLN HE22 H N N 106 
GLN HXT  H N N 107 
GLU N    N N N 108 
GLU CA   C N S 109 
GLU C    C N N 110 
GLU O    O N N 111 
GLU CB   C N N 112 
GLU CG   C N N 113 
GLU CD   C N N 114 
GLU OE1  O N N 115 
GLU OE2  O N N 116 
GLU OXT  O N N 117 
GLU H    H N N 118 
GLU H2   H N N 119 
GLU HA   H N N 120 
GLU HB2  H N N 121 
GLU HB3  H N N 122 
GLU HG2  H N N 123 
GLU HG3  H N N 124 
GLU HE2  H N N 125 
GLU HXT  H N N 126 
GLY N    N N N 127 
GLY CA   C N N 128 
GLY C    C N N 129 
GLY O    O N N 130 
GLY OXT  O N N 131 
GLY H    H N N 132 
GLY H2   H N N 133 
GLY HA2  H N N 134 
GLY HA3  H N N 135 
GLY HXT  H N N 136 
HIS N    N N N 137 
HIS CA   C N S 138 
HIS C    C N N 139 
HIS O    O N N 140 
HIS CB   C N N 141 
HIS CG   C Y N 142 
HIS ND1  N Y N 143 
HIS CD2  C Y N 144 
HIS CE1  C Y N 145 
HIS NE2  N Y N 146 
HIS OXT  O N N 147 
HIS H    H N N 148 
HIS H2   H N N 149 
HIS HA   H N N 150 
HIS HB2  H N N 151 
HIS HB3  H N N 152 
HIS HD1  H N N 153 
HIS HD2  H N N 154 
HIS HE1  H N N 155 
HIS HE2  H N N 156 
HIS HXT  H N N 157 
HOH O    O N N 158 
HOH H1   H N N 159 
HOH H2   H N N 160 
ILE N    N N N 161 
ILE CA   C N S 162 
ILE C    C N N 163 
ILE O    O N N 164 
ILE CB   C N S 165 
ILE CG1  C N N 166 
ILE CG2  C N N 167 
ILE CD1  C N N 168 
ILE OXT  O N N 169 
ILE H    H N N 170 
ILE H2   H N N 171 
ILE HA   H N N 172 
ILE HB   H N N 173 
ILE HG12 H N N 174 
ILE HG13 H N N 175 
ILE HG21 H N N 176 
ILE HG22 H N N 177 
ILE HG23 H N N 178 
ILE HD11 H N N 179 
ILE HD12 H N N 180 
ILE HD13 H N N 181 
ILE HXT  H N N 182 
LEU N    N N N 183 
LEU CA   C N S 184 
LEU C    C N N 185 
LEU O    O N N 186 
LEU CB   C N N 187 
LEU CG   C N N 188 
LEU CD1  C N N 189 
LEU CD2  C N N 190 
LEU OXT  O N N 191 
LEU H    H N N 192 
LEU H2   H N N 193 
LEU HA   H N N 194 
LEU HB2  H N N 195 
LEU HB3  H N N 196 
LEU HG   H N N 197 
LEU HD11 H N N 198 
LEU HD12 H N N 199 
LEU HD13 H N N 200 
LEU HD21 H N N 201 
LEU HD22 H N N 202 
LEU HD23 H N N 203 
LEU HXT  H N N 204 
LYS N    N N N 205 
LYS CA   C N S 206 
LYS C    C N N 207 
LYS O    O N N 208 
LYS CB   C N N 209 
LYS CG   C N N 210 
LYS CD   C N N 211 
LYS CE   C N N 212 
LYS NZ   N N N 213 
LYS OXT  O N N 214 
LYS H    H N N 215 
LYS H2   H N N 216 
LYS HA   H N N 217 
LYS HB2  H N N 218 
LYS HB3  H N N 219 
LYS HG2  H N N 220 
LYS HG3  H N N 221 
LYS HD2  H N N 222 
LYS HD3  H N N 223 
LYS HE2  H N N 224 
LYS HE3  H N N 225 
LYS HZ1  H N N 226 
LYS HZ2  H N N 227 
LYS HZ3  H N N 228 
LYS HXT  H N N 229 
MET N    N N N 230 
MET CA   C N S 231 
MET C    C N N 232 
MET O    O N N 233 
MET CB   C N N 234 
MET CG   C N N 235 
MET SD   S N N 236 
MET CE   C N N 237 
MET OXT  O N N 238 
MET H    H N N 239 
MET H2   H N N 240 
MET HA   H N N 241 
MET HB2  H N N 242 
MET HB3  H N N 243 
MET HG2  H N N 244 
MET HG3  H N N 245 
MET HE1  H N N 246 
MET HE2  H N N 247 
MET HE3  H N N 248 
MET HXT  H N N 249 
PHE N    N N N 250 
PHE CA   C N S 251 
PHE C    C N N 252 
PHE O    O N N 253 
PHE CB   C N N 254 
PHE CG   C Y N 255 
PHE CD1  C Y N 256 
PHE CD2  C Y N 257 
PHE CE1  C Y N 258 
PHE CE2  C Y N 259 
PHE CZ   C Y N 260 
PHE OXT  O N N 261 
PHE H    H N N 262 
PHE H2   H N N 263 
PHE HA   H N N 264 
PHE HB2  H N N 265 
PHE HB3  H N N 266 
PHE HD1  H N N 267 
PHE HD2  H N N 268 
PHE HE1  H N N 269 
PHE HE2  H N N 270 
PHE HZ   H N N 271 
PHE HXT  H N N 272 
PRO N    N N N 273 
PRO CA   C N S 274 
PRO C    C N N 275 
PRO O    O N N 276 
PRO CB   C N N 277 
PRO CG   C N N 278 
PRO CD   C N N 279 
PRO OXT  O N N 280 
PRO H    H N N 281 
PRO HA   H N N 282 
PRO HB2  H N N 283 
PRO HB3  H N N 284 
PRO HG2  H N N 285 
PRO HG3  H N N 286 
PRO HD2  H N N 287 
PRO HD3  H N N 288 
PRO HXT  H N N 289 
SER N    N N N 290 
SER CA   C N S 291 
SER C    C N N 292 
SER O    O N N 293 
SER CB   C N N 294 
SER OG   O N N 295 
SER OXT  O N N 296 
SER H    H N N 297 
SER H2   H N N 298 
SER HA   H N N 299 
SER HB2  H N N 300 
SER HB3  H N N 301 
SER HG   H N N 302 
SER HXT  H N N 303 
THR N    N N N 304 
THR CA   C N S 305 
THR C    C N N 306 
THR O    O N N 307 
THR CB   C N R 308 
THR OG1  O N N 309 
THR CG2  C N N 310 
THR OXT  O N N 311 
THR H    H N N 312 
THR H2   H N N 313 
THR HA   H N N 314 
THR HB   H N N 315 
THR HG1  H N N 316 
THR HG21 H N N 317 
THR HG22 H N N 318 
THR HG23 H N N 319 
THR HXT  H N N 320 
TRP N    N N N 321 
TRP CA   C N S 322 
TRP C    C N N 323 
TRP O    O N N 324 
TRP CB   C N N 325 
TRP CG   C Y N 326 
TRP CD1  C Y N 327 
TRP CD2  C Y N 328 
TRP NE1  N Y N 329 
TRP CE2  C Y N 330 
TRP CE3  C Y N 331 
TRP CZ2  C Y N 332 
TRP CZ3  C Y N 333 
TRP CH2  C Y N 334 
TRP OXT  O N N 335 
TRP H    H N N 336 
TRP H2   H N N 337 
TRP HA   H N N 338 
TRP HB2  H N N 339 
TRP HB3  H N N 340 
TRP HD1  H N N 341 
TRP HE1  H N N 342 
TRP HE3  H N N 343 
TRP HZ2  H N N 344 
TRP HZ3  H N N 345 
TRP HH2  H N N 346 
TRP HXT  H N N 347 
TYR N    N N N 348 
TYR CA   C N S 349 
TYR C    C N N 350 
TYR O    O N N 351 
TYR CB   C N N 352 
TYR CG   C Y N 353 
TYR CD1  C Y N 354 
TYR CD2  C Y N 355 
TYR CE1  C Y N 356 
TYR CE2  C Y N 357 
TYR CZ   C Y N 358 
TYR OH   O N N 359 
TYR OXT  O N N 360 
TYR H    H N N 361 
TYR H2   H N N 362 
TYR HA   H N N 363 
TYR HB2  H N N 364 
TYR HB3  H N N 365 
TYR HD1  H N N 366 
TYR HD2  H N N 367 
TYR HE1  H N N 368 
TYR HE2  H N N 369 
TYR HH   H N N 370 
TYR HXT  H N N 371 
VAL N    N N N 372 
VAL CA   C N S 373 
VAL C    C N N 374 
VAL O    O N N 375 
VAL CB   C N N 376 
VAL CG1  C N N 377 
VAL CG2  C N N 378 
VAL OXT  O N N 379 
VAL H    H N N 380 
VAL H2   H N N 381 
VAL HA   H N N 382 
VAL HB   H N N 383 
VAL HG11 H N N 384 
VAL HG12 H N N 385 
VAL HG13 H N N 386 
VAL HG21 H N N 387 
VAL HG22 H N N 388 
VAL HG23 H N N 389 
VAL HXT  H N N 390 
# 
loop_
_chem_comp_bond.comp_id 
_chem_comp_bond.atom_id_1 
_chem_comp_bond.atom_id_2 
_chem_comp_bond.value_order 
_chem_comp_bond.pdbx_aromatic_flag 
_chem_comp_bond.pdbx_stereo_config 
_chem_comp_bond.pdbx_ordinal 
ALA N   CA   sing N N 1   
ALA N   H    sing N N 2   
ALA N   H2   sing N N 3   
ALA CA  C    sing N N 4   
ALA CA  CB   sing N N 5   
ALA CA  HA   sing N N 6   
ALA C   O    doub N N 7   
ALA C   OXT  sing N N 8   
ALA CB  HB1  sing N N 9   
ALA CB  HB2  sing N N 10  
ALA CB  HB3  sing N N 11  
ALA OXT HXT  sing N N 12  
ARG N   CA   sing N N 13  
ARG N   H    sing N N 14  
ARG N   H2   sing N N 15  
ARG CA  C    sing N N 16  
ARG CA  CB   sing N N 17  
ARG CA  HA   sing N N 18  
ARG C   O    doub N N 19  
ARG C   OXT  sing N N 20  
ARG CB  CG   sing N N 21  
ARG CB  HB2  sing N N 22  
ARG CB  HB3  sing N N 23  
ARG CG  CD   sing N N 24  
ARG CG  HG2  sing N N 25  
ARG CG  HG3  sing N N 26  
ARG CD  NE   sing N N 27  
ARG CD  HD2  sing N N 28  
ARG CD  HD3  sing N N 29  
ARG NE  CZ   sing N N 30  
ARG NE  HE   sing N N 31  
ARG CZ  NH1  sing N N 32  
ARG CZ  NH2  doub N N 33  
ARG NH1 HH11 sing N N 34  
ARG NH1 HH12 sing N N 35  
ARG NH2 HH21 sing N N 36  
ARG NH2 HH22 sing N N 37  
ARG OXT HXT  sing N N 38  
ASN N   CA   sing N N 39  
ASN N   H    sing N N 40  
ASN N   H2   sing N N 41  
ASN CA  C    sing N N 42  
ASN CA  CB   sing N N 43  
ASN CA  HA   sing N N 44  
ASN C   O    doub N N 45  
ASN C   OXT  sing N N 46  
ASN CB  CG   sing N N 47  
ASN CB  HB2  sing N N 48  
ASN CB  HB3  sing N N 49  
ASN CG  OD1  doub N N 50  
ASN CG  ND2  sing N N 51  
ASN ND2 HD21 sing N N 52  
ASN ND2 HD22 sing N N 53  
ASN OXT HXT  sing N N 54  
ASP N   CA   sing N N 55  
ASP N   H    sing N N 56  
ASP N   H2   sing N N 57  
ASP CA  C    sing N N 58  
ASP CA  CB   sing N N 59  
ASP CA  HA   sing N N 60  
ASP C   O    doub N N 61  
ASP C   OXT  sing N N 62  
ASP CB  CG   sing N N 63  
ASP CB  HB2  sing N N 64  
ASP CB  HB3  sing N N 65  
ASP CG  OD1  doub N N 66  
ASP CG  OD2  sing N N 67  
ASP OD2 HD2  sing N N 68  
ASP OXT HXT  sing N N 69  
CYS N   CA   sing N N 70  
CYS N   H    sing N N 71  
CYS N   H2   sing N N 72  
CYS CA  C    sing N N 73  
CYS CA  CB   sing N N 74  
CYS CA  HA   sing N N 75  
CYS C   O    doub N N 76  
CYS C   OXT  sing N N 77  
CYS CB  SG   sing N N 78  
CYS CB  HB2  sing N N 79  
CYS CB  HB3  sing N N 80  
CYS SG  HG   sing N N 81  
CYS OXT HXT  sing N N 82  
GLN N   CA   sing N N 83  
GLN N   H    sing N N 84  
GLN N   H2   sing N N 85  
GLN CA  C    sing N N 86  
GLN CA  CB   sing N N 87  
GLN CA  HA   sing N N 88  
GLN C   O    doub N N 89  
GLN C   OXT  sing N N 90  
GLN CB  CG   sing N N 91  
GLN CB  HB2  sing N N 92  
GLN CB  HB3  sing N N 93  
GLN CG  CD   sing N N 94  
GLN CG  HG2  sing N N 95  
GLN CG  HG3  sing N N 96  
GLN CD  OE1  doub N N 97  
GLN CD  NE2  sing N N 98  
GLN NE2 HE21 sing N N 99  
GLN NE2 HE22 sing N N 100 
GLN OXT HXT  sing N N 101 
GLU N   CA   sing N N 102 
GLU N   H    sing N N 103 
GLU N   H2   sing N N 104 
GLU CA  C    sing N N 105 
GLU CA  CB   sing N N 106 
GLU CA  HA   sing N N 107 
GLU C   O    doub N N 108 
GLU C   OXT  sing N N 109 
GLU CB  CG   sing N N 110 
GLU CB  HB2  sing N N 111 
GLU CB  HB3  sing N N 112 
GLU CG  CD   sing N N 113 
GLU CG  HG2  sing N N 114 
GLU CG  HG3  sing N N 115 
GLU CD  OE1  doub N N 116 
GLU CD  OE2  sing N N 117 
GLU OE2 HE2  sing N N 118 
GLU OXT HXT  sing N N 119 
GLY N   CA   sing N N 120 
GLY N   H    sing N N 121 
GLY N   H2   sing N N 122 
GLY CA  C    sing N N 123 
GLY CA  HA2  sing N N 124 
GLY CA  HA3  sing N N 125 
GLY C   O    doub N N 126 
GLY C   OXT  sing N N 127 
GLY OXT HXT  sing N N 128 
HIS N   CA   sing N N 129 
HIS N   H    sing N N 130 
HIS N   H2   sing N N 131 
HIS CA  C    sing N N 132 
HIS CA  CB   sing N N 133 
HIS CA  HA   sing N N 134 
HIS C   O    doub N N 135 
HIS C   OXT  sing N N 136 
HIS CB  CG   sing N N 137 
HIS CB  HB2  sing N N 138 
HIS CB  HB3  sing N N 139 
HIS CG  ND1  sing Y N 140 
HIS CG  CD2  doub Y N 141 
HIS ND1 CE1  doub Y N 142 
HIS ND1 HD1  sing N N 143 
HIS CD2 NE2  sing Y N 144 
HIS CD2 HD2  sing N N 145 
HIS CE1 NE2  sing Y N 146 
HIS CE1 HE1  sing N N 147 
HIS NE2 HE2  sing N N 148 
HIS OXT HXT  sing N N 149 
HOH O   H1   sing N N 150 
HOH O   H2   sing N N 151 
ILE N   CA   sing N N 152 
ILE N   H    sing N N 153 
ILE N   H2   sing N N 154 
ILE CA  C    sing N N 155 
ILE CA  CB   sing N N 156 
ILE CA  HA   sing N N 157 
ILE C   O    doub N N 158 
ILE C   OXT  sing N N 159 
ILE CB  CG1  sing N N 160 
ILE CB  CG2  sing N N 161 
ILE CB  HB   sing N N 162 
ILE CG1 CD1  sing N N 163 
ILE CG1 HG12 sing N N 164 
ILE CG1 HG13 sing N N 165 
ILE CG2 HG21 sing N N 166 
ILE CG2 HG22 sing N N 167 
ILE CG2 HG23 sing N N 168 
ILE CD1 HD11 sing N N 169 
ILE CD1 HD12 sing N N 170 
ILE CD1 HD13 sing N N 171 
ILE OXT HXT  sing N N 172 
LEU N   CA   sing N N 173 
LEU N   H    sing N N 174 
LEU N   H2   sing N N 175 
LEU CA  C    sing N N 176 
LEU CA  CB   sing N N 177 
LEU CA  HA   sing N N 178 
LEU C   O    doub N N 179 
LEU C   OXT  sing N N 180 
LEU CB  CG   sing N N 181 
LEU CB  HB2  sing N N 182 
LEU CB  HB3  sing N N 183 
LEU CG  CD1  sing N N 184 
LEU CG  CD2  sing N N 185 
LEU CG  HG   sing N N 186 
LEU CD1 HD11 sing N N 187 
LEU CD1 HD12 sing N N 188 
LEU CD1 HD13 sing N N 189 
LEU CD2 HD21 sing N N 190 
LEU CD2 HD22 sing N N 191 
LEU CD2 HD23 sing N N 192 
LEU OXT HXT  sing N N 193 
LYS N   CA   sing N N 194 
LYS N   H    sing N N 195 
LYS N   H2   sing N N 196 
LYS CA  C    sing N N 197 
LYS CA  CB   sing N N 198 
LYS CA  HA   sing N N 199 
LYS C   O    doub N N 200 
LYS C   OXT  sing N N 201 
LYS CB  CG   sing N N 202 
LYS CB  HB2  sing N N 203 
LYS CB  HB3  sing N N 204 
LYS CG  CD   sing N N 205 
LYS CG  HG2  sing N N 206 
LYS CG  HG3  sing N N 207 
LYS CD  CE   sing N N 208 
LYS CD  HD2  sing N N 209 
LYS CD  HD3  sing N N 210 
LYS CE  NZ   sing N N 211 
LYS CE  HE2  sing N N 212 
LYS CE  HE3  sing N N 213 
LYS NZ  HZ1  sing N N 214 
LYS NZ  HZ2  sing N N 215 
LYS NZ  HZ3  sing N N 216 
LYS OXT HXT  sing N N 217 
MET N   CA   sing N N 218 
MET N   H    sing N N 219 
MET N   H2   sing N N 220 
MET CA  C    sing N N 221 
MET CA  CB   sing N N 222 
MET CA  HA   sing N N 223 
MET C   O    doub N N 224 
MET C   OXT  sing N N 225 
MET CB  CG   sing N N 226 
MET CB  HB2  sing N N 227 
MET CB  HB3  sing N N 228 
MET CG  SD   sing N N 229 
MET CG  HG2  sing N N 230 
MET CG  HG3  sing N N 231 
MET SD  CE   sing N N 232 
MET CE  HE1  sing N N 233 
MET CE  HE2  sing N N 234 
MET CE  HE3  sing N N 235 
MET OXT HXT  sing N N 236 
PHE N   CA   sing N N 237 
PHE N   H    sing N N 238 
PHE N   H2   sing N N 239 
PHE CA  C    sing N N 240 
PHE CA  CB   sing N N 241 
PHE CA  HA   sing N N 242 
PHE C   O    doub N N 243 
PHE C   OXT  sing N N 244 
PHE CB  CG   sing N N 245 
PHE CB  HB2  sing N N 246 
PHE CB  HB3  sing N N 247 
PHE CG  CD1  doub Y N 248 
PHE CG  CD2  sing Y N 249 
PHE CD1 CE1  sing Y N 250 
PHE CD1 HD1  sing N N 251 
PHE CD2 CE2  doub Y N 252 
PHE CD2 HD2  sing N N 253 
PHE CE1 CZ   doub Y N 254 
PHE CE1 HE1  sing N N 255 
PHE CE2 CZ   sing Y N 256 
PHE CE2 HE2  sing N N 257 
PHE CZ  HZ   sing N N 258 
PHE OXT HXT  sing N N 259 
PRO N   CA   sing N N 260 
PRO N   CD   sing N N 261 
PRO N   H    sing N N 262 
PRO CA  C    sing N N 263 
PRO CA  CB   sing N N 264 
PRO CA  HA   sing N N 265 
PRO C   O    doub N N 266 
PRO C   OXT  sing N N 267 
PRO CB  CG   sing N N 268 
PRO CB  HB2  sing N N 269 
PRO CB  HB3  sing N N 270 
PRO CG  CD   sing N N 271 
PRO CG  HG2  sing N N 272 
PRO CG  HG3  sing N N 273 
PRO CD  HD2  sing N N 274 
PRO CD  HD3  sing N N 275 
PRO OXT HXT  sing N N 276 
SER N   CA   sing N N 277 
SER N   H    sing N N 278 
SER N   H2   sing N N 279 
SER CA  C    sing N N 280 
SER CA  CB   sing N N 281 
SER CA  HA   sing N N 282 
SER C   O    doub N N 283 
SER C   OXT  sing N N 284 
SER CB  OG   sing N N 285 
SER CB  HB2  sing N N 286 
SER CB  HB3  sing N N 287 
SER OG  HG   sing N N 288 
SER OXT HXT  sing N N 289 
THR N   CA   sing N N 290 
THR N   H    sing N N 291 
THR N   H2   sing N N 292 
THR CA  C    sing N N 293 
THR CA  CB   sing N N 294 
THR CA  HA   sing N N 295 
THR C   O    doub N N 296 
THR C   OXT  sing N N 297 
THR CB  OG1  sing N N 298 
THR CB  CG2  sing N N 299 
THR CB  HB   sing N N 300 
THR OG1 HG1  sing N N 301 
THR CG2 HG21 sing N N 302 
THR CG2 HG22 sing N N 303 
THR CG2 HG23 sing N N 304 
THR OXT HXT  sing N N 305 
TRP N   CA   sing N N 306 
TRP N   H    sing N N 307 
TRP N   H2   sing N N 308 
TRP CA  C    sing N N 309 
TRP CA  CB   sing N N 310 
TRP CA  HA   sing N N 311 
TRP C   O    doub N N 312 
TRP C   OXT  sing N N 313 
TRP CB  CG   sing N N 314 
TRP CB  HB2  sing N N 315 
TRP CB  HB3  sing N N 316 
TRP CG  CD1  doub Y N 317 
TRP CG  CD2  sing Y N 318 
TRP CD1 NE1  sing Y N 319 
TRP CD1 HD1  sing N N 320 
TRP CD2 CE2  doub Y N 321 
TRP CD2 CE3  sing Y N 322 
TRP NE1 CE2  sing Y N 323 
TRP NE1 HE1  sing N N 324 
TRP CE2 CZ2  sing Y N 325 
TRP CE3 CZ3  doub Y N 326 
TRP CE3 HE3  sing N N 327 
TRP CZ2 CH2  doub Y N 328 
TRP CZ2 HZ2  sing N N 329 
TRP CZ3 CH2  sing Y N 330 
TRP CZ3 HZ3  sing N N 331 
TRP CH2 HH2  sing N N 332 
TRP OXT HXT  sing N N 333 
TYR N   CA   sing N N 334 
TYR N   H    sing N N 335 
TYR N   H2   sing N N 336 
TYR CA  C    sing N N 337 
TYR CA  CB   sing N N 338 
TYR CA  HA   sing N N 339 
TYR C   O    doub N N 340 
TYR C   OXT  sing N N 341 
TYR CB  CG   sing N N 342 
TYR CB  HB2  sing N N 343 
TYR CB  HB3  sing N N 344 
TYR CG  CD1  doub Y N 345 
TYR CG  CD2  sing Y N 346 
TYR CD1 CE1  sing Y N 347 
TYR CD1 HD1  sing N N 348 
TYR CD2 CE2  doub Y N 349 
TYR CD2 HD2  sing N N 350 
TYR CE1 CZ   doub Y N 351 
TYR CE1 HE1  sing N N 352 
TYR CE2 CZ   sing Y N 353 
TYR CE2 HE2  sing N N 354 
TYR CZ  OH   sing N N 355 
TYR OH  HH   sing N N 356 
TYR OXT HXT  sing N N 357 
VAL N   CA   sing N N 358 
VAL N   H    sing N N 359 
VAL N   H2   sing N N 360 
VAL CA  C    sing N N 361 
VAL CA  CB   sing N N 362 
VAL CA  HA   sing N N 363 
VAL C   O    doub N N 364 
VAL C   OXT  sing N N 365 
VAL CB  CG1  sing N N 366 
VAL CB  CG2  sing N N 367 
VAL CB  HB   sing N N 368 
VAL CG1 HG11 sing N N 369 
VAL CG1 HG12 sing N N 370 
VAL CG1 HG13 sing N N 371 
VAL CG2 HG21 sing N N 372 
VAL CG2 HG22 sing N N 373 
VAL CG2 HG23 sing N N 374 
VAL OXT HXT  sing N N 375 
# 
_pdbx_initial_refinement_model.id               1 
_pdbx_initial_refinement_model.entity_id_list   ? 
_pdbx_initial_refinement_model.type             'experimental model' 
_pdbx_initial_refinement_model.source_name      PDB 
_pdbx_initial_refinement_model.accession_code   1OZN 
_pdbx_initial_refinement_model.details          'PDB ENTRY 1OZN' 
# 
_atom_sites.entry_id                    1W8A 
_atom_sites.fract_transf_matrix[1][1]   -0.00751096 
_atom_sites.fract_transf_matrix[1][2]   -0.00099595 
_atom_sites.fract_transf_matrix[1][3]   0.00361882 
_atom_sites.fract_transf_matrix[2][1]   -0.00067650 
_atom_sites.fract_transf_matrix[2][2]   0.03059360 
_atom_sites.fract_transf_matrix[2][3]   0.00701569 
_atom_sites.fract_transf_matrix[3][1]   -0.01243493 
_atom_sites.fract_transf_matrix[3][2]   0.00339520 
_atom_sites.fract_transf_matrix[3][3]   -0.01600461 
_atom_sites.fract_transf_vector[1]      0.313550 
_atom_sites.fract_transf_vector[2]      0.013310 
_atom_sites.fract_transf_vector[3]      0.265098 
# 
loop_
_atom_type.symbol 
C 
N 
O 
S 
# 
loop_
_atom_site.group_PDB 
_atom_site.id 
_atom_site.type_symbol 
_atom_site.label_atom_id 
_atom_site.label_alt_id 
_atom_site.label_comp_id 
_atom_site.label_asym_id 
_atom_site.label_entity_id 
_atom_site.label_seq_id 
_atom_site.pdbx_PDB_ins_code 
_atom_site.Cartn_x 
_atom_site.Cartn_y 
_atom_site.Cartn_z 
_atom_site.occupancy 
_atom_site.B_iso_or_equiv 
_atom_site.pdbx_formal_charge 
_atom_site.auth_seq_id 
_atom_site.auth_comp_id 
_atom_site.auth_asym_id 
_atom_site.auth_atom_id 
_atom_site.pdbx_PDB_model_num 
ATOM   1    N N   . ASP A 1 1   ? 26.733  9.481   -11.162 1.00   48.94 ? 542  ASP A N   1 
ATOM   2    C CA  . ASP A 1 1   ? 25.613  10.302  -10.612 1.00   48.93 ? 542  ASP A CA  1 
ATOM   3    C C   . ASP A 1 1   ? 24.719  9.552   -9.613  1.00   48.57 ? 542  ASP A C   1 
ATOM   4    O O   . ASP A 1 1   ? 24.474  8.347   -9.736  1.00   48.62 ? 542  ASP A O   1 
ATOM   5    C CB  . ASP A 1 1   ? 24.766  10.875  -11.755 1.00   49.31 ? 542  ASP A CB  1 
ATOM   6    C CG  . ASP A 1 1   ? 24.758  9.982   -12.986 1.00   50.03 ? 542  ASP A CG  1 
ATOM   7    O OD1 . ASP A 1 1   ? 24.265  8.832   -12.901 1.00   48.85 ? 542  ASP A OD1 1 
ATOM   8    O OD2 . ASP A 1 1   ? 25.250  10.444  -14.042 1.00   49.78 ? 542  ASP A OD2 1 
ATOM   9    N N   . CYS A 1 2   ? 24.239  10.294  -8.621  1.00   47.43 ? 543  CYS A N   1 
ATOM   10   C CA  . CYS A 1 2   ? 23.401  9.757   -7.554  1.00   46.10 ? 543  CYS A CA  1 
ATOM   11   C C   . CYS A 1 2   ? 22.755  10.979  -6.911  1.00   45.71 ? 543  CYS A C   1 
ATOM   12   O O   . CYS A 1 2   ? 23.421  11.996  -6.704  1.00   45.91 ? 543  CYS A O   1 
ATOM   13   C CB  . CYS A 1 2   ? 24.293  9.021   -6.539  1.00   44.68 ? 543  CYS A CB  1 
ATOM   14   S SG  . CYS A 1 2   ? 23.511  8.311   -5.048  1.00   39.23 ? 543  CYS A SG  1 
ATOM   15   N N   . PRO A 1 3   ? 21.448  10.910  -6.606  1.00   44.85 ? 544  PRO A N   1 
ATOM   16   C CA  . PRO A 1 3   ? 20.798  12.066  -5.986  1.00   43.97 ? 544  PRO A CA  1 
ATOM   17   C C   . PRO A 1 3   ? 21.694  12.691  -4.921  1.00   43.68 ? 544  PRO A C   1 
ATOM   18   O O   . PRO A 1 3   ? 22.183  12.011  -4.013  1.00   43.63 ? 544  PRO A O   1 
ATOM   19   C CB  . PRO A 1 3   ? 19.521  11.469  -5.418  1.00   43.07 ? 544  PRO A CB  1 
ATOM   20   C CG  . PRO A 1 3   ? 19.166  10.457  -6.457  1.00   43.86 ? 544  PRO A CG  1 
ATOM   21   C CD  . PRO A 1 3   ? 20.501  9.789   -6.745  1.00   44.70 ? 544  PRO A CD  1 
ATOM   22   N N   . ALA A 1 4   ? 21.918  13.991  -5.064  1.00   43.08 ? 545  ALA A N   1 
ATOM   23   C CA  . ALA A 1 4   ? 22.759  14.750  -4.157  1.00   42.11 ? 545  ALA A CA  1 
ATOM   24   C C   . ALA A 1 4   ? 22.765  14.261  -2.714  1.00   41.50 ? 545  ALA A C   1 
ATOM   25   O O   . ALA A 1 4   ? 23.813  13.869  -2.203  1.00   41.58 ? 545  ALA A O   1 
ATOM   26   C CB  . ALA A 1 4   ? 22.363  16.217  -4.206  1.00   42.73 ? 545  ALA A CB  1 
ATOM   27   N N   . MET A 1 5   ? 21.606  14.271  -2.060  1.00   40.79 ? 546  MET A N   1 
ATOM   28   C CA  . MET A 1 5   ? 21.540  13.854  -0.661  1.00   40.00 ? 546  MET A CA  1 
ATOM   29   C C   . MET A 1 5   ? 21.169  12.396  -0.351  1.00   38.23 ? 546  MET A C   1 
ATOM   30   O O   . MET A 1 5   ? 20.459  12.136  0.618   1.00   37.94 ? 546  MET A O   1 
ATOM   31   C CB  . MET A 1 5   ? 20.605  14.789  0.120   1.00   42.90 ? 546  MET A CB  1 
ATOM   32   C CG  . MET A 1 5   ? 19.117  14.668  -0.204  1.00   47.29 ? 546  MET A CG  1 
ATOM   33   S SD  . MET A 1 5   ? 18.588  15.511  -1.712  1.00   53.27 ? 546  MET A SD  1 
ATOM   34   C CE  . MET A 1 5   ? 18.777  14.193  -2.931  1.00   50.67 ? 546  MET A CE  1 
ATOM   35   N N   . CYS A 1 6   ? 21.660  11.450  -1.151  1.00   36.71 ? 547  CYS A N   1 
ATOM   36   C CA  . CYS A 1 6   ? 21.386  10.028  -0.919  1.00   35.01 ? 547  CYS A CA  1 
ATOM   37   C C   . CYS A 1 6   ? 22.666  9.221   -1.048  1.00   35.14 ? 547  CYS A C   1 
ATOM   38   O O   . CYS A 1 6   ? 23.721  9.777   -1.310  1.00   36.10 ? 547  CYS A O   1 
ATOM   39   C CB  . CYS A 1 6   ? 20.392  9.488   -1.938  1.00   31.34 ? 547  CYS A CB  1 
ATOM   40   S SG  . CYS A 1 6   ? 18.810  10.365  -2.063  1.00   26.80 ? 547  CYS A SG  1 
ATOM   41   N N   . HIS A 1 7   ? 22.571  7.907   -0.866  1.00   35.43 ? 548  HIS A N   1 
ATOM   42   C CA  . HIS A 1 7   ? 23.734  7.034   -0.998  1.00   35.53 ? 548  HIS A CA  1 
ATOM   43   C C   . HIS A 1 7   ? 23.463  5.955   -2.033  1.00   35.33 ? 548  HIS A C   1 
ATOM   44   O O   . HIS A 1 7   ? 22.386  5.368   -2.049  1.00   35.26 ? 548  HIS A O   1 
ATOM   45   C CB  . HIS A 1 7   ? 24.079  6.378   0.327   1.00   37.55 ? 548  HIS A CB  1 
ATOM   46   C CG  . HIS A 1 7   ? 25.320  5.551   0.263   1.00   40.96 ? 548  HIS A CG  1 
ATOM   47   N ND1 . HIS A 1 7   ? 26.512  6.046   -0.223  1.00   41.58 ? 548  HIS A ND1 1 
ATOM   48   C CD2 . HIS A 1 7   ? 25.553  4.259   0.591   1.00   42.99 ? 548  HIS A CD2 1 
ATOM   49   C CE1 . HIS A 1 7   ? 27.426  5.093   -0.193  1.00   42.96 ? 548  HIS A CE1 1 
ATOM   50   N NE2 . HIS A 1 7   ? 26.871  3.999   0.296   1.00   44.32 ? 548  HIS A NE2 1 
ATOM   51   N N   . CYS A 1 8   ? 24.450  5.665   -2.875  1.00   35.70 ? 549  CYS A N   1 
ATOM   52   C CA  . CYS A 1 8   ? 24.262  4.684   -3.943  1.00   35.99 ? 549  CYS A CA  1 
ATOM   53   C C   . CYS A 1 8   ? 25.080  3.397   -3.983  1.00   36.59 ? 549  CYS A C   1 
ATOM   54   O O   . CYS A 1 8   ? 26.196  3.376   -4.487  1.00   36.86 ? 549  CYS A O   1 
ATOM   55   C CB  . CYS A 1 8   ? 24.401  5.392   -5.285  1.00   34.73 ? 549  CYS A CB  1 
ATOM   56   S SG  . CYS A 1 8   ? 22.975  6.449   -5.658  1.00   34.13 ? 549  CYS A SG  1 
ATOM   57   N N   . GLU A 1 9   ? 24.498  2.317   -3.476  1.00   37.14 ? 550  GLU A N   1 
ATOM   58   C CA  . GLU A 1 9   ? 25.148  1.013   -3.492  1.00   37.59 ? 550  GLU A CA  1 
ATOM   59   C C   . GLU A 1 9   ? 24.706  0.281   -4.755  1.00   36.95 ? 550  GLU A C   1 
ATOM   60   O O   . GLU A 1 9   ? 23.545  -0.121  -4.874  1.00   37.45 ? 550  GLU A O   1 
ATOM   61   C CB  . GLU A 1 9   ? 24.746  0.196   -2.262  1.00   39.38 ? 550  GLU A CB  1 
ATOM   62   C CG  . GLU A 1 9   ? 25.531  0.545   -1.014  1.00   44.54 ? 550  GLU A CG  1 
ATOM   63   C CD  . GLU A 1 9   ? 26.992  0.138   -1.118  1.00   48.08 ? 550  GLU A CD  1 
ATOM   64   O OE1 . GLU A 1 9   ? 27.655  0.534   -2.099  1.00   49.30 ? 550  GLU A OE1 1 
ATOM   65   O OE2 . GLU A 1 9   ? 27.479  -0.579  -0.219  1.00   50.47 ? 550  GLU A OE2 1 
ATOM   66   N N   . GLY A 1 10  ? 25.626  0.105   -5.696  1.00   35.36 ? 551  GLY A N   1 
ATOM   67   C CA  . GLY A 1 10  ? 25.270  -0.579  -6.925  1.00   33.32 ? 551  GLY A CA  1 
ATOM   68   C C   . GLY A 1 10  ? 24.081  0.104   -7.579  1.00   31.85 ? 551  GLY A C   1 
ATOM   69   O O   . GLY A 1 10  ? 24.152  1.286   -7.930  1.00   31.69 ? 551  GLY A O   1 
ATOM   70   N N   . THR A 1 11  ? 22.987  -0.636  -7.741  1.00   30.12 ? 552  THR A N   1 
ATOM   71   C CA  . THR A 1 11  ? 21.769  -0.094  -8.345  1.00   27.06 ? 552  THR A CA  1 
ATOM   72   C C   . THR A 1 11  ? 20.748  0.278   -7.258  1.00   25.31 ? 552  THR A C   1 
ATOM   73   O O   . THR A 1 11  ? 19.595  0.625   -7.538  1.00   24.31 ? 552  THR A O   1 
ATOM   74   C CB  . THR A 1 11  ? 21.165  -1.101  -9.351  1.00   26.16 ? 552  THR A CB  1 
ATOM   75   O OG1 . THR A 1 11  ? 21.190  -2.420  -8.794  1.00   23.84 ? 552  THR A OG1 1 
ATOM   76   C CG2 . THR A 1 11  ? 21.963  -1.094  -10.640 1.00   24.06 ? 552  THR A CG2 1 
ATOM   77   N N   . THR A 1 12  ? 21.205  0.211   -6.012  1.00   23.38 ? 553  THR A N   1 
ATOM   78   C CA  . THR A 1 12  ? 20.390  0.560   -4.867  1.00   21.13 ? 553  THR A CA  1 
ATOM   79   C C   . THR A 1 12  ? 20.619  2.011   -4.502  1.00   21.13 ? 553  THR A C   1 
ATOM   80   O O   . THR A 1 12  ? 21.754  2.470   -4.413  1.00   21.04 ? 553  THR A O   1 
ATOM   81   C CB  . THR A 1 12  ? 20.751  -0.269  -3.656  1.00   18.90 ? 553  THR A CB  1 
ATOM   82   O OG1 . THR A 1 12  ? 20.215  -1.583  -3.809  1.00   22.17 ? 553  THR A OG1 1 
ATOM   83   C CG2 . THR A 1 12  ? 20.198  0.365   -2.399  1.00   17.45 ? 553  THR A CG2 1 
ATOM   84   N N   . VAL A 1 13  ? 19.527  2.727   -4.290  1.00   20.63 ? 554  VAL A N   1 
ATOM   85   C CA  . VAL A 1 13  ? 19.599  4.122   -3.910  1.00   19.75 ? 554  VAL A CA  1 
ATOM   86   C C   . VAL A 1 13  ? 19.016  4.225   -2.502  1.00   20.13 ? 554  VAL A C   1 
ATOM   87   O O   . VAL A 1 13  ? 17.885  3.807   -2.241  1.00   21.42 ? 554  VAL A O   1 
ATOM   88   C CB  . VAL A 1 13  ? 18.803  4.996   -4.892  1.00   18.06 ? 554  VAL A CB  1 
ATOM   89   C CG1 . VAL A 1 13  ? 18.920  6.467   -4.516  1.00   19.10 ? 554  VAL A CG1 1 
ATOM   90   C CG2 . VAL A 1 13  ? 19.321  4.774   -6.279  1.00   15.05 ? 554  VAL A CG2 1 
ATOM   91   N N   . ASP A 1 14  ? 19.802  4.767   -1.586  1.00   19.42 ? 555  ASP A N   1 
ATOM   92   C CA  . ASP A 1 14  ? 19.362  4.895   -0.212  1.00   17.66 ? 555  ASP A CA  1 
ATOM   93   C C   . ASP A 1 14  ? 19.220  6.357   0.182   1.00   16.63 ? 555  ASP A C   1 
ATOM   94   O O   . ASP A 1 14  ? 20.210  7.077   0.302   1.00   15.46 ? 555  ASP A O   1 
ATOM   95   C CB  . ASP A 1 14  ? 20.358  4.197   0.703   1.00   17.51 ? 555  ASP A CB  1 
ATOM   96   C CG  . ASP A 1 14  ? 19.871  4.094   2.121   1.00   20.70 ? 555  ASP A CG  1 
ATOM   97   O OD1 . ASP A 1 14  ? 20.622  3.545   2.955   1.00   21.78 ? 555  ASP A OD1 1 
ATOM   98   O OD2 . ASP A 1 14  ? 18.742  4.558   2.402   1.00   22.36 ? 555  ASP A OD2 1 
ATOM   99   N N   . CYS A 1 15  ? 17.978  6.792   0.368   1.00   15.65 ? 556  CYS A N   1 
ATOM   100  C CA  . CYS A 1 15  ? 17.705  8.161   0.760   1.00   15.51 ? 556  CYS A CA  1 
ATOM   101  C C   . CYS A 1 15  ? 16.975  8.144   2.097   1.00   14.52 ? 556  CYS A C   1 
ATOM   102  O O   . CYS A 1 15  ? 16.218  9.051   2.414   1.00   14.06 ? 556  CYS A O   1 
ATOM   103  C CB  . CYS A 1 15  ? 16.830  8.854   -0.280  1.00   17.54 ? 556  CYS A CB  1 
ATOM   104  S SG  . CYS A 1 15  ? 17.409  8.898   -2.011  1.00   19.78 ? 556  CYS A SG  1 
ATOM   105  N N   . THR A 1 16  ? 17.215  7.098   2.875   1.00   14.45 ? 557  THR A N   1 
ATOM   106  C CA  . THR A 1 16  ? 16.582  6.922   4.177   1.00   13.47 ? 557  THR A CA  1 
ATOM   107  C C   . THR A 1 16  ? 17.019  7.961   5.192   1.00   13.15 ? 557  THR A C   1 
ATOM   108  O O   . THR A 1 16  ? 18.182  8.347   5.233   1.00   13.48 ? 557  THR A O   1 
ATOM   109  C CB  . THR A 1 16  ? 16.905  5.539   4.751   1.00   13.05 ? 557  THR A CB  1 
ATOM   110  O OG1 . THR A 1 16  ? 18.317  5.326   4.667   1.00   13.37 ? 557  THR A OG1 1 
ATOM   111  C CG2 . THR A 1 16  ? 16.202  4.445   3.967   1.00   13.91 ? 557  THR A CG2 1 
ATOM   112  N N   . GLY A 1 17  ? 16.071  8.408   6.008   1.00   13.52 ? 558  GLY A N   1 
ATOM   113  C CA  . GLY A 1 17  ? 16.351  9.385   7.043   1.00   12.75 ? 558  GLY A CA  1 
ATOM   114  C C   . GLY A 1 17  ? 17.020  10.672  6.604   1.00   13.58 ? 558  GLY A C   1 
ATOM   115  O O   . GLY A 1 17  ? 17.820  11.226  7.359   1.00   13.45 ? 558  GLY A O   1 
ATOM   116  N N   . ARG A 1 18  ? 16.698  11.164  5.408   1.00   13.79 ? 559  ARG A N   1 
ATOM   117  C CA  . ARG A 1 18  ? 17.295  12.406  4.917   1.00   14.82 ? 559  ARG A CA  1 
ATOM   118  C C   . ARG A 1 18  ? 16.306  13.581  5.026   1.00   15.82 ? 559  ARG A C   1 
ATOM   119  O O   . ARG A 1 18  ? 16.540  14.666  4.482   1.00   15.48 ? 559  ARG A O   1 
ATOM   120  C CB  . ARG A 1 18  ? 17.756  12.236  3.468   1.00   14.81 ? 559  ARG A CB  1 
ATOM   121  C CG  . ARG A 1 18  ? 18.655  11.018  3.196   1.00   14.03 ? 559  ARG A CG  1 
ATOM   122  C CD  . ARG A 1 18  ? 20.001  11.159  3.869   1.00   16.15 ? 559  ARG A CD  1 
ATOM   123  N NE  . ARG A 1 18  ? 21.081  10.473  3.158   1.00   15.89 ? 559  ARG A NE  1 
ATOM   124  C CZ  . ARG A 1 18  ? 21.263  9.156   3.136   1.00   17.82 ? 559  ARG A CZ  1 
ATOM   125  N NH1 . ARG A 1 18  ? 20.436  8.346   3.786   1.00   18.69 ? 559  ARG A NH1 1 
ATOM   126  N NH2 . ARG A 1 18  ? 22.291  8.646   2.474   1.00   17.64 ? 559  ARG A NH2 1 
ATOM   127  N N   . GLY A 1 19  ? 15.200  13.347  5.731   1.00   16.45 ? 560  GLY A N   1 
ATOM   128  C CA  . GLY A 1 19  ? 14.199  14.376  5.947   1.00   17.87 ? 560  GLY A CA  1 
ATOM   129  C C   . GLY A 1 19  ? 13.533  14.915  4.704   1.00   19.97 ? 560  GLY A C   1 
ATOM   130  O O   . GLY A 1 19  ? 13.067  16.060  4.693   1.00   21.09 ? 560  GLY A O   1 
ATOM   131  N N   . LEU A 1 20  ? 13.466  14.087  3.665   1.00   20.76 ? 561  LEU A N   1 
ATOM   132  C CA  . LEU A 1 20  ? 12.874  14.478  2.391   1.00   20.44 ? 561  LEU A CA  1 
ATOM   133  C C   . LEU A 1 20  ? 11.384  14.753  2.436   1.00   21.35 ? 561  LEU A C   1 
ATOM   134  O O   . LEU A 1 20  ? 10.623  14.037  3.091   1.00   20.44 ? 561  LEU A O   1 
ATOM   135  C CB  . LEU A 1 20  ? 13.164  13.407  1.342   1.00   20.31 ? 561  LEU A CB  1 
ATOM   136  C CG  . LEU A 1 20  ? 14.656  13.186  1.115   1.00   19.75 ? 561  LEU A CG  1 
ATOM   137  C CD1 . LEU A 1 20  ? 14.874  12.125  0.066   1.00   20.61 ? 561  LEU A CD1 1 
ATOM   138  C CD2 . LEU A 1 20  ? 15.282  14.501  0.687   1.00   21.67 ? 561  LEU A CD2 1 
ATOM   139  N N   . LYS A 1 21  ? 10.980  15.806  1.727   1.00   23.43 ? 562  LYS A N   1 
ATOM   140  C CA  . LYS A 1 21  ? 9.581   16.214  1.655   1.00   25.27 ? 562  LYS A CA  1 
ATOM   141  C C   . LYS A 1 21  ? 9.001   15.777  0.329   1.00   26.12 ? 562  LYS A C   1 
ATOM   142  O O   . LYS A 1 21  ? 7.788   15.652  0.188   1.00   27.99 ? 562  LYS A O   1 
ATOM   143  C CB  . LYS A 1 21  ? 9.443   17.736  1.798   1.00   26.66 ? 562  LYS A CB  1 
ATOM   144  C CG  . LYS A 1 21  ? 9.862   18.289  3.153   1.00   27.93 ? 562  LYS A CG  1 
ATOM   145  C CD  . LYS A 1 21  ? 9.069   17.652  4.283   1.00   32.93 ? 562  LYS A CD  1 
ATOM   146  C CE  . LYS A 1 21  ? 9.370   18.326  5.616   1.00   37.56 ? 562  LYS A CE  1 
ATOM   147  N NZ  . LYS A 1 21  ? 10.828  18.308  5.951   1.00   40.60 ? 562  LYS A NZ  1 
ATOM   148  N N   . GLU A 1 22  ? 9.868   15.564  -0.652  1.00   25.58 ? 563  GLU A N   1 
ATOM   149  C CA  . GLU A 1 22  ? 9.433   15.100  -1.958  1.00   25.02 ? 563  GLU A CA  1 
ATOM   150  C C   . GLU A 1 22  ? 10.567  14.288  -2.537  1.00   24.21 ? 563  GLU A C   1 
ATOM   151  O O   . GLU A 1 22  ? 11.735  14.576  -2.288  1.00   24.28 ? 563  GLU A O   1 
ATOM   152  C CB  . GLU A 1 22  ? 9.088   16.265  -2.889  1.00   26.79 ? 563  GLU A CB  1 
ATOM   153  C CG  . GLU A 1 22  ? 10.256  17.171  -3.260  1.00   30.98 ? 563  GLU A CG  1 
ATOM   154  C CD  . GLU A 1 22  ? 9.914   18.138  -4.391  1.00   34.02 ? 563  GLU A CD  1 
ATOM   155  O OE1 . GLU A 1 22  ? 8.784   18.681  -4.404  1.00   34.99 ? 563  GLU A OE1 1 
ATOM   156  O OE2 . GLU A 1 22  ? 10.781  18.363  -5.263  1.00   36.36 ? 563  GLU A OE2 1 
ATOM   157  N N   . ILE A 1 23  ? 10.212  13.271  -3.310  1.00   23.25 ? 564  ILE A N   1 
ATOM   158  C CA  . ILE A 1 23  ? 11.184  12.384  -3.922  1.00   22.43 ? 564  ILE A CA  1 
ATOM   159  C C   . ILE A 1 23  ? 12.110  13.083  -4.911  1.00   23.22 ? 564  ILE A C   1 
ATOM   160  O O   . ILE A 1 23  ? 11.655  13.777  -5.813  1.00   23.58 ? 564  ILE A O   1 
ATOM   161  C CB  . ILE A 1 23  ? 10.455  11.205  -4.611  1.00   20.50 ? 564  ILE A CB  1 
ATOM   162  C CG1 . ILE A 1 23  ? 9.631   10.452  -3.563  1.00   19.06 ? 564  ILE A CG1 1 
ATOM   163  C CG2 . ILE A 1 23  ? 11.459  10.272  -5.294  1.00   18.54 ? 564  ILE A CG2 1 
ATOM   164  C CD1 . ILE A 1 23  ? 8.978   9.191   -4.069  1.00   20.37 ? 564  ILE A CD1 1 
ATOM   165  N N   . PRO A 1 24  ? 13.430  12.911  -4.743  1.00   24.26 ? 565  PRO A N   1 
ATOM   166  C CA  . PRO A 1 24  ? 14.460  13.507  -5.602  1.00   25.68 ? 565  PRO A CA  1 
ATOM   167  C C   . PRO A 1 24  ? 14.185  13.253  -7.073  1.00   26.72 ? 565  PRO A C   1 
ATOM   168  O O   . PRO A 1 24  ? 14.079  12.113  -7.498  1.00   27.18 ? 565  PRO A O   1 
ATOM   169  C CB  . PRO A 1 24  ? 15.736  12.819  -5.136  1.00   25.09 ? 565  PRO A CB  1 
ATOM   170  C CG  . PRO A 1 24  ? 15.473  12.624  -3.676  1.00   25.95 ? 565  PRO A CG  1 
ATOM   171  C CD  . PRO A 1 24  ? 14.049  12.123  -3.662  1.00   24.39 ? 565  PRO A CD  1 
ATOM   172  N N   . ARG A 1 25  ? 14.086  14.321  -7.852  1.00   28.70 ? 566  ARG A N   1 
ATOM   173  C CA  . ARG A 1 25  ? 13.796  14.193  -9.274  1.00   31.15 ? 566  ARG A CA  1 
ATOM   174  C C   . ARG A 1 25  ? 14.843  13.495  -10.137 1.00   31.70 ? 566  ARG A C   1 
ATOM   175  O O   . ARG A 1 25  ? 14.507  12.941  -11.188 1.00   31.25 ? 566  ARG A O   1 
ATOM   176  C CB  . ARG A 1 25  ? 13.516  15.569  -9.874  1.00   33.64 ? 566  ARG A CB  1 
ATOM   177  C CG  . ARG A 1 25  ? 12.063  15.983  -9.815  1.00   39.42 ? 566  ARG A CG  1 
ATOM   178  C CD  . ARG A 1 25  ? 11.785  17.093  -10.826 1.00   46.52 ? 566  ARG A CD  1 
ATOM   179  N NE  . ARG A 1 25  ? 12.151  16.701  -12.190 1.00   50.40 ? 566  ARG A NE  1 
ATOM   180  C CZ  . ARG A 1 25  ? 12.072  17.505  -13.249 1.00   53.35 ? 566  ARG A CZ  1 
ATOM   181  N NH1 . ARG A 1 25  ? 11.637  18.753  -13.111 1.00   53.37 ? 566  ARG A NH1 1 
ATOM   182  N NH2 . ARG A 1 25  ? 12.431  17.062  -14.450 1.00   54.68 ? 566  ARG A NH2 1 
ATOM   183  N N   . ASP A 1 26  ? 16.101  13.514  -9.703  1.00   32.10 ? 567  ASP A N   1 
ATOM   184  C CA  . ASP A 1 26  ? 17.170  12.909  -10.487 1.00   32.39 ? 567  ASP A CA  1 
ATOM   185  C C   . ASP A 1 26  ? 17.611  11.524  -10.035 1.00   32.14 ? 567  ASP A C   1 
ATOM   186  O O   . ASP A 1 26  ? 18.754  11.319  -9.626  1.00   32.95 ? 567  ASP A O   1 
ATOM   187  C CB  . ASP A 1 26  ? 18.377  13.847  -10.519 1.00   34.39 ? 567  ASP A CB  1 
ATOM   188  C CG  . ASP A 1 26  ? 19.005  14.027  -9.158  1.00   37.04 ? 567  ASP A CG  1 
ATOM   189  O OD1 . ASP A 1 26  ? 18.249  14.193  -8.176  1.00   36.81 ? 567  ASP A OD1 1 
ATOM   190  O OD2 . ASP A 1 26  ? 20.254  14.008  -9.077  1.00   40.81 ? 567  ASP A OD2 1 
ATOM   191  N N   . ILE A 1 27  ? 16.704  10.564  -10.117 1.00   31.05 ? 568  ILE A N   1 
ATOM   192  C CA  . ILE A 1 27  ? 17.032  9.205   -9.732  1.00   29.98 ? 568  ILE A CA  1 
ATOM   193  C C   . ILE A 1 27  ? 17.569  8.498   -10.975 1.00   29.61 ? 568  ILE A C   1 
ATOM   194  O O   . ILE A 1 27  ? 16.930  8.505   -12.030 1.00   30.24 ? 568  ILE A O   1 
ATOM   195  C CB  . ILE A 1 27  ? 15.781  8.505   -9.184  1.00   29.24 ? 568  ILE A CB  1 
ATOM   196  C CG1 . ILE A 1 27  ? 15.322  9.246   -7.927  1.00   29.60 ? 568  ILE A CG1 1 
ATOM   197  C CG2 . ILE A 1 27  ? 16.073  7.050   -8.864  1.00   28.51 ? 568  ILE A CG2 1 
ATOM   198  C CD1 . ILE A 1 27  ? 13.938  8.900   -7.476  1.00   30.54 ? 568  ILE A CD1 1 
ATOM   199  N N   . PRO A 1 28  ? 18.768  7.894   -10.874 1.00   28.65 ? 569  PRO A N   1 
ATOM   200  C CA  . PRO A 1 28  ? 19.365  7.193   -12.019 1.00   27.46 ? 569  PRO A CA  1 
ATOM   201  C C   . PRO A 1 28  ? 18.360  6.289   -12.746 1.00   26.80 ? 569  PRO A C   1 
ATOM   202  O O   . PRO A 1 28  ? 17.453  5.727   -12.131 1.00   26.01 ? 569  PRO A O   1 
ATOM   203  C CB  . PRO A 1 28  ? 20.509  6.403   -11.383 1.00   26.32 ? 569  PRO A CB  1 
ATOM   204  C CG  . PRO A 1 28  ? 20.905  7.255   -10.227 1.00   26.74 ? 569  PRO A CG  1 
ATOM   205  C CD  . PRO A 1 28  ? 19.577  7.696   -9.658  1.00   27.57 ? 569  PRO A CD  1 
ATOM   206  N N   . LEU A 1 29  ? 18.540  6.153   -14.055 1.00   26.64 ? 570  LEU A N   1 
ATOM   207  C CA  . LEU A 1 29  ? 17.655  5.345   -14.885 1.00   26.95 ? 570  LEU A CA  1 
ATOM   208  C C   . LEU A 1 29  ? 17.742  3.844   -14.580 1.00   27.20 ? 570  LEU A C   1 
ATOM   209  O O   . LEU A 1 29  ? 16.828  3.081   -14.903 1.00   26.75 ? 570  LEU A O   1 
ATOM   210  C CB  . LEU A 1 29  ? 17.988  5.590   -16.362 1.00   27.18 ? 570  LEU A CB  1 
ATOM   211  C CG  . LEU A 1 29  ? 16.905  5.481   -17.445 1.00   29.36 ? 570  LEU A CG  1 
ATOM   212  C CD1 . LEU A 1 29  ? 17.564  5.711   -18.797 1.00   30.06 ? 570  LEU A CD1 1 
ATOM   213  C CD2 . LEU A 1 29  ? 16.215  4.117   -17.429 1.00   30.36 ? 570  LEU A CD2 1 
ATOM   214  N N   . HIS A 1 30  ? 18.820  3.416   -13.936 1.00   27.26 ? 571  HIS A N   1 
ATOM   215  C CA  . HIS A 1 30  ? 18.982  1.994   -13.666 1.00   27.19 ? 571  HIS A CA  1 
ATOM   216  C C   . HIS A 1 30  ? 18.793  1.501   -12.242 1.00   25.57 ? 571  HIS A C   1 
ATOM   217  O O   . HIS A 1 30  ? 19.181  0.374   -11.926 1.00   25.32 ? 571  HIS A O   1 
ATOM   218  C CB  . HIS A 1 30  ? 20.345  1.542   -14.200 1.00   31.48 ? 571  HIS A CB  1 
ATOM   219  C CG  . HIS A 1 30  ? 20.400  1.471   -15.695 1.00   37.99 ? 571  HIS A CG  1 
ATOM   220  N ND1 . HIS A 1 30  ? 20.100  2.552   -16.501 1.00   42.44 ? 571  HIS A ND1 1 
ATOM   221  C CD2 . HIS A 1 30  ? 20.650  0.436   -16.532 1.00   39.53 ? 571  HIS A CD2 1 
ATOM   222  C CE1 . HIS A 1 30  ? 20.158  2.183   -17.768 1.00   42.99 ? 571  HIS A CE1 1 
ATOM   223  N NE2 . HIS A 1 30  ? 20.489  0.904   -17.815 1.00   43.24 ? 571  HIS A NE2 1 
ATOM   224  N N   . THR A 1 31  ? 18.177  2.318   -11.391 1.00   23.99 ? 572  THR A N   1 
ATOM   225  C CA  . THR A 1 31  ? 17.959  1.925   -10.001 1.00   22.42 ? 572  THR A CA  1 
ATOM   226  C C   . THR A 1 31  ? 17.000  0.742   -9.901  1.00   20.94 ? 572  THR A C   1 
ATOM   227  O O   . THR A 1 31  ? 15.949  0.705   -10.541 1.00   19.70 ? 572  THR A O   1 
ATOM   228  C CB  . THR A 1 31  ? 17.401  3.083   -9.149  1.00   23.48 ? 572  THR A CB  1 
ATOM   229  O OG1 . THR A 1 31  ? 16.044  3.338   -9.525  1.00   26.74 ? 572  THR A OG1 1 
ATOM   230  C CG2 . THR A 1 31  ? 18.229  4.343   -9.353  1.00   20.57 ? 572  THR A CG2 1 
ATOM   231  N N   . THR A 1 32  ? 17.383  -0.218  -9.072  1.00   20.07 ? 573  THR A N   1 
ATOM   232  C CA  . THR A 1 32  ? 16.629  -1.439  -8.864  1.00   18.93 ? 573  THR A CA  1 
ATOM   233  C C   . THR A 1 32  ? 15.878  -1.418  -7.533  1.00   18.90 ? 573  THR A C   1 
ATOM   234  O O   . THR A 1 32  ? 14.769  -1.953  -7.417  1.00   18.35 ? 573  THR A O   1 
ATOM   235  C CB  . THR A 1 32  ? 17.600  -2.637  -8.955  1.00   16.76 ? 573  THR A CB  1 
ATOM   236  O OG1 . THR A 1 32  ? 17.286  -3.391  -10.125 1.00   18.83 ? 573  THR A OG1 1 
ATOM   237  C CG2 . THR A 1 32  ? 17.536  -3.518  -7.728  1.00   16.80 ? 573  THR A CG2 1 
ATOM   238  N N   . GLU A 1 33  ? 16.496  -0.802  -6.530  1.00   18.79 ? 574  GLU A N   1 
ATOM   239  C CA  . GLU A 1 33  ? 15.888  -0.662  -5.215  1.00   18.41 ? 574  GLU A CA  1 
ATOM   240  C C   . GLU A 1 33  ? 15.898  0.818   -4.901  1.00   16.65 ? 574  GLU A C   1 
ATOM   241  O O   . GLU A 1 33  ? 16.905  1.482   -5.126  1.00   15.91 ? 574  GLU A O   1 
ATOM   242  C CB  . GLU A 1 33  ? 16.708  -1.357  -4.131  1.00   21.95 ? 574  GLU A CB  1 
ATOM   243  C CG  . GLU A 1 33  ? 16.791  -2.860  -4.183  1.00   29.19 ? 574  GLU A CG  1 
ATOM   244  C CD  . GLU A 1 33  ? 17.431  -3.419  -2.909  1.00   35.32 ? 574  GLU A CD  1 
ATOM   245  O OE1 . GLU A 1 33  ? 16.862  -3.208  -1.812  1.00   37.53 ? 574  GLU A OE1 1 
ATOM   246  O OE2 . GLU A 1 33  ? 18.502  -4.057  -2.997  1.00   37.39 ? 574  GLU A OE2 1 
ATOM   247  N N   . LEU A 1 34  ? 14.789  1.336   -4.388  1.00   15.46 ? 575  LEU A N   1 
ATOM   248  C CA  . LEU A 1 34  ? 14.726  2.749   -4.013  1.00   14.61 ? 575  LEU A CA  1 
ATOM   249  C C   . LEU A 1 34  ? 14.256  2.820   -2.570  1.00   14.23 ? 575  LEU A C   1 
ATOM   250  O O   . LEU A 1 34  ? 13.102  2.513   -2.271  1.00   13.76 ? 575  LEU A O   1 
ATOM   251  C CB  . LEU A 1 34  ? 13.758  3.511   -4.917  1.00   14.42 ? 575  LEU A CB  1 
ATOM   252  C CG  . LEU A 1 34  ? 13.540  5.000   -4.616  1.00   13.90 ? 575  LEU A CG  1 
ATOM   253  C CD1 . LEU A 1 34  ? 14.882  5.714   -4.428  1.00   10.99 ? 575  LEU A CD1 1 
ATOM   254  C CD2 . LEU A 1 34  ? 12.734  5.618   -5.752  1.00   9.80  ? 575  LEU A CD2 1 
ATOM   255  N N   . LEU A 1 35  ? 15.155  3.214   -1.672  1.00   13.91 ? 576  LEU A N   1 
ATOM   256  C CA  . LEU A 1 35  ? 14.822  3.291   -0.254  1.00   13.12 ? 576  LEU A CA  1 
ATOM   257  C C   . LEU A 1 35  ? 14.598  4.708   0.242   1.00   13.25 ? 576  LEU A C   1 
ATOM   258  O O   . LEU A 1 35  ? 15.537  5.488   0.383   1.00   14.49 ? 576  LEU A O   1 
ATOM   259  C CB  . LEU A 1 35  ? 15.922  2.627   0.551   1.00   11.97 ? 576  LEU A CB  1 
ATOM   260  C CG  . LEU A 1 35  ? 16.265  1.249   -0.010  1.00   11.85 ? 576  LEU A CG  1 
ATOM   261  C CD1 . LEU A 1 35  ? 17.389  0.636   0.799   1.00   11.98 ? 576  LEU A CD1 1 
ATOM   262  C CD2 . LEU A 1 35  ? 15.039  0.359   0.037   1.00   12.84 ? 576  LEU A CD2 1 
ATOM   263  N N   . LEU A 1 36  ? 13.341  5.034   0.504   1.00   12.59 ? 577  LEU A N   1 
ATOM   264  C CA  . LEU A 1 36  ? 12.988  6.359   0.983   1.00   12.05 ? 577  LEU A CA  1 
ATOM   265  C C   . LEU A 1 36  ? 12.355  6.259   2.364   1.00   11.91 ? 577  LEU A C   1 
ATOM   266  O O   . LEU A 1 36  ? 11.426  6.984   2.699   1.00   11.93 ? 577  LEU A O   1 
ATOM   267  C CB  . LEU A 1 36  ? 12.034  7.030   -0.005  1.00   10.72 ? 577  LEU A CB  1 
ATOM   268  C CG  . LEU A 1 36  ? 12.666  7.269   -1.379  1.00   10.59 ? 577  LEU A CG  1 
ATOM   269  C CD1 . LEU A 1 36  ? 11.578  7.280   -2.440  1.00   9.12  ? 577  LEU A CD1 1 
ATOM   270  C CD2 . LEU A 1 36  ? 13.481  8.573   -1.370  1.00   8.27  ? 577  LEU A CD2 1 
ATOM   271  N N   . ASN A 1 37  ? 12.885  5.350   3.170   1.00   11.79 ? 578  ASN A N   1 
ATOM   272  C CA  . ASN A 1 37  ? 12.388  5.154   4.514   1.00   11.49 ? 578  ASN A CA  1 
ATOM   273  C C   . ASN A 1 37  ? 12.727  6.330   5.404   1.00   11.48 ? 578  ASN A C   1 
ATOM   274  O O   . ASN A 1 37  ? 13.688  7.058   5.154   1.00   10.85 ? 578  ASN A O   1 
ATOM   275  C CB  . ASN A 1 37  ? 13.000  3.894   5.107   1.00   12.01 ? 578  ASN A CB  1 
ATOM   276  C CG  . ASN A 1 37  ? 12.660  2.666   4.320   1.00   11.68 ? 578  ASN A CG  1 
ATOM   277  O OD1 . ASN A 1 37  ? 13.365  1.662   4.380   1.00   13.99 ? 578  ASN A OD1 1 
ATOM   278  N ND2 . ASN A 1 37  ? 11.570  2.728   3.574   1.00   12.43 ? 578  ASN A ND2 1 
ATOM   279  N N   . ASP A 1 38  ? 11.916  6.508   6.443   1.00   11.92 ? 579  ASP A N   1 
ATOM   280  C CA  . ASP A 1 38  ? 12.121  7.559   7.437   1.00   12.63 ? 579  ASP A CA  1 
ATOM   281  C C   . ASP A 1 38  ? 12.318  8.954   6.872   1.00   13.79 ? 579  ASP A C   1 
ATOM   282  O O   . ASP A 1 38  ? 13.319  9.614   7.156   1.00   14.07 ? 579  ASP A O   1 
ATOM   283  C CB  . ASP A 1 38  ? 13.321  7.211   8.320   1.00   10.55 ? 579  ASP A CB  1 
ATOM   284  C CG  . ASP A 1 38  ? 13.182  5.856   8.974   1.00   11.39 ? 579  ASP A CG  1 
ATOM   285  O OD1 . ASP A 1 38  ? 12.382  5.730   9.918   1.00   7.75  ? 579  ASP A OD1 1 
ATOM   286  O OD2 . ASP A 1 38  ? 13.866  4.909   8.529   1.00   12.94 ? 579  ASP A OD2 1 
ATOM   287  N N   . ASN A 1 39  ? 11.369  9.399   6.064   1.00   13.74 ? 580  ASN A N   1 
ATOM   288  C CA  . ASN A 1 39  ? 11.443  10.730  5.511   1.00   14.04 ? 580  ASN A CA  1 
ATOM   289  C C   . ASN A 1 39  ? 10.161  11.420  5.900   1.00   15.24 ? 580  ASN A C   1 
ATOM   290  O O   . ASN A 1 39  ? 9.400   10.893  6.712   1.00   14.63 ? 580  ASN A O   1 
ATOM   291  C CB  . ASN A 1 39  ? 11.615  10.686  4.003   1.00   13.31 ? 580  ASN A CB  1 
ATOM   292  C CG  . ASN A 1 39  ? 13.043  10.391  3.604   1.00   15.74 ? 580  ASN A CG  1 
ATOM   293  O OD1 . ASN A 1 39  ? 13.964  11.147  3.938   1.00   13.59 ? 580  ASN A OD1 1 
ATOM   294  N ND2 . ASN A 1 39  ? 13.241  9.287   2.892   1.00   14.71 ? 580  ASN A ND2 1 
ATOM   295  N N   . GLU A 1 40  ? 9.915   12.593  5.333   1.00   16.02 ? 581  GLU A N   1 
ATOM   296  C CA  . GLU A 1 40  ? 8.721   13.341  5.686   1.00   17.16 ? 581  GLU A CA  1 
ATOM   297  C C   . GLU A 1 40  ? 7.811   13.591  4.489   1.00   17.27 ? 581  GLU A C   1 
ATOM   298  O O   . GLU A 1 40  ? 7.025   14.541  4.481   1.00   17.51 ? 581  GLU A O   1 
ATOM   299  C CB  . GLU A 1 40  ? 9.146   14.661  6.350   1.00   18.11 ? 581  GLU A CB  1 
ATOM   300  C CG  . GLU A 1 40  ? 9.864   14.456  7.683   1.00   18.50 ? 581  GLU A CG  1 
ATOM   301  C CD  . GLU A 1 40  ? 10.541  15.709  8.223   1.00   20.77 ? 581  GLU A CD  1 
ATOM   302  O OE1 . GLU A 1 40  ? 9.924   16.794  8.211   1.00   22.44 ? 581  GLU A OE1 1 
ATOM   303  O OE2 . GLU A 1 40  ? 11.697  15.606  8.678   1.00   19.40 ? 581  GLU A OE2 1 
ATOM   304  N N   . LEU A 1 41  ? 7.909   12.709  3.497   1.00   17.16 ? 582  LEU A N   1 
ATOM   305  C CA  . LEU A 1 41  ? 7.137   12.809  2.262   1.00   16.59 ? 582  LEU A CA  1 
ATOM   306  C C   . LEU A 1 41  ? 5.684   13.311  2.351   1.00   16.18 ? 582  LEU A C   1 
ATOM   307  O O   . LEU A 1 41  ? 5.336   14.300  1.704   1.00   16.85 ? 582  LEU A O   1 
ATOM   308  C CB  . LEU A 1 41  ? 7.189   11.471  1.523   1.00   16.02 ? 582  LEU A CB  1 
ATOM   309  C CG  . LEU A 1 41  ? 8.277   11.352  0.449   1.00   16.26 ? 582  LEU A CG  1 
ATOM   310  C CD1 . LEU A 1 41  ? 9.647   11.548  1.046   1.00   17.69 ? 582  LEU A CD1 1 
ATOM   311  C CD2 . LEU A 1 41  ? 8.185   9.986   -0.205  1.00   17.37 ? 582  LEU A CD2 1 
ATOM   312  N N   . GLY A 1 42  ? 4.828   12.653  3.124   1.00   15.14 ? 583  GLY A N   1 
ATOM   313  C CA  . GLY A 1 42  ? 3.457   13.131  3.211   1.00   15.33 ? 583  GLY A CA  1 
ATOM   314  C C   . GLY A 1 42  ? 2.430   12.384  2.374   1.00   15.53 ? 583  GLY A C   1 
ATOM   315  O O   . GLY A 1 42  ? 1.356   12.027  2.868   1.00   15.67 ? 583  GLY A O   1 
ATOM   316  N N   . ARG A 1 43  ? 2.737   12.164  1.103   1.00   15.73 ? 584  ARG A N   1 
ATOM   317  C CA  . ARG A 1 43  ? 1.834   11.433  0.218   1.00   16.95 ? 584  ARG A CA  1 
ATOM   318  C C   . ARG A 1 43  ? 2.510   11.246  -1.127  1.00   16.73 ? 584  ARG A C   1 
ATOM   319  O O   . ARG A 1 43  ? 3.354   12.048  -1.514  1.00   17.66 ? 584  ARG A O   1 
ATOM   320  C CB  . ARG A 1 43  ? 0.503   12.176  0.049   1.00   19.17 ? 584  ARG A CB  1 
ATOM   321  C CG  . ARG A 1 43  ? 0.458   13.217  -1.053  1.00   20.94 ? 584  ARG A CG  1 
ATOM   322  C CD  . ARG A 1 43  ? -0.829  14.028  -0.959  1.00   25.23 ? 584  ARG A CD  1 
ATOM   323  N NE  . ARG A 1 43  ? -0.950  14.996  -2.047  1.00   31.42 ? 584  ARG A NE  1 
ATOM   324  C CZ  . ARG A 1 43  ? -1.756  16.059  -2.036  1.00   32.23 ? 584  ARG A CZ  1 
ATOM   325  N NH1 . ARG A 1 43  ? -2.534  16.322  -0.986  1.00   29.93 ? 584  ARG A NH1 1 
ATOM   326  N NH2 . ARG A 1 43  ? -1.784  16.862  -3.091  1.00   31.29 ? 584  ARG A NH2 1 
ATOM   327  N N   . ILE A 1 44  ? 2.164   10.175  -1.830  1.00   16.46 ? 585  ILE A N   1 
ATOM   328  C CA  . ILE A 1 44  ? 2.773   9.915   -3.129  1.00   16.59 ? 585  ILE A CA  1 
ATOM   329  C C   . ILE A 1 44  ? 2.130   10.776  -4.198  1.00   15.44 ? 585  ILE A C   1 
ATOM   330  O O   . ILE A 1 44  ? 0.920   10.746  -4.376  1.00   15.28 ? 585  ILE A O   1 
ATOM   331  C CB  . ILE A 1 44  ? 2.631   8.437   -3.519  1.00   17.09 ? 585  ILE A CB  1 
ATOM   332  C CG1 . ILE A 1 44  ? 3.220   7.564   -2.410  1.00   20.32 ? 585  ILE A CG1 1 
ATOM   333  C CG2 . ILE A 1 44  ? 3.356   8.171   -4.828  1.00   15.76 ? 585  ILE A CG2 1 
ATOM   334  C CD1 . ILE A 1 44  ? 2.847   6.084   -2.515  1.00   24.07 ? 585  ILE A CD1 1 
ATOM   335  N N   . SER A 1 45  ? 2.950   11.552  -4.898  1.00   15.78 ? 586  SER A N   1 
ATOM   336  C CA  . SER A 1 45  ? 2.463   12.433  -5.957  1.00   16.37 ? 586  SER A CA  1 
ATOM   337  C C   . SER A 1 45  ? 2.245   11.681  -7.264  1.00   16.20 ? 586  SER A C   1 
ATOM   338  O O   . SER A 1 45  ? 2.798   10.606  -7.481  1.00   16.48 ? 586  SER A O   1 
ATOM   339  C CB  . SER A 1 45  ? 3.456   13.565  -6.203  1.00   16.27 ? 586  SER A CB  1 
ATOM   340  O OG  . SER A 1 45  ? 3.656   14.313  -5.021  1.00   20.19 ? 586  SER A OG  1 
ATOM   341  N N   . SER A 1 46  ? 1.431   12.250  -8.140  1.00   15.80 ? 587  SER A N   1 
ATOM   342  C CA  . SER A 1 46  ? 1.173   11.609  -9.411  1.00   14.73 ? 587  SER A CA  1 
ATOM   343  C C   . SER A 1 46  ? 1.855   12.400  -10.514 1.00   15.29 ? 587  SER A C   1 
ATOM   344  O O   . SER A 1 46  ? 1.218   13.178  -11.219 1.00   16.86 ? 587  SER A O   1 
ATOM   345  C CB  . SER A 1 46  ? -0.326  11.530  -9.662  1.00   12.13 ? 587  SER A CB  1 
ATOM   346  O OG  . SER A 1 46  ? -0.596  10.775  -10.820 1.00   8.83  ? 587  SER A OG  1 
ATOM   347  N N   . ASP A 1 47  ? 3.165   12.215  -10.637 1.00   14.80 ? 588  ASP A N   1 
ATOM   348  C CA  . ASP A 1 47  ? 3.954   12.890  -11.659 1.00   14.83 ? 588  ASP A CA  1 
ATOM   349  C C   . ASP A 1 47  ? 4.497   11.821  -12.582 1.00   14.73 ? 588  ASP A C   1 
ATOM   350  O O   . ASP A 1 47  ? 5.115   12.120  -13.601 1.00   14.30 ? 588  ASP A O   1 
ATOM   351  C CB  . ASP A 1 47  ? 5.115   13.665  -11.037 1.00   15.73 ? 588  ASP A CB  1 
ATOM   352  C CG  . ASP A 1 47  ? 6.040   12.787  -10.214 1.00   17.81 ? 588  ASP A CG  1 
ATOM   353  O OD1 . ASP A 1 47  ? 5.890   11.541  -10.212 1.00   22.14 ? 588  ASP A OD1 1 
ATOM   354  O OD2 . ASP A 1 47  ? 6.935   13.349  -9.564  1.00   19.15 ? 588  ASP A OD2 1 
ATOM   355  N N   . GLY A 1 48  ? 4.281   10.572  -12.187 1.00   14.51 ? 589  GLY A N   1 
ATOM   356  C CA  . GLY A 1 48  ? 4.705   9.444   -12.992 1.00   15.28 ? 589  GLY A CA  1 
ATOM   357  C C   . GLY A 1 48  ? 6.169   9.071   -13.006 1.00   15.26 ? 589  GLY A C   1 
ATOM   358  O O   . GLY A 1 48  ? 6.640   8.481   -13.980 1.00   14.36 ? 589  GLY A O   1 
ATOM   359  N N   . LEU A 1 49  ? 6.890   9.401   -11.938 1.00   15.67 ? 590  LEU A N   1 
ATOM   360  C CA  . LEU A 1 49  ? 8.307   9.061   -11.855 1.00   16.06 ? 590  LEU A CA  1 
ATOM   361  C C   . LEU A 1 49  ? 8.484   7.548   -11.859 1.00   16.55 ? 590  LEU A C   1 
ATOM   362  O O   . LEU A 1 49  ? 9.345   7.001   -12.552 1.00   16.97 ? 590  LEU A O   1 
ATOM   363  C CB  . LEU A 1 49  ? 8.911   9.632   -10.573 1.00   15.81 ? 590  LEU A CB  1 
ATOM   364  C CG  . LEU A 1 49  ? 10.268  9.096   -10.107 1.00   13.00 ? 590  LEU A CG  1 
ATOM   365  C CD1 . LEU A 1 49  ? 11.331  9.327   -11.171 1.00   12.08 ? 590  LEU A CD1 1 
ATOM   366  C CD2 . LEU A 1 49  ? 10.646  9.797   -8.821  1.00   12.59 ? 590  LEU A CD2 1 
ATOM   367  N N   . PHE A 1 50  ? 7.651   6.870   -11.085 1.00   16.30 ? 591  PHE A N   1 
ATOM   368  C CA  . PHE A 1 50  ? 7.733   5.431   -10.989 1.00   17.47 ? 591  PHE A CA  1 
ATOM   369  C C   . PHE A 1 50  ? 7.594   4.731   -12.327 1.00   18.90 ? 591  PHE A C   1 
ATOM   370  O O   . PHE A 1 50  ? 8.404   3.871   -12.668 1.00   20.09 ? 591  PHE A O   1 
ATOM   371  C CB  . PHE A 1 50  ? 6.681   4.944   -10.006 1.00   16.76 ? 591  PHE A CB  1 
ATOM   372  C CG  . PHE A 1 50  ? 6.862   5.504   -8.630  1.00   15.19 ? 591  PHE A CG  1 
ATOM   373  C CD1 . PHE A 1 50  ? 5.824   6.171   -7.992  1.00   16.94 ? 591  PHE A CD1 1 
ATOM   374  C CD2 . PHE A 1 50  ? 8.082   5.391   -7.986  1.00   12.18 ? 591  PHE A CD2 1 
ATOM   375  C CE1 . PHE A 1 50  ? 6.002   6.721   -6.731  1.00   18.05 ? 591  PHE A CE1 1 
ATOM   376  C CE2 . PHE A 1 50  ? 8.273   5.936   -6.727  1.00   16.14 ? 591  PHE A CE2 1 
ATOM   377  C CZ  . PHE A 1 50  ? 7.234   6.603   -6.094  1.00   16.74 ? 591  PHE A CZ  1 
ATOM   378  N N   . GLY A 1 51  ? 6.574   5.098   -13.093 1.00   19.57 ? 592  GLY A N   1 
ATOM   379  C CA  . GLY A 1 51  ? 6.382   4.469   -14.381 1.00   19.26 ? 592  GLY A CA  1 
ATOM   380  C C   . GLY A 1 51  ? 7.498   4.858   -15.327 1.00   19.81 ? 592  GLY A C   1 
ATOM   381  O O   . GLY A 1 51  ? 7.474   4.511   -16.511 1.00   21.15 ? 592  GLY A O   1 
ATOM   382  N N   . ARG A 1 52  ? 8.493   5.565   -14.802 1.00   19.22 ? 593  ARG A N   1 
ATOM   383  C CA  . ARG A 1 52  ? 9.614   6.035   -15.615 1.00   18.11 ? 593  ARG A CA  1 
ATOM   384  C C   . ARG A 1 52  ? 10.942  5.390   -15.235 1.00   16.61 ? 593  ARG A C   1 
ATOM   385  O O   . ARG A 1 52  ? 11.963  5.649   -15.857 1.00   16.22 ? 593  ARG A O   1 
ATOM   386  C CB  . ARG A 1 52  ? 9.722   7.548   -15.485 1.00   18.20 ? 593  ARG A CB  1 
ATOM   387  C CG  . ARG A 1 52  ? 10.525  8.208   -16.549 1.00   19.40 ? 593  ARG A CG  1 
ATOM   388  C CD  . ARG A 1 52  ? 10.566  9.698   -16.266 1.00   23.87 ? 593  ARG A CD  1 
ATOM   389  N NE  . ARG A 1 52  ? 9.225   10.258  -16.178 1.00   22.74 ? 593  ARG A NE  1 
ATOM   390  C CZ  . ARG A 1 52  ? 8.916   11.329  -15.460 1.00   25.36 ? 593  ARG A CZ  1 
ATOM   391  N NH1 . ARG A 1 52  ? 9.861   11.954  -14.765 1.00   26.84 ? 593  ARG A NH1 1 
ATOM   392  N NH2 . ARG A 1 52  ? 7.666   11.766  -15.427 1.00   24.92 ? 593  ARG A NH2 1 
ATOM   393  N N   . LEU A 1 53  ? 10.926  4.577   -14.188 1.00   15.67 ? 594  LEU A N   1 
ATOM   394  C CA  . LEU A 1 53  ? 12.121  3.871   -13.746 1.00   14.66 ? 594  LEU A CA  1 
ATOM   395  C C   . LEU A 1 53  ? 11.810  2.424   -14.062 1.00   13.74 ? 594  LEU A C   1 
ATOM   396  O O   . LEU A 1 53  ? 11.281  1.700   -13.229 1.00   13.66 ? 594  LEU A O   1 
ATOM   397  C CB  . LEU A 1 53  ? 12.339  4.064   -12.245 1.00   14.44 ? 594  LEU A CB  1 
ATOM   398  C CG  . LEU A 1 53  ? 12.645  5.503   -11.818 1.00   13.60 ? 594  LEU A CG  1 
ATOM   399  C CD1 . LEU A 1 53  ? 12.767  5.573   -10.300 1.00   11.60 ? 594  LEU A CD1 1 
ATOM   400  C CD2 . LEU A 1 53  ? 13.924  5.980   -12.491 1.00   10.42 ? 594  LEU A CD2 1 
ATOM   401  N N   . PRO A 1 54  ? 12.136  1.993   -15.290 1.00   13.56 ? 595  PRO A N   1 
ATOM   402  C CA  . PRO A 1 54  ? 11.923  0.652   -15.837 1.00   13.27 ? 595  PRO A CA  1 
ATOM   403  C C   . PRO A 1 54  ? 12.605  -0.527  -15.138 1.00   14.37 ? 595  PRO A C   1 
ATOM   404  O O   . PRO A 1 54  ? 12.294  -1.680  -15.428 1.00   14.56 ? 595  PRO A O   1 
ATOM   405  C CB  . PRO A 1 54  ? 12.368  0.810   -17.286 1.00   10.22 ? 595  PRO A CB  1 
ATOM   406  C CG  . PRO A 1 54  ? 13.482  1.785   -17.177 1.00   10.28 ? 595  PRO A CG  1 
ATOM   407  C CD  . PRO A 1 54  ? 12.924  2.814   -16.229 1.00   12.37 ? 595  PRO A CD  1 
ATOM   408  N N   . HIS A 1 55  ? 13.519  -0.257  -14.212 1.00   14.77 ? 596  HIS A N   1 
ATOM   409  C CA  . HIS A 1 55  ? 14.198  -1.348  -13.528 1.00   15.27 ? 596  HIS A CA  1 
ATOM   410  C C   . HIS A 1 55  ? 13.906  -1.420  -12.034 1.00   15.18 ? 596  HIS A C   1 
ATOM   411  O O   . HIS A 1 55  ? 14.489  -2.250  -11.325 1.00   15.60 ? 596  HIS A O   1 
ATOM   412  C CB  . HIS A 1 55  ? 15.697  -1.229  -13.747 1.00   15.79 ? 596  HIS A CB  1 
ATOM   413  C CG  . HIS A 1 55  ? 16.091  -1.233  -15.185 1.00   16.05 ? 596  HIS A CG  1 
ATOM   414  N ND1 . HIS A 1 55  ? 15.968  -2.347  -15.984 1.00   17.99 ? 596  HIS A ND1 1 
ATOM   415  C CD2 . HIS A 1 55  ? 16.606  -0.260  -15.971 1.00   19.15 ? 596  HIS A CD2 1 
ATOM   416  C CE1 . HIS A 1 55  ? 16.394  -2.062  -17.200 1.00   18.51 ? 596  HIS A CE1 1 
ATOM   417  N NE2 . HIS A 1 55  ? 16.786  -0.801  -17.219 1.00   19.39 ? 596  HIS A NE2 1 
ATOM   418  N N   . LEU A 1 56  ? 13.006  -0.561  -11.565 1.00   14.11 ? 597  LEU A N   1 
ATOM   419  C CA  . LEU A 1 56  ? 12.637  -0.519  -10.158 1.00   14.09 ? 597  LEU A CA  1 
ATOM   420  C C   . LEU A 1 56  ? 11.772  -1.722  -9.824  1.00   14.24 ? 597  LEU A C   1 
ATOM   421  O O   . LEU A 1 56  ? 10.705  -1.898  -10.403 1.00   14.42 ? 597  LEU A O   1 
ATOM   422  C CB  . LEU A 1 56  ? 11.864  0.763   -9.862  1.00   14.58 ? 597  LEU A CB  1 
ATOM   423  C CG  . LEU A 1 56  ? 11.661  1.185   -8.407  1.00   14.03 ? 597  LEU A CG  1 
ATOM   424  C CD1 . LEU A 1 56  ? 12.987  1.641   -7.812  1.00   14.93 ? 597  LEU A CD1 1 
ATOM   425  C CD2 . LEU A 1 56  ? 10.655  2.330   -8.359  1.00   13.05 ? 597  LEU A CD2 1 
ATOM   426  N N   . VAL A 1 57  ? 12.230  -2.545  -8.885  1.00   14.14 ? 598  VAL A N   1 
ATOM   427  C CA  . VAL A 1 57  ? 11.494  -3.734  -8.497  1.00   13.38 ? 598  VAL A CA  1 
ATOM   428  C C   . VAL A 1 57  ? 11.045  -3.669  -7.043  1.00   14.42 ? 598  VAL A C   1 
ATOM   429  O O   . VAL A 1 57  ? 10.023  -4.256  -6.679  1.00   14.81 ? 598  VAL A O   1 
ATOM   430  C CB  . VAL A 1 57  ? 12.344  -5.005  -8.726  1.00   12.73 ? 598  VAL A CB  1 
ATOM   431  C CG1 . VAL A 1 57  ? 12.928  -4.967  -10.111 1.00   13.91 ? 598  VAL A CG1 1 
ATOM   432  C CG2 . VAL A 1 57  ? 13.461  -5.111  -7.700  1.00   11.82 ? 598  VAL A CG2 1 
ATOM   433  N N   . LYS A 1 58  ? 11.804  -2.955  -6.213  1.00   15.24 ? 599  LYS A N   1 
ATOM   434  C CA  . LYS A 1 58  ? 11.467  -2.810  -4.793  1.00   16.59 ? 599  LYS A CA  1 
ATOM   435  C C   . LYS A 1 58  ? 11.463  -1.340  -4.393  1.00   16.33 ? 599  LYS A C   1 
ATOM   436  O O   . LYS A 1 58  ? 12.412  -0.606  -4.672  1.00   16.95 ? 599  LYS A O   1 
ATOM   437  C CB  . LYS A 1 58  ? 12.466  -3.561  -3.904  1.00   19.52 ? 599  LYS A CB  1 
ATOM   438  C CG  . LYS A 1 58  ? 12.125  -3.466  -2.410  1.00   24.52 ? 599  LYS A CG  1 
ATOM   439  C CD  . LYS A 1 58  ? 13.351  -3.590  -1.497  1.00   27.34 ? 599  LYS A CD  1 
ATOM   440  C CE  . LYS A 1 58  ? 14.019  -4.950  -1.615  1.00   31.61 ? 599  LYS A CE  1 
ATOM   441  N NZ  . LYS A 1 58  ? 15.188  -5.093  -0.702  1.00   30.98 ? 599  LYS A NZ  1 
ATOM   442  N N   . LEU A 1 59  ? 10.393  -0.914  -3.734  1.00   15.90 ? 600  LEU A N   1 
ATOM   443  C CA  . LEU A 1 59  ? 10.268  0.473   -3.303  1.00   15.46 ? 600  LEU A CA  1 
ATOM   444  C C   . LEU A 1 59  ? 9.882   0.530   -1.836  1.00   15.35 ? 600  LEU A C   1 
ATOM   445  O O   . LEU A 1 59  ? 8.879   -0.055  -1.430  1.00   15.78 ? 600  LEU A O   1 
ATOM   446  C CB  . LEU A 1 59  ? 9.215   1.183   -4.146  1.00   15.05 ? 600  LEU A CB  1 
ATOM   447  C CG  . LEU A 1 59  ? 8.887   2.633   -3.802  1.00   13.95 ? 600  LEU A CG  1 
ATOM   448  C CD1 . LEU A 1 59  ? 10.130  3.512   -3.888  1.00   12.04 ? 600  LEU A CD1 1 
ATOM   449  C CD2 . LEU A 1 59  ? 7.819   3.107   -4.768  1.00   13.26 ? 600  LEU A CD2 1 
ATOM   450  N N   . GLU A 1 60  ? 10.675  1.231   -1.036  1.00   14.59 ? 601  GLU A N   1 
ATOM   451  C CA  . GLU A 1 60  ? 10.393  1.325   0.389   1.00   13.99 ? 601  GLU A CA  1 
ATOM   452  C C   . GLU A 1 60  ? 10.085  2.739   0.856   1.00   12.99 ? 601  GLU A C   1 
ATOM   453  O O   . GLU A 1 60  ? 10.906  3.650   0.745   1.00   13.00 ? 601  GLU A O   1 
ATOM   454  C CB  . GLU A 1 60  ? 11.549  0.715   1.191   1.00   14.36 ? 601  GLU A CB  1 
ATOM   455  C CG  . GLU A 1 60  ? 11.592  -0.802  1.042   1.00   16.75 ? 601  GLU A CG  1 
ATOM   456  C CD  . GLU A 1 60  ? 12.611  -1.484  1.939   1.00   18.51 ? 601  GLU A CD  1 
ATOM   457  O OE1 . GLU A 1 60  ? 12.861  -0.984  3.060   1.00   17.55 ? 601  GLU A OE1 1 
ATOM   458  O OE2 . GLU A 1 60  ? 13.146  -2.540  1.523   1.00   19.29 ? 601  GLU A OE2 1 
ATOM   459  N N   . LEU A 1 61  ? 8.876   2.907   1.374   1.00   11.71 ? 602  LEU A N   1 
ATOM   460  C CA  . LEU A 1 61  ? 8.432   4.199   1.848   1.00   11.93 ? 602  LEU A CA  1 
ATOM   461  C C   . LEU A 1 61  ? 7.884   4.080   3.257   1.00   11.93 ? 602  LEU A C   1 
ATOM   462  O O   . LEU A 1 61  ? 6.859   4.684   3.574   1.00   12.46 ? 602  LEU A O   1 
ATOM   463  C CB  . LEU A 1 61  ? 7.345   4.749   0.918   1.00   11.99 ? 602  LEU A CB  1 
ATOM   464  C CG  . LEU A 1 61  ? 7.749   5.113   -0.516  1.00   12.04 ? 602  LEU A CG  1 
ATOM   465  C CD1 . LEU A 1 61  ? 6.530   5.051   -1.431  1.00   10.74 ? 602  LEU A CD1 1 
ATOM   466  C CD2 . LEU A 1 61  ? 8.369   6.494   -0.534  1.00   9.80  ? 602  LEU A CD2 1 
ATOM   467  N N   . LYS A 1 62  ? 8.557   3.313   4.105   1.00   11.70 ? 603  LYS A N   1 
ATOM   468  C CA  . LYS A 1 62  ? 8.088   3.133   5.478   1.00   13.08 ? 603  LYS A CA  1 
ATOM   469  C C   . LYS A 1 62  ? 8.324   4.356   6.340   1.00   14.51 ? 603  LYS A C   1 
ATOM   470  O O   . LYS A 1 62  ? 9.233   5.155   6.082   1.00   14.98 ? 603  LYS A O   1 
ATOM   471  C CB  . LYS A 1 62  ? 8.762   1.923   6.134   1.00   11.83 ? 603  LYS A CB  1 
ATOM   472  C CG  . LYS A 1 62  ? 8.406   0.620   5.481   1.00   11.74 ? 603  LYS A CG  1 
ATOM   473  C CD  . LYS A 1 62  ? 9.630   -0.234  5.265   1.00   11.23 ? 603  LYS A CD  1 
ATOM   474  C CE  . LYS A 1 62  ? 10.158  -0.759  6.563   1.00   13.00 ? 603  LYS A CE  1 
ATOM   475  N NZ  . LYS A 1 62  ? 11.206  -1.784  6.327   1.00   16.16 ? 603  LYS A NZ  1 
ATOM   476  N N   . ARG A 1 63  ? 7.493   4.480   7.373   1.00   15.28 ? 604  ARG A N   1 
ATOM   477  C CA  . ARG A 1 63  ? 7.562   5.580   8.324   1.00   14.92 ? 604  ARG A CA  1 
ATOM   478  C C   . ARG A 1 63  ? 7.770   6.907   7.601   1.00   14.74 ? 604  ARG A C   1 
ATOM   479  O O   . ARG A 1 63  ? 8.835   7.514   7.680   1.00   15.30 ? 604  ARG A O   1 
ATOM   480  C CB  . ARG A 1 63  ? 8.682   5.305   9.333   1.00   13.72 ? 604  ARG A CB  1 
ATOM   481  C CG  . ARG A 1 63  ? 8.481   3.994   10.121  1.00   15.94 ? 604  ARG A CG  1 
ATOM   482  C CD  . ARG A 1 63  ? 9.583   3.767   11.161  1.00   15.61 ? 604  ARG A CD  1 
ATOM   483  N NE  . ARG A 1 63  ? 10.881  3.616   10.514  1.00   18.26 ? 604  ARG A NE  1 
ATOM   484  C CZ  . ARG A 1 63  ? 11.376  2.462   10.081  1.00   19.24 ? 604  ARG A CZ  1 
ATOM   485  N NH1 . ARG A 1 63  ? 10.693  1.337   10.240  1.00   18.52 ? 604  ARG A NH1 1 
ATOM   486  N NH2 . ARG A 1 63  ? 12.540  2.445   9.449   1.00   18.37 ? 604  ARG A NH2 1 
ATOM   487  N N   . ASN A 1 64  ? 6.732   7.352   6.901   1.00   15.10 ? 605  ASN A N   1 
ATOM   488  C CA  . ASN A 1 64  ? 6.782   8.596   6.136   1.00   15.77 ? 605  ASN A CA  1 
ATOM   489  C C   . ASN A 1 64  ? 5.594   9.513   6.393   1.00   16.93 ? 605  ASN A C   1 
ATOM   490  O O   . ASN A 1 64  ? 5.424   10.523  5.712   1.00   17.68 ? 605  ASN A O   1 
ATOM   491  C CB  . ASN A 1 64  ? 6.831   8.276   4.641   1.00   13.05 ? 605  ASN A CB  1 
ATOM   492  C CG  . ASN A 1 64  ? 8.213   8.412   4.064   1.00   10.35 ? 605  ASN A CG  1 
ATOM   493  O OD1 . ASN A 1 64  ? 8.688   9.523   3.841   1.00   12.30 ? 605  ASN A OD1 1 
ATOM   494  N ND2 . ASN A 1 64  ? 8.873   7.281   3.820   1.00   5.00  ? 605  ASN A ND2 1 
ATOM   495  N N   . GLN A 1 65  ? 4.764   9.168   7.361   1.00   18.84 ? 606  GLN A N   1 
ATOM   496  C CA  . GLN A 1 65  ? 3.585   9.983   7.648   1.00   21.23 ? 606  GLN A CA  1 
ATOM   497  C C   . GLN A 1 65  ? 2.683   10.117  6.420   1.00   21.15 ? 606  GLN A C   1 
ATOM   498  O O   . GLN A 1 65  ? 2.040   11.150  6.226   1.00   20.98 ? 606  GLN A O   1 
ATOM   499  C CB  . GLN A 1 65  ? 3.990   11.380  8.093   1.00   24.32 ? 606  GLN A CB  1 
ATOM   500  C CG  . GLN A 1 65  ? 5.142   11.419  9.068   1.00   29.38 ? 606  GLN A CG  1 
ATOM   501  C CD  . GLN A 1 65  ? 5.201   12.739  9.794   1.00   32.48 ? 606  GLN A CD  1 
ATOM   502  O OE1 . GLN A 1 65  ? 4.528   12.928  10.814  1.00   33.65 ? 606  GLN A OE1 1 
ATOM   503  N NE2 . GLN A 1 65  ? 5.987   13.676  9.261   1.00   32.41 ? 606  GLN A NE2 1 
ATOM   504  N N   . LEU A 1 66  ? 2.652   9.081   5.588   1.00   21.25 ? 607  LEU A N   1 
ATOM   505  C CA  . LEU A 1 66  ? 1.813   9.093   4.403   1.00   21.12 ? 607  LEU A CA  1 
ATOM   506  C C   . LEU A 1 66  ? 0.348   8.984   4.783   1.00   21.98 ? 607  LEU A C   1 
ATOM   507  O O   . LEU A 1 66  ? -0.047  8.092   5.538   1.00   20.92 ? 607  LEU A O   1 
ATOM   508  C CB  . LEU A 1 66  ? 2.144   7.925   3.483   1.00   18.51 ? 607  LEU A CB  1 
ATOM   509  C CG  . LEU A 1 66  ? 3.453   7.950   2.720   1.00   16.72 ? 607  LEU A CG  1 
ATOM   510  C CD1 . LEU A 1 66  ? 3.462   6.752   1.788   1.00   17.11 ? 607  LEU A CD1 1 
ATOM   511  C CD2 . LEU A 1 66  ? 3.595   9.240   1.943   1.00   12.58 ? 607  LEU A CD2 1 
ATOM   512  N N   . THR A 1 67  ? -0.449  9.901   4.246   1.00   23.28 ? 608  THR A N   1 
ATOM   513  C CA  . THR A 1 67  ? -1.883  9.911   4.484   1.00   24.04 ? 608  THR A CA  1 
ATOM   514  C C   . THR A 1 67  ? -2.587  9.892   3.134   1.00   24.56 ? 608  THR A C   1 
ATOM   515  O O   . THR A 1 67  ? -3.633  10.514  2.968   1.00   25.53 ? 608  THR A O   1 
ATOM   516  C CB  . THR A 1 67  ? -2.313  11.162  5.248   1.00   25.35 ? 608  THR A CB  1 
ATOM   517  O OG1 . THR A 1 67  ? -1.962  12.328  4.488   1.00   27.58 ? 608  THR A OG1 1 
ATOM   518  C CG2 . THR A 1 67  ? -1.628  11.208  6.618   1.00   25.81 ? 608  THR A CG2 1 
ATOM   519  N N   . GLY A 1 68  ? -1.998  9.188   2.167   1.00   24.61 ? 609  GLY A N   1 
ATOM   520  C CA  . GLY A 1 68  ? -2.597  9.100   0.851   1.00   23.79 ? 609  GLY A CA  1 
ATOM   521  C C   . GLY A 1 68  ? -1.632  9.001   -0.315  1.00   23.71 ? 609  GLY A C   1 
ATOM   522  O O   . GLY A 1 68  ? -0.438  9.276   -0.188  1.00   23.08 ? 609  GLY A O   1 
ATOM   523  N N   . ILE A 1 69  ? -2.181  8.606   -1.464  1.00   24.01 ? 610  ILE A N   1 
ATOM   524  C CA  . ILE A 1 69  ? -1.436  8.445   -2.713  1.00   23.70 ? 610  ILE A CA  1 
ATOM   525  C C   . ILE A 1 69  ? -2.269  9.036   -3.851  1.00   24.05 ? 610  ILE A C   1 
ATOM   526  O O   . ILE A 1 69  ? -3.388  8.590   -4.084  1.00   24.54 ? 610  ILE A O   1 
ATOM   527  C CB  . ILE A 1 69  ? -1.212  6.955   -3.027  1.00   22.42 ? 610  ILE A CB  1 
ATOM   528  C CG1 . ILE A 1 69  ? -0.628  6.250   -1.807  1.00   21.52 ? 610  ILE A CG1 1 
ATOM   529  C CG2 . ILE A 1 69  ? -0.285  6.805   -4.214  1.00   21.43 ? 610  ILE A CG2 1 
ATOM   530  C CD1 . ILE A 1 69  ? -0.589  4.751   -1.937  1.00   20.74 ? 610  ILE A CD1 1 
ATOM   531  N N   . GLU A 1 70  ? -1.743  10.032  -4.557  1.00   24.55 ? 611  GLU A N   1 
ATOM   532  C CA  . GLU A 1 70  ? -2.495  10.631  -5.665  1.00   25.85 ? 611  GLU A CA  1 
ATOM   533  C C   . GLU A 1 70  ? -2.880  9.580   -6.712  1.00   25.38 ? 611  GLU A C   1 
ATOM   534  O O   . GLU A 1 70  ? -2.139  8.627   -6.962  1.00   25.89 ? 611  GLU A O   1 
ATOM   535  C CB  . GLU A 1 70  ? -1.688  11.738  -6.352  1.00   28.46 ? 611  GLU A CB  1 
ATOM   536  C CG  . GLU A 1 70  ? -1.461  12.994  -5.529  1.00   32.73 ? 611  GLU A CG  1 
ATOM   537  C CD  . GLU A 1 70  ? -1.215  14.219  -6.411  1.00   40.46 ? 611  GLU A CD  1 
ATOM   538  O OE1 . GLU A 1 70  ? -0.321  14.176  -7.298  1.00   40.99 ? 611  GLU A OE1 1 
ATOM   539  O OE2 . GLU A 1 70  ? -1.926  15.232  -6.218  1.00   43.90 ? 611  GLU A OE2 1 
ATOM   540  N N   . PRO A 1 71  ? -4.042  9.755   -7.355  1.00   25.00 ? 612  PRO A N   1 
ATOM   541  C CA  . PRO A 1 71  ? -4.512  8.806   -8.376  1.00   24.12 ? 612  PRO A CA  1 
ATOM   542  C C   . PRO A 1 71  ? -3.557  8.643   -9.563  1.00   23.59 ? 612  PRO A C   1 
ATOM   543  O O   . PRO A 1 71  ? -2.913  9.603   -9.987  1.00   24.40 ? 612  PRO A O   1 
ATOM   544  C CB  . PRO A 1 71  ? -5.853  9.406   -8.810  1.00   22.86 ? 612  PRO A CB  1 
ATOM   545  C CG  . PRO A 1 71  ? -6.295  10.194  -7.608  1.00   21.70 ? 612  PRO A CG  1 
ATOM   546  C CD  . PRO A 1 71  ? -5.010  10.853  -7.179  1.00   24.04 ? 612  PRO A CD  1 
ATOM   547  N N   . ASN A 1 72  ? -3.476  7.428   -10.097 1.00   22.72 ? 613  ASN A N   1 
ATOM   548  C CA  . ASN A 1 72  ? -2.626  7.142   -11.253 1.00   21.72 ? 613  ASN A CA  1 
ATOM   549  C C   . ASN A 1 72  ? -1.144  7.396   -11.024 1.00   21.48 ? 613  ASN A C   1 
ATOM   550  O O   . ASN A 1 72  ? -0.417  7.692   -11.975 1.00   21.60 ? 613  ASN A O   1 
ATOM   551  C CB  . ASN A 1 72  ? -3.059  7.981   -12.462 1.00   21.87 ? 613  ASN A CB  1 
ATOM   552  C CG  . ASN A 1 72  ? -4.549  7.896   -12.746 1.00   22.04 ? 613  ASN A CG  1 
ATOM   553  O OD1 . ASN A 1 72  ? -5.127  6.804   -12.829 1.00   20.71 ? 613  ASN A OD1 1 
ATOM   554  N ND2 . ASN A 1 72  ? -5.180  9.055   -12.909 1.00   19.88 ? 613  ASN A ND2 1 
ATOM   555  N N   . ALA A 1 73  ? -0.687  7.281   -9.781  1.00   21.00 ? 614  ALA A N   1 
ATOM   556  C CA  . ALA A 1 73  ? 0.724   7.516   -9.476  1.00   20.00 ? 614  ALA A CA  1 
ATOM   557  C C   . ALA A 1 73  ? 1.616   6.328   -9.828  1.00   19.32 ? 614  ALA A C   1 
ATOM   558  O O   . ALA A 1 73  ? 2.823   6.490   -9.994  1.00   19.60 ? 614  ALA A O   1 
ATOM   559  C CB  . ALA A 1 73  ? 0.893   7.873   -8.005  1.00   18.76 ? 614  ALA A CB  1 
ATOM   560  N N   . PHE A 1 74  ? 1.032   5.139   -9.940  1.00   18.82 ? 615  PHE A N   1 
ATOM   561  C CA  . PHE A 1 74  ? 1.809   3.947   -10.274 1.00   18.99 ? 615  PHE A CA  1 
ATOM   562  C C   . PHE A 1 74  ? 1.462   3.449   -11.666 1.00   20.30 ? 615  PHE A C   1 
ATOM   563  O O   . PHE A 1 74  ? 1.619   2.271   -11.980 1.00   20.05 ? 615  PHE A O   1 
ATOM   564  C CB  . PHE A 1 74  ? 1.567   2.834   -9.254  1.00   15.26 ? 615  PHE A CB  1 
ATOM   565  C CG  . PHE A 1 74  ? 2.115   3.136   -7.896  1.00   11.87 ? 615  PHE A CG  1 
ATOM   566  C CD1 . PHE A 1 74  ? 3.484   3.104   -7.664  1.00   13.15 ? 615  PHE A CD1 1 
ATOM   567  C CD2 . PHE A 1 74  ? 1.267   3.481   -6.853  1.00   10.87 ? 615  PHE A CD2 1 
ATOM   568  C CE1 . PHE A 1 74  ? 4.006   3.414   -6.406  1.00   12.95 ? 615  PHE A CE1 1 
ATOM   569  C CE2 . PHE A 1 74  ? 1.772   3.794   -5.594  1.00   11.53 ? 615  PHE A CE2 1 
ATOM   570  C CZ  . PHE A 1 74  ? 3.145   3.761   -5.369  1.00   12.75 ? 615  PHE A CZ  1 
ATOM   571  N N   . GLU A 1 75  ? 0.985   4.366   -12.498 1.00   21.58 ? 616  GLU A N   1 
ATOM   572  C CA  . GLU A 1 75  ? 0.623   4.036   -13.862 1.00   22.47 ? 616  GLU A CA  1 
ATOM   573  C C   . GLU A 1 75  ? 1.903   3.864   -14.662 1.00   22.68 ? 616  GLU A C   1 
ATOM   574  O O   . GLU A 1 75  ? 2.789   4.723   -14.621 1.00   23.56 ? 616  GLU A O   1 
ATOM   575  C CB  . GLU A 1 75  ? -0.197  5.162   -14.469 1.00   26.26 ? 616  GLU A CB  1 
ATOM   576  C CG  . GLU A 1 75  ? -0.788  4.821   -15.815 1.00   33.65 ? 616  GLU A CG  1 
ATOM   577  C CD  . GLU A 1 75  ? -2.018  3.961   -15.678 1.00   39.45 ? 616  GLU A CD  1 
ATOM   578  O OE1 . GLU A 1 75  ? -2.986  4.439   -15.039 1.00   41.76 ? 616  GLU A OE1 1 
ATOM   579  O OE2 . GLU A 1 75  ? -2.017  2.820   -16.201 1.00   42.22 ? 616  GLU A OE2 1 
ATOM   580  N N   . GLY A 1 76  ? 1.997   2.757   -15.391 1.00   21.91 ? 617  GLY A N   1 
ATOM   581  C CA  . GLY A 1 76  ? 3.175   2.495   -16.193 1.00   20.60 ? 617  GLY A CA  1 
ATOM   582  C C   . GLY A 1 76  ? 4.279   1.820   -15.406 1.00   20.84 ? 617  GLY A C   1 
ATOM   583  O O   . GLY A 1 76  ? 5.345   1.557   -15.948 1.00   21.49 ? 617  GLY A O   1 
ATOM   584  N N   . ALA A 1 77  ? 4.033   1.531   -14.133 1.00   20.62 ? 618  ALA A N   1 
ATOM   585  C CA  . ALA A 1 77  ? 5.038   0.888   -13.297 1.00   20.56 ? 618  ALA A CA  1 
ATOM   586  C C   . ALA A 1 77  ? 4.787   -0.609  -13.098 1.00   20.51 ? 618  ALA A C   1 
ATOM   587  O O   . ALA A 1 77  ? 4.697   -1.088  -11.973 1.00   21.10 ? 618  ALA A O   1 
ATOM   588  C CB  . ALA A 1 77  ? 5.107   1.592   -11.946 1.00   20.09 ? 618  ALA A CB  1 
ATOM   589  N N   . SER A 1 78  ? 4.688   -1.351  -14.194 1.00   20.68 ? 619  SER A N   1 
ATOM   590  C CA  . SER A 1 78  ? 4.440   -2.789  -14.124 1.00   20.16 ? 619  SER A CA  1 
ATOM   591  C C   . SER A 1 78  ? 5.694   -3.538  -13.691 1.00   20.06 ? 619  SER A C   1 
ATOM   592  O O   . SER A 1 78  ? 5.688   -4.763  -13.555 1.00   20.23 ? 619  SER A O   1 
ATOM   593  C CB  . SER A 1 78  ? 3.963   -3.315  -15.486 1.00   19.57 ? 619  SER A CB  1 
ATOM   594  O OG  . SER A 1 78  ? 4.909   -3.045  -16.512 1.00   18.38 ? 619  SER A OG  1 
ATOM   595  N N   . HIS A 1 79  ? 6.773   -2.794  -13.474 1.00   19.53 ? 620  HIS A N   1 
ATOM   596  C CA  . HIS A 1 79  ? 8.030   -3.400  -13.063 1.00   18.21 ? 620  HIS A CA  1 
ATOM   597  C C   . HIS A 1 79  ? 8.081   -3.684  -11.564 1.00   17.48 ? 620  HIS A C   1 
ATOM   598  O O   . HIS A 1 79  ? 8.570   -4.727  -11.147 1.00   18.38 ? 620  HIS A O   1 
ATOM   599  C CB  . HIS A 1 79  ? 9.204   -2.504  -13.472 1.00   17.03 ? 620  HIS A CB  1 
ATOM   600  C CG  . HIS A 1 79  ? 8.885   -1.038  -13.459 1.00   18.97 ? 620  HIS A CG  1 
ATOM   601  N ND1 . HIS A 1 79  ? 8.655   -0.316  -14.613 1.00   19.10 ? 620  HIS A ND1 1 
ATOM   602  C CD2 . HIS A 1 79  ? 8.780   -0.156  -12.436 1.00   18.14 ? 620  HIS A CD2 1 
ATOM   603  C CE1 . HIS A 1 79  ? 8.427   0.949   -14.301 1.00   20.19 ? 620  HIS A CE1 1 
ATOM   604  N NE2 . HIS A 1 79  ? 8.497   1.073   -12.987 1.00   20.05 ? 620  HIS A NE2 1 
ATOM   605  N N   . ILE A 1 80  ? 7.561   -2.766  -10.756 1.00   16.67 ? 621  ILE A N   1 
ATOM   606  C CA  . ILE A 1 80  ? 7.576   -2.920  -9.303  1.00   15.85 ? 621  ILE A CA  1 
ATOM   607  C C   . ILE A 1 80  ? 7.004   -4.255  -8.807  1.00   16.37 ? 621  ILE A C   1 
ATOM   608  O O   . ILE A 1 80  ? 5.962   -4.710  -9.280  1.00   17.47 ? 621  ILE A O   1 
ATOM   609  C CB  . ILE A 1 80  ? 6.825   -1.756  -8.642  1.00   13.56 ? 621  ILE A CB  1 
ATOM   610  C CG1 . ILE A 1 80  ? 7.495   -0.438  -9.040  1.00   11.49 ? 621  ILE A CG1 1 
ATOM   611  C CG2 . ILE A 1 80  ? 6.816   -1.926  -7.131  1.00   13.24 ? 621  ILE A CG2 1 
ATOM   612  C CD1 . ILE A 1 80  ? 6.852   0.798   -8.436  1.00   7.89  ? 621  ILE A CD1 1 
ATOM   613  N N   . GLN A 1 81  ? 7.686   -4.883  -7.851  1.00   15.54 ? 622  GLN A N   1 
ATOM   614  C CA  . GLN A 1 81  ? 7.224   -6.165  -7.333  1.00   15.89 ? 622  GLN A CA  1 
ATOM   615  C C   . GLN A 1 81  ? 7.080   -6.181  -5.828  1.00   15.40 ? 622  GLN A C   1 
ATOM   616  O O   . GLN A 1 81  ? 6.426   -7.059  -5.271  1.00   15.03 ? 622  GLN A O   1 
ATOM   617  C CB  . GLN A 1 81  ? 8.174   -7.274  -7.756  1.00   16.75 ? 622  GLN A CB  1 
ATOM   618  C CG  . GLN A 1 81  ? 8.430   -7.281  -9.245  1.00   21.40 ? 622  GLN A CG  1 
ATOM   619  C CD  . GLN A 1 81  ? 9.229   -8.479  -9.691  1.00   24.69 ? 622  GLN A CD  1 
ATOM   620  O OE1 . GLN A 1 81  ? 8.729   -9.610  -9.705  1.00   27.81 ? 622  GLN A OE1 1 
ATOM   621  N NE2 . GLN A 1 81  ? 10.486  -8.243  -10.052 1.00   26.04 ? 622  GLN A NE2 1 
ATOM   622  N N   . GLU A 1 82  ? 7.690   -5.202  -5.172  1.00   15.11 ? 623  GLU A N   1 
ATOM   623  C CA  . GLU A 1 82  ? 7.618   -5.112  -3.728  1.00   14.84 ? 623  GLU A CA  1 
ATOM   624  C C   . GLU A 1 82  ? 7.411   -3.678  -3.264  1.00   14.59 ? 623  GLU A C   1 
ATOM   625  O O   . GLU A 1 82  ? 8.191   -2.787  -3.600  1.00   14.76 ? 623  GLU A O   1 
ATOM   626  C CB  . GLU A 1 82  ? 8.890   -5.669  -3.114  1.00   16.43 ? 623  GLU A CB  1 
ATOM   627  C CG  . GLU A 1 82  ? 9.000   -5.386  -1.646  1.00   22.43 ? 623  GLU A CG  1 
ATOM   628  C CD  . GLU A 1 82  ? 10.070  -6.206  -0.997  1.00   24.92 ? 623  GLU A CD  1 
ATOM   629  O OE1 . GLU A 1 82  ? 9.879   -7.435  -0.914  1.00   23.96 ? 623  GLU A OE1 1 
ATOM   630  O OE2 . GLU A 1 82  ? 11.097  -5.620  -0.584  1.00   28.26 ? 623  GLU A OE2 1 
ATOM   631  N N   . LEU A 1 83  ? 6.364   -3.457  -2.476  1.00   13.67 ? 624  LEU A N   1 
ATOM   632  C CA  . LEU A 1 83  ? 6.069   -2.120  -1.988  1.00   12.69 ? 624  LEU A CA  1 
ATOM   633  C C   . LEU A 1 83  ? 5.874   -2.112  -0.488  1.00   12.53 ? 624  LEU A C   1 
ATOM   634  O O   . LEU A 1 83  ? 4.915   -2.673  0.031   1.00   12.98 ? 624  LEU A O   1 
ATOM   635  C CB  . LEU A 1 83  ? 4.831   -1.572  -2.686  1.00   11.06 ? 624  LEU A CB  1 
ATOM   636  C CG  . LEU A 1 83  ? 4.514   -0.091  -2.518  1.00   10.14 ? 624  LEU A CG  1 
ATOM   637  C CD1 . LEU A 1 83  ? 5.734   0.778   -2.771  1.00   9.24  ? 624  LEU A CD1 1 
ATOM   638  C CD2 . LEU A 1 83  ? 3.418   0.252   -3.500  1.00   11.14 ? 624  LEU A CD2 1 
ATOM   639  N N   . GLN A 1 84  ? 6.814   -1.468  0.196   1.00   12.35 ? 625  GLN A N   1 
ATOM   640  C CA  . GLN A 1 84  ? 6.818   -1.352  1.643   1.00   11.09 ? 625  GLN A CA  1 
ATOM   641  C C   . GLN A 1 84  ? 6.180   -0.052  2.070   1.00   10.61 ? 625  GLN A C   1 
ATOM   642  O O   . GLN A 1 84  ? 6.797   1.008   1.968   1.00   10.60 ? 625  GLN A O   1 
ATOM   643  C CB  . GLN A 1 84  ? 8.251   -1.395  2.160   1.00   11.19 ? 625  GLN A CB  1 
ATOM   644  C CG  . GLN A 1 84  ? 8.869   -2.756  2.078   1.00   12.49 ? 625  GLN A CG  1 
ATOM   645  C CD  . GLN A 1 84  ? 8.027   -3.788  2.784   1.00   13.97 ? 625  GLN A CD  1 
ATOM   646  O OE1 . GLN A 1 84  ? 7.564   -3.563  3.908   1.00   15.92 ? 625  GLN A OE1 1 
ATOM   647  N NE2 . GLN A 1 84  ? 7.826   -4.929  2.140   1.00   14.50 ? 625  GLN A NE2 1 
ATOM   648  N N   . LEU A 1 85  ? 4.950   -0.137  2.557   1.00   10.07 ? 626  LEU A N   1 
ATOM   649  C CA  . LEU A 1 85  ? 4.225   1.047   2.992   1.00   10.10 ? 626  LEU A CA  1 
ATOM   650  C C   . LEU A 1 85  ? 3.888   1.001   4.469   1.00   10.08 ? 626  LEU A C   1 
ATOM   651  O O   . LEU A 1 85  ? 3.019   1.734   4.923   1.00   9.94  ? 626  LEU A O   1 
ATOM   652  C CB  . LEU A 1 85  ? 2.938   1.186   2.178   1.00   9.79  ? 626  LEU A CB  1 
ATOM   653  C CG  . LEU A 1 85  ? 3.178   1.513   0.701   1.00   9.03  ? 626  LEU A CG  1 
ATOM   654  C CD1 . LEU A 1 85  ? 1.929   1.253   -0.128  1.00   7.85  ? 626  LEU A CD1 1 
ATOM   655  C CD2 . LEU A 1 85  ? 3.634   2.957   0.598   1.00   6.95  ? 626  LEU A CD2 1 
ATOM   656  N N   . GLY A 1 86  ? 4.579   0.143   5.218   1.00   10.56 ? 627  GLY A N   1 
ATOM   657  C CA  . GLY A 1 86  ? 4.307   0.018   6.640   1.00   11.31 ? 627  GLY A CA  1 
ATOM   658  C C   . GLY A 1 86  ? 4.568   1.251   7.494   1.00   12.08 ? 627  GLY A C   1 
ATOM   659  O O   . GLY A 1 86  ? 5.448   2.058   7.188   1.00   11.77 ? 627  GLY A O   1 
ATOM   660  N N   . GLU A 1 87  ? 3.787   1.392   8.565   1.00   12.78 ? 628  GLU A N   1 
ATOM   661  C CA  . GLU A 1 87  ? 3.910   2.503   9.508   1.00   13.99 ? 628  GLU A CA  1 
ATOM   662  C C   . GLU A 1 87  ? 3.659   3.888   8.938   1.00   14.61 ? 628  GLU A C   1 
ATOM   663  O O   . GLU A 1 87  ? 4.480   4.792   9.109   1.00   14.97 ? 628  GLU A O   1 
ATOM   664  C CB  . GLU A 1 87  ? 5.289   2.488   10.167  1.00   14.00 ? 628  GLU A CB  1 
ATOM   665  C CG  . GLU A 1 87  ? 5.653   1.137   10.723  1.00   16.52 ? 628  GLU A CG  1 
ATOM   666  C CD  . GLU A 1 87  ? 6.951   1.154   11.471  1.00   17.09 ? 628  GLU A CD  1 
ATOM   667  O OE1 . GLU A 1 87  ? 6.979   1.738   12.573  1.00   17.84 ? 628  GLU A OE1 1 
ATOM   668  O OE2 . GLU A 1 87  ? 7.938   0.589   10.950  1.00   17.96 ? 628  GLU A OE2 1 
ATOM   669  N N   . ASN A 1 88  ? 2.526   4.056   8.270   1.00   15.08 ? 629  ASN A N   1 
ATOM   670  C CA  . ASN A 1 88  ? 2.157   5.344   7.709   1.00   15.92 ? 629  ASN A CA  1 
ATOM   671  C C   . ASN A 1 88  ? 0.796   5.699   8.264   1.00   16.60 ? 629  ASN A C   1 
ATOM   672  O O   . ASN A 1 88  ? 0.316   5.029   9.171   1.00   16.80 ? 629  ASN A O   1 
ATOM   673  C CB  . ASN A 1 88  ? 2.122   5.274   6.186   1.00   16.68 ? 629  ASN A CB  1 
ATOM   674  C CG  . ASN A 1 88  ? 3.499   5.358   5.575   1.00   16.82 ? 629  ASN A CG  1 
ATOM   675  O OD1 . ASN A 1 88  ? 4.134   6.408   5.612   1.00   17.73 ? 629  ASN A OD1 1 
ATOM   676  N ND2 . ASN A 1 88  ? 3.979   4.249   5.024   1.00   16.75 ? 629  ASN A ND2 1 
ATOM   677  N N   . LYS A 1 89  ? 0.168   6.732   7.713   1.00   18.19 ? 630  LYS A N   1 
ATOM   678  C CA  . LYS A 1 89  ? -1.131  7.185   8.202   1.00   20.36 ? 630  LYS A CA  1 
ATOM   679  C C   . LYS A 1 89  ? -2.233  7.171   7.152   1.00   21.65 ? 630  LYS A C   1 
ATOM   680  O O   . LYS A 1 89  ? -2.942  8.159   6.978   1.00   22.13 ? 630  LYS A O   1 
ATOM   681  C CB  . LYS A 1 89  ? -1.001  8.602   8.761   1.00   21.65 ? 630  LYS A CB  1 
ATOM   682  C CG  . LYS A 1 89  ? -0.053  8.727   9.942   1.00   23.22 ? 630  LYS A CG  1 
ATOM   683  C CD  . LYS A 1 89  ? 0.223   10.190  10.272  1.00   25.94 ? 630  LYS A CD  1 
ATOM   684  C CE  . LYS A 1 89  ? 1.046   10.326  11.559  1.00   29.01 ? 630  LYS A CE  1 
ATOM   685  N NZ  . LYS A 1 89  ? 1.446   11.742  11.868  1.00   30.45 ? 630  LYS A NZ  1 
ATOM   686  N N   . ILE A 1 90  ? -2.385  6.048   6.461   1.00   22.88 ? 631  ILE A N   1 
ATOM   687  C CA  . ILE A 1 90  ? -3.404  5.916   5.424   1.00   23.38 ? 631  ILE A CA  1 
ATOM   688  C C   . ILE A 1 90  ? -4.677  5.388   6.075   1.00   24.54 ? 631  ILE A C   1 
ATOM   689  O O   . ILE A 1 90  ? -4.625  4.420   6.829   1.00   25.07 ? 631  ILE A O   1 
ATOM   690  C CB  . ILE A 1 90  ? -2.908  4.959   4.322   1.00   22.73 ? 631  ILE A CB  1 
ATOM   691  C CG1 . ILE A 1 90  ? -1.711  5.598   3.615   1.00   21.29 ? 631  ILE A CG1 1 
ATOM   692  C CG2 . ILE A 1 90  ? -4.026  4.633   3.355   1.00   22.60 ? 631  ILE A CG2 1 
ATOM   693  C CD1 . ILE A 1 90  ? -0.983  4.687   2.671   1.00   22.73 ? 631  ILE A CD1 1 
ATOM   694  N N   . LYS A 1 91  ? -5.810  6.031   5.791   1.00   25.44 ? 632  LYS A N   1 
ATOM   695  C CA  . LYS A 1 91  ? -7.086  5.641   6.396   1.00   26.33 ? 632  LYS A CA  1 
ATOM   696  C C   . LYS A 1 91  ? -8.077  4.985   5.447   1.00   25.85 ? 632  LYS A C   1 
ATOM   697  O O   . LYS A 1 91  ? -8.885  4.155   5.869   1.00   25.61 ? 632  LYS A O   1 
ATOM   698  C CB  . LYS A 1 91  ? -7.747  6.856   7.046   1.00   27.69 ? 632  LYS A CB  1 
ATOM   699  C CG  . LYS A 1 91  ? -6.934  7.476   8.168   1.00   32.61 ? 632  LYS A CG  1 
ATOM   700  C CD  . LYS A 1 91  ? -7.607  8.724   8.723   1.00   36.57 ? 632  LYS A CD  1 
ATOM   701  C CE  . LYS A 1 91  ? -7.698  9.818   7.662   1.00   41.19 ? 632  LYS A CE  1 
ATOM   702  N NZ  . LYS A 1 91  ? -8.318  11.087  8.173   1.00   44.26 ? 632  LYS A NZ  1 
ATOM   703  N N   . GLU A 1 92  ? -8.022  5.370   4.175   1.00   25.26 ? 633  GLU A N   1 
ATOM   704  C CA  . GLU A 1 92  ? -8.908  4.813   3.158   1.00   24.13 ? 633  GLU A CA  1 
ATOM   705  C C   . GLU A 1 92  ? -8.072  4.263   2.020   1.00   23.58 ? 633  GLU A C   1 
ATOM   706  O O   . GLU A 1 92  ? -6.921  4.653   1.831   1.00   23.39 ? 633  GLU A O   1 
ATOM   707  C CB  . GLU A 1 92  ? -9.827  5.891   2.574   1.00   24.04 ? 633  GLU A CB  1 
ATOM   708  C CG  . GLU A 1 92  ? -10.597 6.722   3.582   1.00   29.19 ? 633  GLU A CG  1 
ATOM   709  C CD  . GLU A 1 92  ? -11.486 7.773   2.918   1.00   32.50 ? 633  GLU A CD  1 
ATOM   710  O OE1 . GLU A 1 92  ? -10.986 8.525   2.054   1.00   34.83 ? 633  GLU A OE1 1 
ATOM   711  O OE2 . GLU A 1 92  ? -12.683 7.858   3.257   1.00   33.86 ? 633  GLU A OE2 1 
ATOM   712  N N   . ILE A 1 93  ? -8.651  3.351   1.257   1.00   23.52 ? 634  ILE A N   1 
ATOM   713  C CA  . ILE A 1 93  ? -7.956  2.816   0.107   1.00   24.54 ? 634  ILE A CA  1 
ATOM   714  C C   . ILE A 1 93  ? -8.839  2.970   -1.118  1.00   24.87 ? 634  ILE A C   1 
ATOM   715  O O   . ILE A 1 93  ? -9.863  2.314   -1.243  1.00   24.60 ? 634  ILE A O   1 
ATOM   716  C CB  . ILE A 1 93  ? -7.561  1.343   0.318   1.00   25.22 ? 634  ILE A CB  1 
ATOM   717  C CG1 . ILE A 1 93  ? -6.414  1.283   1.333   1.00   27.26 ? 634  ILE A CG1 1 
ATOM   718  C CG2 . ILE A 1 93  ? -7.130  0.711   -1.004  1.00   23.04 ? 634  ILE A CG2 1 
ATOM   719  C CD1 . ILE A 1 93  ? -5.881  -0.103  1.598   1.00   28.70 ? 634  ILE A CD1 1 
ATOM   720  N N   . SER A 1 94  ? -8.437  3.871   -2.008  1.00   26.03 ? 635  SER A N   1 
ATOM   721  C CA  . SER A 1 94  ? -9.171  4.144   -3.242  1.00   26.90 ? 635  SER A CA  1 
ATOM   722  C C   . SER A 1 94  ? -8.965  2.996   -4.221  1.00   27.13 ? 635  SER A C   1 
ATOM   723  O O   . SER A 1 94  ? -8.218  2.061   -3.934  1.00   27.35 ? 635  SER A O   1 
ATOM   724  C CB  . SER A 1 94  ? -8.659  5.441   -3.871  1.00   27.71 ? 635  SER A CB  1 
ATOM   725  O OG  . SER A 1 94  ? -8.446  6.435   -2.876  1.00   28.05 ? 635  SER A OG  1 
ATOM   726  N N   . ASN A 1 95  ? -9.617  3.065   -5.378  1.00   27.71 ? 636  ASN A N   1 
ATOM   727  C CA  . ASN A 1 95  ? -9.473  2.017   -6.385  1.00   28.24 ? 636  ASN A CA  1 
ATOM   728  C C   . ASN A 1 95  ? -8.575  2.451   -7.545  1.00   27.78 ? 636  ASN A C   1 
ATOM   729  O O   . ASN A 1 95  ? -8.233  1.642   -8.406  1.00   28.00 ? 636  ASN A O   1 
ATOM   730  C CB  . ASN A 1 95  ? -10.846 1.564   -6.905  1.00   29.21 ? 636  ASN A CB  1 
ATOM   731  C CG  . ASN A 1 95  ? -11.721 2.722   -7.359  1.00   31.94 ? 636  ASN A CG  1 
ATOM   732  O OD1 . ASN A 1 95  ? -11.309 3.559   -8.166  1.00   33.12 ? 636  ASN A OD1 1 
ATOM   733  N ND2 . ASN A 1 95  ? -12.944 2.765   -6.847  1.00   32.20 ? 636  ASN A ND2 1 
ATOM   734  N N   . LYS A 1 96  ? -8.191  3.725   -7.555  1.00   27.30 ? 637  LYS A N   1 
ATOM   735  C CA  . LYS A 1 96  ? -7.307  4.278   -8.582  1.00   27.28 ? 637  LYS A CA  1 
ATOM   736  C C   . LYS A 1 96  ? -5.980  4.599   -7.894  1.00   25.79 ? 637  LYS A C   1 
ATOM   737  O O   . LYS A 1 96  ? -5.239  5.494   -8.300  1.00   25.31 ? 637  LYS A O   1 
ATOM   738  C CB  . LYS A 1 96  ? -7.905  5.569   -9.151  1.00   31.49 ? 637  LYS A CB  1 
ATOM   739  C CG  . LYS A 1 96  ? -8.593  5.431   -10.511 1.00   35.91 ? 637  LYS A CG  1 
ATOM   740  C CD  . LYS A 1 96  ? -9.806  4.513   -10.458 1.00   39.25 ? 637  LYS A CD  1 
ATOM   741  C CE  . LYS A 1 96  ? -10.624 4.619   -11.743 1.00   40.79 ? 637  LYS A CE  1 
ATOM   742  N NZ  . LYS A 1 96  ? -11.905 3.860   -11.656 1.00   42.45 ? 637  LYS A NZ  1 
ATOM   743  N N   . MET A 1 97  ? -5.691  3.823   -6.857  1.00   24.69 ? 638  MET A N   1 
ATOM   744  C CA  . MET A 1 97  ? -4.516  3.997   -6.015  1.00   22.75 ? 638  MET A CA  1 
ATOM   745  C C   . MET A 1 97  ? -3.362  3.044   -6.345  1.00   21.50 ? 638  MET A C   1 
ATOM   746  O O   . MET A 1 97  ? -2.192  3.431   -6.313  1.00   20.90 ? 638  MET A O   1 
ATOM   747  C CB  . MET A 1 97  ? -4.981  3.811   -4.574  1.00   23.46 ? 638  MET A CB  1 
ATOM   748  C CG  . MET A 1 97  ? -4.079  4.308   -3.491  1.00   24.87 ? 638  MET A CG  1 
ATOM   749  S SD  . MET A 1 97  ? -5.015  4.257   -1.943  1.00   26.62 ? 638  MET A SD  1 
ATOM   750  C CE  . MET A 1 97  ? -5.187  6.037   -1.603  1.00   27.24 ? 638  MET A CE  1 
ATOM   751  N N   . PHE A 1 98  ? -3.692  1.796   -6.663  1.00   19.91 ? 639  PHE A N   1 
ATOM   752  C CA  . PHE A 1 98  ? -2.677  0.807   -6.998  1.00   18.14 ? 639  PHE A CA  1 
ATOM   753  C C   . PHE A 1 98  ? -2.776  0.423   -8.471  1.00   17.70 ? 639  PHE A C   1 
ATOM   754  O O   . PHE A 1 98  ? -2.222  -0.582  -8.907  1.00   17.80 ? 639  PHE A O   1 
ATOM   755  C CB  . PHE A 1 98  ? -2.848  -0.430  -6.115  1.00   16.11 ? 639  PHE A CB  1 
ATOM   756  C CG  . PHE A 1 98  ? -2.702  -0.146  -4.647  1.00   14.99 ? 639  PHE A CG  1 
ATOM   757  C CD1 . PHE A 1 98  ? -3.702  -0.515  -3.747  1.00   13.85 ? 639  PHE A CD1 1 
ATOM   758  C CD2 . PHE A 1 98  ? -1.570  0.503   -4.159  1.00   13.38 ? 639  PHE A CD2 1 
ATOM   759  C CE1 . PHE A 1 98  ? -3.577  -0.240  -2.388  1.00   13.32 ? 639  PHE A CE1 1 
ATOM   760  C CE2 . PHE A 1 98  ? -1.432  0.785   -2.797  1.00   12.87 ? 639  PHE A CE2 1 
ATOM   761  C CZ  . PHE A 1 98  ? -2.434  0.415   -1.911  1.00   12.88 ? 639  PHE A CZ  1 
ATOM   762  N N   . LEU A 1 99  ? -3.472  1.249   -9.239  1.00   17.05 ? 640  LEU A N   1 
ATOM   763  C CA  . LEU A 1 99  ? -3.676  1.001   -10.655 1.00   16.90 ? 640  LEU A CA  1 
ATOM   764  C C   . LEU A 1 99  ? -2.373  0.996   -11.447 1.00   16.60 ? 640  LEU A C   1 
ATOM   765  O O   . LEU A 1 99  ? -1.678  2.012   -11.526 1.00   17.25 ? 640  LEU A O   1 
ATOM   766  C CB  . LEU A 1 99  ? -4.639  2.054   -11.209 1.00   19.46 ? 640  LEU A CB  1 
ATOM   767  C CG  . LEU A 1 99  ? -5.115  1.957   -12.660 1.00   24.06 ? 640  LEU A CG  1 
ATOM   768  C CD1 . LEU A 1 99  ? -6.355  2.815   -12.826 1.00   24.33 ? 640  LEU A CD1 1 
ATOM   769  C CD2 . LEU A 1 99  ? -4.007  2.388   -13.624 1.00   23.08 ? 640  LEU A CD2 1 
ATOM   770  N N   . GLY A 1 100 ? -2.054  -0.155  -12.034 1.00   15.53 ? 641  GLY A N   1 
ATOM   771  C CA  . GLY A 1 100 ? -0.847  -0.288  -12.827 1.00   14.75 ? 641  GLY A CA  1 
ATOM   772  C C   . GLY A 1 100 ? 0.113   -1.345  -12.310 1.00   14.92 ? 641  GLY A C   1 
ATOM   773  O O   . GLY A 1 100 ? 0.945   -1.860  -13.047 1.00   15.60 ? 641  GLY A O   1 
ATOM   774  N N   . LEU A 1 101 ? -0.010  -1.694  -11.043 1.00   14.86 ? 642  LEU A N   1 
ATOM   775  C CA  . LEU A 1 101 ? 0.885   -2.671  -10.440 1.00   15.06 ? 642  LEU A CA  1 
ATOM   776  C C   . LEU A 1 101 ? 0.433   -4.122  -10.570 1.00   15.16 ? 642  LEU A C   1 
ATOM   777  O O   . LEU A 1 101 ? 0.349   -4.826  -9.565  1.00   15.91 ? 642  LEU A O   1 
ATOM   778  C CB  . LEU A 1 101 ? 1.069   -2.330  -8.961  1.00   14.23 ? 642  LEU A CB  1 
ATOM   779  C CG  . LEU A 1 101 ? 1.435   -0.866  -8.680  1.00   11.62 ? 642  LEU A CG  1 
ATOM   780  C CD1 . LEU A 1 101 ? 1.055   -0.496  -7.240  1.00   8.36  ? 642  LEU A CD1 1 
ATOM   781  C CD2 . LEU A 1 101 ? 2.919   -0.660  -8.952  1.00   5.82  ? 642  LEU A CD2 1 
ATOM   782  N N   . HIS A 1 102 ? 0.166   -4.583  -11.789 1.00   14.83 ? 643  HIS A N   1 
ATOM   783  C CA  . HIS A 1 102 ? -0.280  -5.958  -11.971 1.00   14.93 ? 643  HIS A CA  1 
ATOM   784  C C   . HIS A 1 102 ? 0.841   -7.013  -11.881 1.00   15.83 ? 643  HIS A C   1 
ATOM   785  O O   . HIS A 1 102 ? 0.599   -8.215  -12.088 1.00   15.98 ? 643  HIS A O   1 
ATOM   786  C CB  . HIS A 1 102 ? -1.048  -6.105  -13.300 1.00   14.39 ? 643  HIS A CB  1 
ATOM   787  C CG  . HIS A 1 102 ? -0.209  -5.888  -14.518 1.00   11.83 ? 643  HIS A CG  1 
ATOM   788  N ND1 . HIS A 1 102 ? 0.242   -4.644  -14.903 1.00   14.09 ? 643  HIS A ND1 1 
ATOM   789  C CD2 . HIS A 1 102 ? 0.283   -6.762  -15.426 1.00   13.11 ? 643  HIS A CD2 1 
ATOM   790  C CE1 . HIS A 1 102 ? 0.977   -4.760  -15.994 1.00   13.41 ? 643  HIS A CE1 1 
ATOM   791  N NE2 . HIS A 1 102 ? 1.018   -6.036  -16.333 1.00   12.95 ? 643  HIS A NE2 1 
ATOM   792  N N   . GLN A 1 103 ? 2.063   -6.574  -11.580 1.00   15.34 ? 644  GLN A N   1 
ATOM   793  C CA  . GLN A 1 103 ? 3.185   -7.503  -11.436 1.00   14.99 ? 644  GLN A CA  1 
ATOM   794  C C   . GLN A 1 103 ? 3.652   -7.530  -9.994  1.00   14.68 ? 644  GLN A C   1 
ATOM   795  O O   . GLN A 1 103 ? 4.502   -8.331  -9.621  1.00   15.43 ? 644  GLN A O   1 
ATOM   796  C CB  . GLN A 1 103 ? 4.355   -7.108  -12.332 1.00   16.96 ? 644  GLN A CB  1 
ATOM   797  C CG  . GLN A 1 103 ? 4.165   -7.503  -13.771 1.00   22.67 ? 644  GLN A CG  1 
ATOM   798  C CD  . GLN A 1 103 ? 3.760   -8.957  -13.904 1.00   28.00 ? 644  GLN A CD  1 
ATOM   799  O OE1 . GLN A 1 103 ? 4.591   -9.858  -13.795 1.00   32.23 ? 644  GLN A OE1 1 
ATOM   800  N NE2 . GLN A 1 103 ? 2.467   -9.193  -14.122 1.00   29.86 ? 644  GLN A NE2 1 
ATOM   801  N N   . LEU A 1 104 ? 3.092   -6.639  -9.186  1.00   13.58 ? 645  LEU A N   1 
ATOM   802  C CA  . LEU A 1 104 ? 3.440   -6.555  -7.776  1.00   12.35 ? 645  LEU A CA  1 
ATOM   803  C C   . LEU A 1 104 ? 3.150   -7.893  -7.100  1.00   11.45 ? 645  LEU A C   1 
ATOM   804  O O   . LEU A 1 104 ? 2.073   -8.446  -7.270  1.00   11.96 ? 645  LEU A O   1 
ATOM   805  C CB  . LEU A 1 104 ? 2.609   -5.455  -7.104  1.00   9.83  ? 645  LEU A CB  1 
ATOM   806  C CG  . LEU A 1 104 ? 3.042   -5.078  -5.688  1.00   9.15  ? 645  LEU A CG  1 
ATOM   807  C CD1 . LEU A 1 104 ? 4.445   -4.506  -5.724  1.00   7.54  ? 645  LEU A CD1 1 
ATOM   808  C CD2 . LEU A 1 104 ? 2.085   -4.066  -5.103  1.00   9.15  ? 645  LEU A CD2 1 
ATOM   809  N N   . LYS A 1 105 ? 4.101   -8.419  -6.336  1.00   10.46 ? 646  LYS A N   1 
ATOM   810  C CA  . LYS A 1 105 ? 3.873   -9.681  -5.649  1.00   10.16 ? 646  LYS A CA  1 
ATOM   811  C C   . LYS A 1 105 ? 3.656   -9.430  -4.168  1.00   10.51 ? 646  LYS A C   1 
ATOM   812  O O   . LYS A 1 105 ? 2.901   -10.149 -3.512  1.00   10.61 ? 646  LYS A O   1 
ATOM   813  C CB  . LYS A 1 105 ? 5.059   -10.619 -5.821  1.00   9.78  ? 646  LYS A CB  1 
ATOM   814  C CG  . LYS A 1 105 ? 5.563   -10.724 -7.238  1.00   16.90 ? 646  LYS A CG  1 
ATOM   815  C CD  . LYS A 1 105 ? 6.448   -11.949 -7.450  1.00   22.34 ? 646  LYS A CD  1 
ATOM   816  C CE  . LYS A 1 105 ? 5.638   -13.246 -7.366  1.00   27.39 ? 646  LYS A CE  1 
ATOM   817  N NZ  . LYS A 1 105 ? 4.484   -13.256 -8.327  1.00   28.93 ? 646  LYS A NZ  1 
ATOM   818  N N   . THR A 1 106 ? 4.299   -8.386  -3.653  1.00   10.00 ? 647  THR A N   1 
ATOM   819  C CA  . THR A 1 106 ? 4.213   -8.065  -2.233  1.00   9.65  ? 647  THR A CA  1 
ATOM   820  C C   . THR A 1 106 ? 3.763   -6.649  -1.884  1.00   8.64  ? 647  THR A C   1 
ATOM   821  O O   . THR A 1 106 ? 4.272   -5.670  -2.407  1.00   8.14  ? 647  THR A O   1 
ATOM   822  C CB  . THR A 1 106 ? 5.579   -8.296  -1.552  1.00   10.73 ? 647  THR A CB  1 
ATOM   823  O OG1 . THR A 1 106 ? 6.022   -9.637  -1.801  1.00   12.76 ? 647  THR A OG1 1 
ATOM   824  C CG2 . THR A 1 106 ? 5.467   -8.069  -0.054  1.00   11.83 ? 647  THR A CG2 1 
ATOM   825  N N   . LEU A 1 107 ? 2.815   -6.546  -0.972  1.00   8.17  ? 648  LEU A N   1 
ATOM   826  C CA  . LEU A 1 107 ? 2.344   -5.240  -0.548  1.00   8.75  ? 648  LEU A CA  1 
ATOM   827  C C   . LEU A 1 107 ? 2.245   -5.181  0.965   1.00   8.93  ? 648  LEU A C   1 
ATOM   828  O O   . LEU A 1 107 ? 1.483   -5.924  1.580   1.00   9.00  ? 648  LEU A O   1 
ATOM   829  C CB  . LEU A 1 107 ? 0.983   -4.929  -1.152  1.00   7.29  ? 648  LEU A CB  1 
ATOM   830  C CG  . LEU A 1 107 ? 0.515   -3.526  -0.787  1.00   6.64  ? 648  LEU A CG  1 
ATOM   831  C CD1 . LEU A 1 107 ? 1.534   -2.497  -1.265  1.00   5.00  ? 648  LEU A CD1 1 
ATOM   832  C CD2 . LEU A 1 107 ? -0.847  -3.279  -1.416  1.00   7.31  ? 648  LEU A CD2 1 
ATOM   833  N N   . ASN A 1 108 ? 3.020   -4.304  1.579   1.00   8.74  ? 649  ASN A N   1 
ATOM   834  C CA  . ASN A 1 108 ? 2.956   -4.211  3.018   1.00   9.12  ? 649  ASN A CA  1 
ATOM   835  C C   . ASN A 1 108 ? 2.286   -2.930  3.481   1.00   9.24  ? 649  ASN A C   1 
ATOM   836  O O   . ASN A 1 108 ? 2.803   -1.840  3.275   1.00   9.60  ? 649  ASN A O   1 
ATOM   837  C CB  . ASN A 1 108 ? 4.344   -4.306  3.621   1.00   8.31  ? 649  ASN A CB  1 
ATOM   838  C CG  . ASN A 1 108 ? 4.294   -4.706  5.061   1.00   8.83  ? 649  ASN A CG  1 
ATOM   839  O OD1 . ASN A 1 108 ? 3.384   -4.303  5.794   1.00   11.54 ? 649  ASN A OD1 1 
ATOM   840  N ND2 . ASN A 1 108 ? 5.256   -5.501  5.485   1.00   5.00  ? 649  ASN A ND2 1 
ATOM   841  N N   . LEU A 1 109 ? 1.123   -3.075  4.103   1.00   10.01 ? 650  LEU A N   1 
ATOM   842  C CA  . LEU A 1 109 ? 0.371   -1.931  4.597   1.00   10.95 ? 650  LEU A CA  1 
ATOM   843  C C   . LEU A 1 109 ? 0.302   -2.012  6.105   1.00   11.74 ? 650  LEU A C   1 
ATOM   844  O O   . LEU A 1 109 ? -0.438  -1.283  6.748   1.00   11.57 ? 650  LEU A O   1 
ATOM   845  C CB  . LEU A 1 109 ? -1.042  -1.919  3.998   1.00   11.39 ? 650  LEU A CB  1 
ATOM   846  C CG  . LEU A 1 109 ? -1.152  -1.389  2.557   1.00   11.58 ? 650  LEU A CG  1 
ATOM   847  C CD1 . LEU A 1 109 ? -2.518  -1.712  1.969   1.00   11.19 ? 650  LEU A CD1 1 
ATOM   848  C CD2 . LEU A 1 109 ? -0.905  0.114   2.556   1.00   8.54  ? 650  LEU A CD2 1 
ATOM   849  N N   . TYR A 1 110 ? 1.090   -2.917  6.665   1.00   13.24 ? 651  TYR A N   1 
ATOM   850  C CA  . TYR A 1 110 ? 1.125   -3.099  8.100   1.00   14.80 ? 651  TYR A CA  1 
ATOM   851  C C   . TYR A 1 110 ? 1.115   -1.768  8.858   1.00   16.53 ? 651  TYR A C   1 
ATOM   852  O O   . TYR A 1 110 ? 1.755   -0.799  8.450   1.00   17.16 ? 651  TYR A O   1 
ATOM   853  C CB  . TYR A 1 110 ? 2.369   -3.897  8.492   1.00   14.16 ? 651  TYR A CB  1 
ATOM   854  C CG  . TYR A 1 110 ? 2.619   -3.911  9.980   1.00   15.71 ? 651  TYR A CG  1 
ATOM   855  C CD1 . TYR A 1 110 ? 1.803   -4.653  10.833  1.00   17.48 ? 651  TYR A CD1 1 
ATOM   856  C CD2 . TYR A 1 110 ? 3.631   -3.131  10.544  1.00   15.51 ? 651  TYR A CD2 1 
ATOM   857  C CE1 . TYR A 1 110 ? 1.981   -4.614  12.222  1.00   18.19 ? 651  TYR A CE1 1 
ATOM   858  C CE2 . TYR A 1 110 ? 3.817   -3.084  11.924  1.00   18.00 ? 651  TYR A CE2 1 
ATOM   859  C CZ  . TYR A 1 110 ? 2.987   -3.829  12.760  1.00   18.91 ? 651  TYR A CZ  1 
ATOM   860  O OH  . TYR A 1 110 ? 3.155   -3.785  14.126  1.00   20.27 ? 651  TYR A OH  1 
ATOM   861  N N   . ASP A 1 111 ? 0.382   -1.755  9.969   1.00   17.51 ? 652  ASP A N   1 
ATOM   862  C CA  . ASP A 1 111 ? 0.240   -0.608  10.862  1.00   18.53 ? 652  ASP A CA  1 
ATOM   863  C C   . ASP A 1 111 ? 0.002   0.762   10.252  1.00   18.53 ? 652  ASP A C   1 
ATOM   864  O O   . ASP A 1 111 ? 0.765   1.696   10.472  1.00   18.76 ? 652  ASP A O   1 
ATOM   865  C CB  . ASP A 1 111 ? 1.432   -0.508  11.819  1.00   21.09 ? 652  ASP A CB  1 
ATOM   866  C CG  . ASP A 1 111 ? 1.188   0.493   12.946  1.00   24.35 ? 652  ASP A CG  1 
ATOM   867  O OD1 . ASP A 1 111 ? 0.251   0.268   13.750  1.00   25.24 ? 652  ASP A OD1 1 
ATOM   868  O OD2 . ASP A 1 111 ? 1.921   1.508   13.026  1.00   26.70 ? 652  ASP A OD2 1 
ATOM   869  N N   . ASN A 1 112 ? -1.061  0.874   9.476   1.00   18.65 ? 653  ASN A N   1 
ATOM   870  C CA  . ASN A 1 112 ? -1.445  2.140   8.898   1.00   18.94 ? 653  ASN A CA  1 
ATOM   871  C C   . ASN A 1 112 ? -2.753  2.405   9.648   1.00   20.60 ? 653  ASN A C   1 
ATOM   872  O O   . ASN A 1 112 ? -2.910  1.926   10.782  1.00   21.09 ? 653  ASN A O   1 
ATOM   873  C CB  . ASN A 1 112 ? -1.659  1.987   7.399   1.00   17.24 ? 653  ASN A CB  1 
ATOM   874  C CG  . ASN A 1 112 ? -0.496  2.540   6.587   1.00   15.52 ? 653  ASN A CG  1 
ATOM   875  O OD1 . ASN A 1 112 ? -0.381  3.748   6.396   1.00   15.08 ? 653  ASN A OD1 1 
ATOM   876  N ND2 . ASN A 1 112 ? 0.376   1.660   6.120   1.00   12.93 ? 653  ASN A ND2 1 
ATOM   877  N N   . GLN A 1 113 ? -3.690  3.139   9.056   1.00   21.10 ? 654  GLN A N   1 
ATOM   878  C CA  . GLN A 1 113 ? -4.954  3.403   9.749   1.00   22.13 ? 654  GLN A CA  1 
ATOM   879  C C   . GLN A 1 113 ? -6.155  3.075   8.891   1.00   21.07 ? 654  GLN A C   1 
ATOM   880  O O   . GLN A 1 113 ? -7.221  3.664   9.030   1.00   19.97 ? 654  GLN A O   1 
ATOM   881  C CB  . GLN A 1 113 ? -5.029  4.866   10.185  1.00   25.03 ? 654  GLN A CB  1 
ATOM   882  C CG  . GLN A 1 113 ? -3.960  5.261   11.173  1.00   29.89 ? 654  GLN A CG  1 
ATOM   883  C CD  . GLN A 1 113 ? -4.143  6.675   11.683  1.00   35.15 ? 654  GLN A CD  1 
ATOM   884  O OE1 . GLN A 1 113 ? -5.069  6.950   12.449  1.00   39.11 ? 654  GLN A OE1 1 
ATOM   885  N NE2 . GLN A 1 113 ? -3.265  7.588   11.254  1.00   33.72 ? 654  GLN A NE2 1 
ATOM   886  N N   . ILE A 1 114 ? -5.961  2.119   8.000   1.00   21.88 ? 655  ILE A N   1 
ATOM   887  C CA  . ILE A 1 114 ? -6.998  1.684   7.081   1.00   22.34 ? 655  ILE A CA  1 
ATOM   888  C C   . ILE A 1 114 ? -8.207  1.104   7.819   1.00   23.08 ? 655  ILE A C   1 
ATOM   889  O O   . ILE A 1 114 ? -8.076  0.186   8.641   1.00   23.08 ? 655  ILE A O   1 
ATOM   890  C CB  . ILE A 1 114 ? -6.421  0.645   6.115   1.00   20.03 ? 655  ILE A CB  1 
ATOM   891  C CG1 . ILE A 1 114 ? -5.223  1.254   5.376   1.00   17.10 ? 655  ILE A CG1 1 
ATOM   892  C CG2 . ILE A 1 114 ? -7.496  0.184   5.151   1.00   21.78 ? 655  ILE A CG2 1 
ATOM   893  C CD1 . ILE A 1 114 ? -4.374  0.243   4.652   1.00   16.03 ? 655  ILE A CD1 1 
ATOM   894  N N   . SER A 1 115 ? -9.383  1.652   7.524   1.00   23.06 ? 656  SER A N   1 
ATOM   895  C CA  . SER A 1 115 ? -10.609 1.197   8.166   1.00   23.20 ? 656  SER A CA  1 
ATOM   896  C C   . SER A 1 115 ? -11.656 0.760   7.152   1.00   23.61 ? 656  SER A C   1 
ATOM   897  O O   . SER A 1 115 ? -12.559 -0.004  7.486   1.00   23.20 ? 656  SER A O   1 
ATOM   898  C CB  . SER A 1 115 ? -11.186 2.305   9.044   1.00   22.26 ? 656  SER A CB  1 
ATOM   899  O OG  . SER A 1 115 ? -11.615 3.400   8.256   1.00   22.33 ? 656  SER A OG  1 
ATOM   900  N N   . CYS A 1 116 ? -11.519 1.238   5.916   1.00   24.08 ? 657  CYS A N   1 
ATOM   901  C CA  . CYS A 1 116 ? -12.450 0.916   4.833   1.00   25.41 ? 657  CYS A CA  1 
ATOM   902  C C   . CYS A 1 116 ? -11.660 0.657   3.550   1.00   24.74 ? 657  CYS A C   1 
ATOM   903  O O   . CYS A 1 116 ? -10.561 1.186   3.376   1.00   24.68 ? 657  CYS A O   1 
ATOM   904  C CB  . CYS A 1 116 ? -13.363 2.099   4.556   1.00   28.93 ? 657  CYS A CB  1 
ATOM   905  S SG  . CYS A 1 116 ? -12.365 3.328   3.675   1.00   38.75 ? 657  CYS A SG  1 
ATOM   906  N N   . VAL A 1 117 ? -12.241 -0.120  2.638   1.00   24.36 ? 658  VAL A N   1 
ATOM   907  C CA  . VAL A 1 117 ? -11.600 -0.433  1.363   1.00   23.68 ? 658  VAL A CA  1 
ATOM   908  C C   . VAL A 1 117 ? -12.617 -0.365  0.221   1.00   24.63 ? 658  VAL A C   1 
ATOM   909  O O   . VAL A 1 117 ? -13.542 -1.174  0.152   1.00   24.69 ? 658  VAL A O   1 
ATOM   910  C CB  . VAL A 1 117 ? -10.974 -1.849  1.373   1.00   21.75 ? 658  VAL A CB  1 
ATOM   911  C CG1 . VAL A 1 117 ? -10.268 -2.120  0.046   1.00   20.10 ? 658  VAL A CG1 1 
ATOM   912  C CG2 . VAL A 1 117 ? -10.010 -1.988  2.524   1.00   19.30 ? 658  VAL A CG2 1 
ATOM   913  N N   . MET A 1 118 ? -12.432 0.599   -0.672  1.00   25.37 ? 659  MET A N   1 
ATOM   914  C CA  . MET A 1 118 ? -13.312 0.790   -1.820  1.00   27.75 ? 659  MET A CA  1 
ATOM   915  C C   . MET A 1 118 ? -13.307 -0.439  -2.737  1.00   28.30 ? 659  MET A C   1 
ATOM   916  O O   . MET A 1 118 ? -12.263 -1.033  -2.984  1.00   28.32 ? 659  MET A O   1 
ATOM   917  C CB  . MET A 1 118 ? -12.847 2.014   -2.605  1.00   30.99 ? 659  MET A CB  1 
ATOM   918  C CG  . MET A 1 118 ? -13.918 2.706   -3.421  1.00   35.17 ? 659  MET A CG  1 
ATOM   919  S SD  . MET A 1 118 ? -13.221 4.145   -4.264  1.00   40.76 ? 659  MET A SD  1 
ATOM   920  C CE  . MET A 1 118 ? -12.572 5.106   -2.845  1.00   37.50 ? 659  MET A CE  1 
ATOM   921  N N   . PRO A 1 119 ? -14.484 -0.837  -3.249  1.00   29.26 ? 660  PRO A N   1 
ATOM   922  C CA  . PRO A 1 119 ? -14.600 -2.001  -4.138  1.00   29.30 ? 660  PRO A CA  1 
ATOM   923  C C   . PRO A 1 119 ? -13.743 -1.891  -5.394  1.00   29.46 ? 660  PRO A C   1 
ATOM   924  O O   . PRO A 1 119 ? -13.678 -0.835  -6.016  1.00   29.73 ? 660  PRO A O   1 
ATOM   925  C CB  . PRO A 1 119 ? -16.088 -2.036  -4.463  1.00   28.65 ? 660  PRO A CB  1 
ATOM   926  C CG  . PRO A 1 119 ? -16.706 -1.522  -3.195  1.00   29.28 ? 660  PRO A CG  1 
ATOM   927  C CD  . PRO A 1 119 ? -15.821 -0.328  -2.887  1.00   29.50 ? 660  PRO A CD  1 
ATOM   928  N N   . GLY A 1 120 ? -13.082 -2.988  -5.755  1.00   29.73 ? 661  GLY A N   1 
ATOM   929  C CA  . GLY A 1 120 ? -12.239 -2.992  -6.939  1.00   29.77 ? 661  GLY A CA  1 
ATOM   930  C C   . GLY A 1 120 ? -10.869 -2.363  -6.753  1.00   29.84 ? 661  GLY A C   1 
ATOM   931  O O   . GLY A 1 120 ? -10.156 -2.125  -7.730  1.00   29.84 ? 661  GLY A O   1 
ATOM   932  N N   . SER A 1 121 ? -10.490 -2.116  -5.502  1.00   29.27 ? 662  SER A N   1 
ATOM   933  C CA  . SER A 1 121 ? -9.206  -1.500  -5.185  1.00   28.86 ? 662  SER A CA  1 
ATOM   934  C C   . SER A 1 121 ? -7.991  -2.419  -5.351  1.00   28.96 ? 662  SER A C   1 
ATOM   935  O O   . SER A 1 121 ? -6.891  -1.954  -5.657  1.00   28.13 ? 662  SER A O   1 
ATOM   936  C CB  . SER A 1 121 ? -9.228  -0.956  -3.753  1.00   28.27 ? 662  SER A CB  1 
ATOM   937  O OG  . SER A 1 121 ? -10.008 0.224   -3.664  1.00   28.10 ? 662  SER A OG  1 
ATOM   938  N N   . PHE A 1 122 ? -8.188  -3.717  -5.144  1.00   28.62 ? 663  PHE A N   1 
ATOM   939  C CA  . PHE A 1 122 ? -7.094  -4.677  -5.253  1.00   28.43 ? 663  PHE A CA  1 
ATOM   940  C C   . PHE A 1 122 ? -7.161  -5.581  -6.493  1.00   29.15 ? 663  PHE A C   1 
ATOM   941  O O   . PHE A 1 122 ? -6.282  -6.423  -6.701  1.00   27.56 ? 663  PHE A O   1 
ATOM   942  C CB  . PHE A 1 122 ? -7.057  -5.553  -4.001  1.00   26.39 ? 663  PHE A CB  1 
ATOM   943  C CG  . PHE A 1 122 ? -6.665  -4.820  -2.752  1.00   24.52 ? 663  PHE A CG  1 
ATOM   944  C CD1 . PHE A 1 122 ? -7.514  -4.787  -1.654  1.00   24.03 ? 663  PHE A CD1 1 
ATOM   945  C CD2 . PHE A 1 122 ? -5.423  -4.211  -2.648  1.00   24.11 ? 663  PHE A CD2 1 
ATOM   946  C CE1 . PHE A 1 122 ? -7.128  -4.164  -0.468  1.00   21.65 ? 663  PHE A CE1 1 
ATOM   947  C CE2 . PHE A 1 122 ? -5.029  -3.585  -1.462  1.00   22.71 ? 663  PHE A CE2 1 
ATOM   948  C CZ  . PHE A 1 122 ? -5.885  -3.565  -0.374  1.00   21.56 ? 663  PHE A CZ  1 
ATOM   949  N N   . GLU A 1 123 ? -8.192  -5.401  -7.317  1.00   30.72 ? 664  GLU A N   1 
ATOM   950  C CA  . GLU A 1 123 ? -8.362  -6.222  -8.515  1.00   32.08 ? 664  GLU A CA  1 
ATOM   951  C C   . GLU A 1 123 ? -7.283  -5.973  -9.559  1.00   31.54 ? 664  GLU A C   1 
ATOM   952  O O   . GLU A 1 123 ? -6.907  -6.873  -10.305 1.00   31.91 ? 664  GLU A O   1 
ATOM   953  C CB  . GLU A 1 123 ? -9.732  -5.973  -9.143  1.00   34.64 ? 664  GLU A CB  1 
ATOM   954  C CG  . GLU A 1 123 ? -9.962  -4.527  -9.559  1.00   41.53 ? 664  GLU A CG  1 
ATOM   955  C CD  . GLU A 1 123 ? -10.813 -4.411  -10.816 1.00   45.79 ? 664  GLU A CD  1 
ATOM   956  O OE1 . GLU A 1 123 ? -11.379 -3.319  -11.058 1.00   47.70 ? 664  GLU A OE1 1 
ATOM   957  O OE2 . GLU A 1 123 ? -10.903 -5.410  -11.567 1.00   47.07 ? 664  GLU A OE2 1 
ATOM   958  N N   . HIS A 1 124 ? -6.785  -4.748  -9.605  1.00   31.35 ? 665  HIS A N   1 
ATOM   959  C CA  . HIS A 1 124 ? -5.750  -4.369  -10.553 1.00   31.35 ? 665  HIS A CA  1 
ATOM   960  C C   . HIS A 1 124 ? -4.427  -5.088  -10.262 1.00   29.89 ? 665  HIS A C   1 
ATOM   961  O O   . HIS A 1 124 ? -3.450  -4.913  -10.997 1.00   30.08 ? 665  HIS A O   1 
ATOM   962  C CB  . HIS A 1 124 ? -5.526  -2.859  -10.471 1.00   35.14 ? 665  HIS A CB  1 
ATOM   963  C CG  . HIS A 1 124 ? -5.553  -2.171  -11.800 1.00   41.05 ? 665  HIS A CG  1 
ATOM   964  N ND1 . HIS A 1 124 ? -6.724  -1.887  -12.468 1.00   43.94 ? 665  HIS A ND1 1 
ATOM   965  C CD2 . HIS A 1 124 ? -4.548  -1.718  -12.589 1.00   44.08 ? 665  HIS A CD2 1 
ATOM   966  C CE1 . HIS A 1 124 ? -6.441  -1.286  -13.611 1.00   45.14 ? 665  HIS A CE1 1 
ATOM   967  N NE2 . HIS A 1 124 ? -5.128  -1.171  -13.709 1.00   45.28 ? 665  HIS A NE2 1 
ATOM   968  N N   . LEU A 1 125 ? -4.402  -5.886  -9.194  1.00   27.25 ? 666  LEU A N   1 
ATOM   969  C CA  . LEU A 1 125 ? -3.197  -6.595  -8.781  1.00   25.09 ? 666  LEU A CA  1 
ATOM   970  C C   . LEU A 1 125 ? -3.232  -8.094  -9.030  1.00   24.48 ? 666  LEU A C   1 
ATOM   971  O O   . LEU A 1 125 ? -3.373  -8.890  -8.100  1.00   23.80 ? 666  LEU A O   1 
ATOM   972  C CB  . LEU A 1 125 ? -2.934  -6.342  -7.301  1.00   23.72 ? 666  LEU A CB  1 
ATOM   973  C CG  . LEU A 1 125 ? -2.973  -4.878  -6.885  1.00   22.87 ? 666  LEU A CG  1 
ATOM   974  C CD1 . LEU A 1 125 ? -2.654  -4.750  -5.410  1.00   22.55 ? 666  LEU A CD1 1 
ATOM   975  C CD2 . LEU A 1 125 ? -1.985  -4.095  -7.726  1.00   23.97 ? 666  LEU A CD2 1 
ATOM   976  N N   . ASN A 1 126 ? -3.063  -8.466  -10.293 1.00   23.93 ? 667  ASN A N   1 
ATOM   977  C CA  . ASN A 1 126 ? -3.080  -9.859  -10.721 1.00   22.71 ? 667  ASN A CA  1 
ATOM   978  C C   . ASN A 1 126 ? -2.130  -10.794 -9.990  1.00   22.28 ? 667  ASN A C   1 
ATOM   979  O O   . ASN A 1 126 ? -2.518  -11.899 -9.618  1.00   22.93 ? 667  ASN A O   1 
ATOM   980  C CB  . ASN A 1 126 ? -2.762  -9.935  -12.212 1.00   22.70 ? 667  ASN A CB  1 
ATOM   981  C CG  . ASN A 1 126 ? -3.700  -9.097  -13.053 1.00   22.82 ? 667  ASN A CG  1 
ATOM   982  O OD1 . ASN A 1 126 ? -3.528  -8.985  -14.263 1.00   21.65 ? 667  ASN A OD1 1 
ATOM   983  N ND2 . ASN A 1 126 ? -4.702  -8.507  -12.415 1.00   24.25 ? 667  ASN A ND2 1 
ATOM   984  N N   . SER A 1 127 ? -0.894  -10.341 -9.780  1.00   21.82 ? 668  SER A N   1 
ATOM   985  C CA  . SER A 1 127 ? 0.169   -11.142 -9.163  1.00   20.08 ? 668  SER A CA  1 
ATOM   986  C C   . SER A 1 127 ? 0.355   -11.172 -7.638  1.00   19.96 ? 668  SER A C   1 
ATOM   987  O O   . SER A 1 127 ? 1.227   -11.889 -7.143  1.00   20.55 ? 668  SER A O   1 
ATOM   988  C CB  . SER A 1 127 ? 1.507   -10.745 -9.797  1.00   19.00 ? 668  SER A CB  1 
ATOM   989  O OG  . SER A 1 127 ? 1.475   -10.862 -11.215 1.00   20.10 ? 668  SER A OG  1 
ATOM   990  N N   . LEU A 1 128 ? -0.441  -10.419 -6.890  1.00   19.34 ? 669  LEU A N   1 
ATOM   991  C CA  . LEU A 1 128 ? -0.292  -10.388 -5.437  1.00   18.99 ? 669  LEU A CA  1 
ATOM   992  C C   . LEU A 1 128 ? -0.243  -11.766 -4.766  1.00   18.93 ? 669  LEU A C   1 
ATOM   993  O O   . LEU A 1 128 ? -1.129  -12.591 -4.967  1.00   19.32 ? 669  LEU A O   1 
ATOM   994  C CB  . LEU A 1 128 ? -1.427  -9.580  -4.806  1.00   18.42 ? 669  LEU A CB  1 
ATOM   995  C CG  . LEU A 1 128 ? -1.012  -8.964  -3.469  1.00   19.52 ? 669  LEU A CG  1 
ATOM   996  C CD1 . LEU A 1 128 ? -0.213  -7.692  -3.750  1.00   17.54 ? 669  LEU A CD1 1 
ATOM   997  C CD2 . LEU A 1 128 ? -2.224  -8.660  -2.614  1.00   20.23 ? 669  LEU A CD2 1 
ATOM   998  N N   . THR A 1 129 ? 0.794   -12.013 -3.966  1.00   18.76 ? 670  THR A N   1 
ATOM   999  C CA  . THR A 1 129 ? 0.919   -13.286 -3.248  1.00   18.60 ? 670  THR A CA  1 
ATOM   1000 C C   . THR A 1 129 ? 1.123   -13.031 -1.762  1.00   18.78 ? 670  THR A C   1 
ATOM   1001 O O   . THR A 1 129 ? 0.985   -13.929 -0.932  1.00   19.36 ? 670  THR A O   1 
ATOM   1002 C CB  . THR A 1 129 ? 2.108   -14.147 -3.741  1.00   17.79 ? 670  THR A CB  1 
ATOM   1003 O OG1 . THR A 1 129 ? 3.333   -13.404 -3.637  1.00   17.26 ? 670  THR A OG1 1 
ATOM   1004 C CG2 . THR A 1 129 ? 1.871   -14.600 -5.165  1.00   16.36 ? 670  THR A CG2 1 
ATOM   1005 N N   . SER A 1 130 ? 1.448   -11.790 -1.434  1.00   18.58 ? 671  SER A N   1 
ATOM   1006 C CA  . SER A 1 130 ? 1.670   -11.404 -0.056  1.00   18.17 ? 671  SER A CA  1 
ATOM   1007 C C   . SER A 1 130 ? 1.040   -10.033 0.210   1.00   17.45 ? 671  SER A C   1 
ATOM   1008 O O   . SER A 1 130 ? 1.366   -9.047  -0.450  1.00   18.03 ? 671  SER A O   1 
ATOM   1009 C CB  . SER A 1 130 ? 3.172   -11.371 0.226   1.00   18.60 ? 671  SER A CB  1 
ATOM   1010 O OG  . SER A 1 130 ? 3.440   -10.801 1.492   1.00   23.63 ? 671  SER A OG  1 
ATOM   1011 N N   . LEU A 1 131 ? 0.124   -9.987  1.169   1.00   16.41 ? 672  LEU A N   1 
ATOM   1012 C CA  . LEU A 1 131 ? -0.550  -8.754  1.532   1.00   15.53 ? 672  LEU A CA  1 
ATOM   1013 C C   . LEU A 1 131 ? -0.510  -8.624  3.037   1.00   14.85 ? 672  LEU A C   1 
ATOM   1014 O O   . LEU A 1 131 ? -1.105  -9.428  3.742   1.00   15.21 ? 672  LEU A O   1 
ATOM   1015 C CB  . LEU A 1 131 ? -2.016  -8.778  1.077   1.00   16.19 ? 672  LEU A CB  1 
ATOM   1016 C CG  . LEU A 1 131 ? -2.825  -7.486  1.251   1.00   14.55 ? 672  LEU A CG  1 
ATOM   1017 C CD1 . LEU A 1 131 ? -2.224  -6.396  0.362   1.00   11.13 ? 672  LEU A CD1 1 
ATOM   1018 C CD2 . LEU A 1 131 ? -4.287  -7.724  0.888   1.00   13.18 ? 672  LEU A CD2 1 
ATOM   1019 N N   . ASN A 1 132 ? 0.205   -7.628  3.541   1.00   14.58 ? 673  ASN A N   1 
ATOM   1020 C CA  . ASN A 1 132 ? 0.260   -7.443  4.978   1.00   14.41 ? 673  ASN A CA  1 
ATOM   1021 C C   . ASN A 1 132 ? -0.725  -6.341  5.350   1.00   13.96 ? 673  ASN A C   1 
ATOM   1022 O O   . ASN A 1 132 ? -0.576  -5.190  4.923   1.00   13.38 ? 673  ASN A O   1 
ATOM   1023 C CB  . ASN A 1 132 ? 1.663   -7.053  5.428   1.00   15.12 ? 673  ASN A CB  1 
ATOM   1024 C CG  . ASN A 1 132 ? 1.885   -7.305  6.904   1.00   14.84 ? 673  ASN A CG  1 
ATOM   1025 O OD1 . ASN A 1 132 ? 1.045   -6.964  7.743   1.00   13.30 ? 673  ASN A OD1 1 
ATOM   1026 N ND2 . ASN A 1 132 ? 3.023   -7.902  7.232   1.00   16.91 ? 673  ASN A ND2 1 
ATOM   1027 N N   . LEU A 1 133 ? -1.728  -6.709  6.142   1.00   13.33 ? 674  LEU A N   1 
ATOM   1028 C CA  . LEU A 1 133 ? -2.760  -5.779  6.572   1.00   13.57 ? 674  LEU A CA  1 
ATOM   1029 C C   . LEU A 1 133 ? -2.942  -5.779  8.083   1.00   13.33 ? 674  LEU A C   1 
ATOM   1030 O O   . LEU A 1 133 ? -3.985  -5.357  8.580   1.00   13.83 ? 674  LEU A O   1 
ATOM   1031 C CB  . LEU A 1 133 ? -4.096  -6.128  5.903   1.00   12.85 ? 674  LEU A CB  1 
ATOM   1032 C CG  . LEU A 1 133 ? -4.187  -5.916  4.393   1.00   12.20 ? 674  LEU A CG  1 
ATOM   1033 C CD1 . LEU A 1 133 ? -5.405  -6.627  3.853   1.00   14.00 ? 674  LEU A CD1 1 
ATOM   1034 C CD2 . LEU A 1 133 ? -4.258  -4.429  4.090   1.00   12.17 ? 674  LEU A CD2 1 
ATOM   1035 N N   . ALA A 1 134 ? -1.933  -6.251  8.807   1.00   12.73 ? 675  ALA A N   1 
ATOM   1036 C CA  . ALA A 1 134 ? -2.005  -6.301  10.259  1.00   12.78 ? 675  ALA A CA  1 
ATOM   1037 C C   . ALA A 1 134 ? -1.954  -4.901  10.873  1.00   14.18 ? 675  ALA A C   1 
ATOM   1038 O O   . ALA A 1 134 ? -1.444  -3.960  10.259  1.00   13.29 ? 675  ALA A O   1 
ATOM   1039 C CB  . ALA A 1 134 ? -0.880  -7.150  10.797  1.00   12.53 ? 675  ALA A CB  1 
ATOM   1040 N N   . SER A 1 135 ? -2.488  -4.779  12.090  1.00   15.94 ? 676  SER A N   1 
ATOM   1041 C CA  . SER A 1 135 ? -2.542  -3.512  12.826  1.00   16.69 ? 676  SER A CA  1 
ATOM   1042 C C   . SER A 1 135 ? -3.365  -2.448  12.133  1.00   17.82 ? 676  SER A C   1 
ATOM   1043 O O   . SER A 1 135 ? -3.065  -1.260  12.219  1.00   17.99 ? 676  SER A O   1 
ATOM   1044 C CB  . SER A 1 135 ? -1.147  -2.960  13.092  1.00   15.15 ? 676  SER A CB  1 
ATOM   1045 O OG  . SER A 1 135 ? -0.564  -3.647  14.182  1.00   19.37 ? 676  SER A OG  1 
ATOM   1046 N N   . ASN A 1 136 ? -4.405  -2.880  11.435  1.00   18.55 ? 677  ASN A N   1 
ATOM   1047 C CA  . ASN A 1 136 ? -5.269  -1.935  10.764  1.00   19.13 ? 677  ASN A CA  1 
ATOM   1048 C C   . ASN A 1 136 ? -6.695  -2.046  11.280  1.00   19.94 ? 677  ASN A C   1 
ATOM   1049 O O   . ASN A 1 136 ? -7.296  -3.120  11.272  1.00   19.17 ? 677  ASN A O   1 
ATOM   1050 C CB  . ASN A 1 136 ? -5.208  -2.142  9.257   1.00   17.82 ? 677  ASN A CB  1 
ATOM   1051 C CG  . ASN A 1 136 ? -4.111  -1.324  8.623   1.00   17.05 ? 677  ASN A CG  1 
ATOM   1052 O OD1 . ASN A 1 136 ? -4.130  -0.098  8.687   1.00   17.28 ? 677  ASN A OD1 1 
ATOM   1053 N ND2 . ASN A 1 136 ? -3.143  -1.993  8.018   1.00   15.33 ? 677  ASN A ND2 1 
ATOM   1054 N N   . PRO A 1 137 ? -7.239  -0.924  11.773  1.00   20.84 ? 678  PRO A N   1 
ATOM   1055 C CA  . PRO A 1 137 ? -8.596  -0.855  12.312  1.00   22.06 ? 678  PRO A CA  1 
ATOM   1056 C C   . PRO A 1 137 ? -9.645  -0.916  11.205  1.00   23.18 ? 678  PRO A C   1 
ATOM   1057 O O   . PRO A 1 137 ? -10.215 0.109   10.816  1.00   23.22 ? 678  PRO A O   1 
ATOM   1058 C CB  . PRO A 1 137 ? -8.598  0.480   13.043  1.00   21.69 ? 678  PRO A CB  1 
ATOM   1059 C CG  . PRO A 1 137 ? -7.714  1.312   12.176  1.00   20.63 ? 678  PRO A CG  1 
ATOM   1060 C CD  . PRO A 1 137 ? -6.561  0.377   11.910  1.00   19.96 ? 678  PRO A CD  1 
ATOM   1061 N N   . PHE A 1 138 ? -9.883  -2.118  10.690  1.00   23.70 ? 679  PHE A N   1 
ATOM   1062 C CA  . PHE A 1 138 ? -10.870 -2.287  9.640   1.00   24.98 ? 679  PHE A CA  1 
ATOM   1063 C C   . PHE A 1 138 ? -12.270 -2.162  10.225  1.00   25.76 ? 679  PHE A C   1 
ATOM   1064 O O   . PHE A 1 138 ? -12.582 -2.764  11.258  1.00   25.50 ? 679  PHE A O   1 
ATOM   1065 C CB  . PHE A 1 138 ? -10.712 -3.654  8.957   1.00   24.99 ? 679  PHE A CB  1 
ATOM   1066 C CG  . PHE A 1 138 ? -9.536  -3.736  8.019   1.00   25.24 ? 679  PHE A CG  1 
ATOM   1067 C CD1 . PHE A 1 138 ? -8.378  -4.416  8.386   1.00   23.84 ? 679  PHE A CD1 1 
ATOM   1068 C CD2 . PHE A 1 138 ? -9.581  -3.115  6.773   1.00   24.77 ? 679  PHE A CD2 1 
ATOM   1069 C CE1 . PHE A 1 138 ? -7.284  -4.480  7.532   1.00   21.00 ? 679  PHE A CE1 1 
ATOM   1070 C CE2 . PHE A 1 138 ? -8.489  -3.174  5.910   1.00   23.50 ? 679  PHE A CE2 1 
ATOM   1071 C CZ  . PHE A 1 138 ? -7.337  -3.860  6.295   1.00   23.29 ? 679  PHE A CZ  1 
ATOM   1072 N N   . ASN A 1 139 ? -13.104 -1.356  9.574   1.00   26.88 ? 680  ASN A N   1 
ATOM   1073 C CA  . ASN A 1 139 ? -14.482 -1.176  10.012  1.00   27.24 ? 680  ASN A CA  1 
ATOM   1074 C C   . ASN A 1 139 ? -15.292 -2.228  9.271   1.00   27.17 ? 680  ASN A C   1 
ATOM   1075 O O   . ASN A 1 139 ? -15.567 -2.102  8.075   1.00   26.49 ? 680  ASN A O   1 
ATOM   1076 C CB  . ASN A 1 139 ? -14.980 0.217   9.666   1.00   28.81 ? 680  ASN A CB  1 
ATOM   1077 C CG  . ASN A 1 139 ? -16.083 0.665   10.584  1.00   30.90 ? 680  ASN A CG  1 
ATOM   1078 O OD1 . ASN A 1 139 ? -17.202 0.166   10.517  1.00   32.16 ? 680  ASN A OD1 1 
ATOM   1079 N ND2 . ASN A 1 139 ? -15.766 1.599   11.474  1.00   34.19 ? 680  ASN A ND2 1 
ATOM   1080 N N   . CYS A 1 140 ? -15.657 -3.274  10.000  1.00   27.83 ? 681  CYS A N   1 
ATOM   1081 C CA  . CYS A 1 140 ? -16.378 -4.397  9.441   1.00   28.34 ? 681  CYS A CA  1 
ATOM   1082 C C   . CYS A 1 140 ? -17.886 -4.264  9.410   1.00   28.99 ? 681  CYS A C   1 
ATOM   1083 O O   . CYS A 1 140 ? -18.591 -4.855  10.230  1.00   29.35 ? 681  CYS A O   1 
ATOM   1084 C CB  . CYS A 1 140 ? -15.966 -5.664  10.188  1.00   28.71 ? 681  CYS A CB  1 
ATOM   1085 S SG  . CYS A 1 140 ? -14.219 -6.099  9.893   1.00   29.37 ? 681  CYS A SG  1 
ATOM   1086 N N   . ASN A 1 141 ? -18.374 -3.486  8.448   1.00   29.21 ? 682  ASN A N   1 
ATOM   1087 C CA  . ASN A 1 141 ? -19.802 -3.278  8.281   1.00   29.42 ? 682  ASN A CA  1 
ATOM   1088 C C   . ASN A 1 141 ? -20.214 -3.630  6.847   1.00   29.76 ? 682  ASN A C   1 
ATOM   1089 O O   . ASN A 1 141 ? -19.465 -4.295  6.129   1.00   30.27 ? 682  ASN A O   1 
ATOM   1090 C CB  . ASN A 1 141 ? -20.167 -1.828  8.615   1.00   29.00 ? 682  ASN A CB  1 
ATOM   1091 C CG  . ASN A 1 141 ? -19.372 -0.823  7.815   1.00   28.74 ? 682  ASN A CG  1 
ATOM   1092 O OD1 . ASN A 1 141 ? -19.031 -1.068  6.659   1.00   30.67 ? 682  ASN A OD1 1 
ATOM   1093 N ND2 . ASN A 1 141 ? -19.090 0.329   8.415   1.00   24.94 ? 682  ASN A ND2 1 
ATOM   1094 N N   . CYS A 1 142 ? -21.401 -3.193  6.435   1.00   29.68 ? 683  CYS A N   1 
ATOM   1095 C CA  . CYS A 1 142 ? -21.913 -3.477  5.092   1.00   29.49 ? 683  CYS A CA  1 
ATOM   1096 C C   . CYS A 1 142 ? -20.969 -3.003  3.973   1.00   29.06 ? 683  CYS A C   1 
ATOM   1097 O O   . CYS A 1 142 ? -20.980 -3.546  2.862   1.00   28.84 ? 683  CYS A O   1 
ATOM   1098 C CB  . CYS A 1 142 ? -23.283 -2.810  4.906   1.00   30.03 ? 683  CYS A CB  1 
ATOM   1099 S SG  . CYS A 1 142 ? -23.193 -1.001  5.092   1.00   33.17 ? 683  CYS A SG  1 
ATOM   1100 N N   . HIS A 1 143 ? -20.159 -1.992  4.272   1.00   27.99 ? 684  HIS A N   1 
ATOM   1101 C CA  . HIS A 1 143 ? -19.229 -1.418  3.299   1.00   27.29 ? 684  HIS A CA  1 
ATOM   1102 C C   . HIS A 1 143 ? -17.993 -2.267  2.958   1.00   27.43 ? 684  HIS A C   1 
ATOM   1103 O O   . HIS A 1 143 ? -17.381 -2.082  1.897   1.00   27.18 ? 684  HIS A O   1 
ATOM   1104 C CB  . HIS A 1 143 ? -18.757 -0.053  3.795   1.00   26.41 ? 684  HIS A CB  1 
ATOM   1105 C CG  . HIS A 1 143 ? -19.788 1.029   3.698   1.00   25.08 ? 684  HIS A CG  1 
ATOM   1106 N ND1 . HIS A 1 143 ? -20.032 1.721   2.531   1.00   23.48 ? 684  HIS A ND1 1 
ATOM   1107 C CD2 . HIS A 1 143 ? -20.602 1.570   4.634   1.00   24.22 ? 684  HIS A CD2 1 
ATOM   1108 C CE1 . HIS A 1 143 ? -20.948 2.647   2.753   1.00   22.65 ? 684  HIS A CE1 1 
ATOM   1109 N NE2 . HIS A 1 143 ? -21.310 2.576   4.022   1.00   24.32 ? 684  HIS A NE2 1 
ATOM   1110 N N   . LEU A 1 144 ? -17.622 -3.182  3.848   1.00   26.89 ? 685  LEU A N   1 
ATOM   1111 C CA  . LEU A 1 144 ? -16.451 -4.015  3.624   1.00   27.48 ? 685  LEU A CA  1 
ATOM   1112 C C   . LEU A 1 144 ? -16.843 -5.474  3.442   1.00   28.26 ? 685  LEU A C   1 
ATOM   1113 O O   . LEU A 1 144 ? -16.003 -6.367  3.531   1.00   28.65 ? 685  LEU A O   1 
ATOM   1114 C CB  . LEU A 1 144 ? -15.483 -3.873  4.807   1.00   28.74 ? 685  LEU A CB  1 
ATOM   1115 C CG  . LEU A 1 144 ? -14.013 -4.297  4.660   1.00   29.03 ? 685  LEU A CG  1 
ATOM   1116 C CD1 . LEU A 1 144 ? -13.312 -3.426  3.624   1.00   27.88 ? 685  LEU A CD1 1 
ATOM   1117 C CD2 . LEU A 1 144 ? -13.313 -4.162  6.005   1.00   28.87 ? 685  LEU A CD2 1 
ATOM   1118 N N   . ALA A 1 145 ? -18.126 -5.716  3.188   1.00   29.02 ? 686  ALA A N   1 
ATOM   1119 C CA  . ALA A 1 145 ? -18.623 -7.074  2.986   1.00   28.71 ? 686  ALA A CA  1 
ATOM   1120 C C   . ALA A 1 145 ? -18.037 -7.663  1.720   1.00   29.01 ? 686  ALA A C   1 
ATOM   1121 O O   . ALA A 1 145 ? -17.725 -8.847  1.686   1.00   30.54 ? 686  ALA A O   1 
ATOM   1122 C CB  . ALA A 1 145 ? -20.135 -7.076  2.899   1.00   28.67 ? 686  ALA A CB  1 
ATOM   1123 N N   . TRP A 1 146 ? -17.891 -6.842  0.680   1.00   28.75 ? 687  TRP A N   1 
ATOM   1124 C CA  . TRP A 1 146 ? -17.321 -7.305  -0.582  1.00   28.40 ? 687  TRP A CA  1 
ATOM   1125 C C   . TRP A 1 146 ? -15.874 -7.757  -0.375  1.00   28.25 ? 687  TRP A C   1 
ATOM   1126 O O   . TRP A 1 146 ? -15.468 -8.812  -0.855  1.00   27.59 ? 687  TRP A O   1 
ATOM   1127 C CB  . TRP A 1 146 ? -17.332 -6.187  -1.624  1.00   29.41 ? 687  TRP A CB  1 
ATOM   1128 C CG  . TRP A 1 146 ? -16.331 -5.110  -1.328  1.00   32.67 ? 687  TRP A CG  1 
ATOM   1129 C CD1 . TRP A 1 146 ? -16.525 -3.991  -0.566  1.00   35.40 ? 687  TRP A CD1 1 
ATOM   1130 C CD2 . TRP A 1 146 ? -14.948 -5.097  -1.710  1.00   33.34 ? 687  TRP A CD2 1 
ATOM   1131 N NE1 . TRP A 1 146 ? -15.350 -3.286  -0.446  1.00   35.59 ? 687  TRP A NE1 1 
ATOM   1132 C CE2 . TRP A 1 146 ? -14.365 -3.943  -1.137  1.00   35.01 ? 687  TRP A CE2 1 
ATOM   1133 C CE3 . TRP A 1 146 ? -14.145 -5.952  -2.475  1.00   32.21 ? 687  TRP A CE3 1 
ATOM   1134 C CZ2 . TRP A 1 146 ? -13.013 -3.621  -1.308  1.00   33.69 ? 687  TRP A CZ2 1 
ATOM   1135 C CZ3 . TRP A 1 146 ? -12.802 -5.633  -2.644  1.00   32.26 ? 687  TRP A CZ3 1 
ATOM   1136 C CH2 . TRP A 1 146 ? -12.252 -4.476  -2.062  1.00   33.87 ? 687  TRP A CH2 1 
ATOM   1137 N N   . PHE A 1 147 ? -15.110 -6.945  0.352   1.00   28.76 ? 688  PHE A N   1 
ATOM   1138 C CA  . PHE A 1 147 ? -13.702 -7.210  0.631   1.00   29.61 ? 688  PHE A CA  1 
ATOM   1139 C C   . PHE A 1 147 ? -13.428 -8.512  1.373   1.00   30.16 ? 688  PHE A C   1 
ATOM   1140 O O   . PHE A 1 147 ? -12.445 -9.197  1.094   1.00   29.69 ? 688  PHE A O   1 
ATOM   1141 C CB  . PHE A 1 147 ? -13.102 -6.053  1.427   1.00   30.06 ? 688  PHE A CB  1 
ATOM   1142 C CG  . PHE A 1 147 ? -11.626 -6.186  1.656   1.00   31.79 ? 688  PHE A CG  1 
ATOM   1143 C CD1 . PHE A 1 147 ? -10.737 -6.149  0.585   1.00   31.81 ? 688  PHE A CD1 1 
ATOM   1144 C CD2 . PHE A 1 147 ? -11.123 -6.387  2.937   1.00   32.96 ? 688  PHE A CD2 1 
ATOM   1145 C CE1 . PHE A 1 147 ? -9.373  -6.314  0.783   1.00   32.16 ? 688  PHE A CE1 1 
ATOM   1146 C CE2 . PHE A 1 147 ? -9.754  -6.552  3.146   1.00   33.87 ? 688  PHE A CE2 1 
ATOM   1147 C CZ  . PHE A 1 147 ? -8.880  -6.516  2.064   1.00   33.30 ? 688  PHE A CZ  1 
ATOM   1148 N N   . ALA A 1 148 ? -14.285 -8.842  2.332   1.00   31.00 ? 689  ALA A N   1 
ATOM   1149 C CA  . ALA A 1 148 ? -14.127 -10.069 3.100   1.00   32.72 ? 689  ALA A CA  1 
ATOM   1150 C C   . ALA A 1 148 ? -14.052 -11.269 2.165   1.00   34.25 ? 689  ALA A C   1 
ATOM   1151 O O   . ALA A 1 148 ? -13.100 -12.053 2.208   1.00   34.07 ? 689  ALA A O   1 
ATOM   1152 C CB  . ALA A 1 148 ? -15.297 -10.238 4.049   1.00   33.06 ? 689  ALA A CB  1 
ATOM   1153 N N   . GLU A 1 149 ? -15.073 -11.395 1.320   1.00   35.95 ? 690  GLU A N   1 
ATOM   1154 C CA  . GLU A 1 149 ? -15.179 -12.488 0.362   1.00   37.36 ? 690  GLU A CA  1 
ATOM   1155 C C   . GLU A 1 149 ? -14.087 -12.426 -0.707  1.00   37.59 ? 690  GLU A C   1 
ATOM   1156 O O   . GLU A 1 149 ? -13.928 -13.360 -1.492  1.00   37.79 ? 690  GLU A O   1 
ATOM   1157 C CB  . GLU A 1 149 ? -16.554 -12.459 -0.312  1.00   39.48 ? 690  GLU A CB  1 
ATOM   1158 C CG  . GLU A 1 149 ? -17.706 -12.086 0.618   1.00   43.86 ? 690  GLU A CG  1 
ATOM   1159 C CD  . GLU A 1 149 ? -17.879 -13.049 1.785   1.00   46.55 ? 690  GLU A CD  1 
ATOM   1160 O OE1 . GLU A 1 149 ? -18.289 -14.212 1.560   1.00   48.58 ? 690  GLU A OE1 1 
ATOM   1161 O OE2 . GLU A 1 149 ? -17.602 -12.639 2.932   1.00   47.84 ? 690  GLU A OE2 1 
ATOM   1162 N N   . TRP A 1 150 ? -13.339 -11.327 -0.741  1.00   37.72 ? 691  TRP A N   1 
ATOM   1163 C CA  . TRP A 1 150 ? -12.266 -11.178 -1.721  1.00   37.95 ? 691  TRP A CA  1 
ATOM   1164 C C   . TRP A 1 150 ? -10.968 -11.810 -1.214  1.00   38.41 ? 691  TRP A C   1 
ATOM   1165 O O   . TRP A 1 150 ? -10.155 -12.309 -1.996  1.00   37.93 ? 691  TRP A O   1 
ATOM   1166 C CB  . TRP A 1 150 ? -12.019 -9.704  -2.023  1.00   37.17 ? 691  TRP A CB  1 
ATOM   1167 C CG  . TRP A 1 150 ? -10.900 -9.516  -2.984  1.00   37.29 ? 691  TRP A CG  1 
ATOM   1168 C CD1 . TRP A 1 150 ? -10.951 -9.642  -4.347  1.00   37.59 ? 691  TRP A CD1 1 
ATOM   1169 C CD2 . TRP A 1 150 ? -9.533  -9.262  -2.655  1.00   37.40 ? 691  TRP A CD2 1 
ATOM   1170 N NE1 . TRP A 1 150 ? -9.695  -9.488  -4.884  1.00   37.10 ? 691  TRP A NE1 1 
ATOM   1171 C CE2 . TRP A 1 150 ? -8.805  -9.254  -3.867  1.00   37.07 ? 691  TRP A CE2 1 
ATOM   1172 C CE3 . TRP A 1 150 ? -8.847  -9.044  -1.451  1.00   36.43 ? 691  TRP A CE3 1 
ATOM   1173 C CZ2 . TRP A 1 150 ? -7.426  -9.036  -3.910  1.00   36.09 ? 691  TRP A CZ2 1 
ATOM   1174 C CZ3 . TRP A 1 150 ? -7.475  -8.828  -1.495  1.00   36.42 ? 691  TRP A CZ3 1 
ATOM   1175 C CH2 . TRP A 1 150 ? -6.781  -8.827  -2.717  1.00   36.42 ? 691  TRP A CH2 1 
ATOM   1176 N N   . LEU A 1 151 ? -10.781 -11.771 0.101   1.00   39.06 ? 692  LEU A N   1 
ATOM   1177 C CA  . LEU A 1 151 ? -9.597  -12.329 0.738   1.00   39.69 ? 692  LEU A CA  1 
ATOM   1178 C C   . LEU A 1 151 ? -9.663  -13.849 0.717   1.00   41.31 ? 692  LEU A C   1 
ATOM   1179 O O   . LEU A 1 151 ? -8.693  -14.526 0.351   1.00   40.72 ? 692  LEU A O   1 
ATOM   1180 C CB  . LEU A 1 151 ? -9.511  -11.851 2.188   1.00   38.12 ? 692  LEU A CB  1 
ATOM   1181 C CG  . LEU A 1 151 ? -9.248  -10.372 2.466   1.00   36.09 ? 692  LEU A CG  1 
ATOM   1182 C CD1 . LEU A 1 151 ? -9.524  -10.076 3.931   1.00   35.16 ? 692  LEU A CD1 1 
ATOM   1183 C CD2 . LEU A 1 151 ? -7.814  -10.030 2.109   1.00   33.29 ? 692  LEU A CD2 1 
ATOM   1184 N N   . ARG A 1 152 ? -10.816 -14.383 1.115   1.00   43.10 ? 693  ARG A N   1 
ATOM   1185 C CA  . ARG A 1 152 ? -11.006 -15.828 1.149   1.00   44.55 ? 693  ARG A CA  1 
ATOM   1186 C C   . ARG A 1 152 ? -11.020 -16.408 -0.257  1.00   44.78 ? 693  ARG A C   1 
ATOM   1187 O O   . ARG A 1 152 ? -10.951 -17.620 -0.434  1.00   44.40 ? 693  ARG A O   1 
ATOM   1188 C CB  . ARG A 1 152 ? -12.314 -16.187 1.858   1.00   45.16 ? 693  ARG A CB  1 
ATOM   1189 C CG  . ARG A 1 152 ? -13.560 -15.822 1.081   1.00   47.63 ? 693  ARG A CG  1 
ATOM   1190 C CD  . ARG A 1 152 ? -14.731 -16.671 1.539   1.00   49.62 ? 693  ARG A CD  1 
ATOM   1191 N NE  . ARG A 1 152 ? -14.977 -16.541 2.972   1.00   50.05 ? 693  ARG A NE  1 
ATOM   1192 C CZ  . ARG A 1 152 ? -15.391 -15.422 3.554   1.00   51.49 ? 693  ARG A CZ  1 
ATOM   1193 N NH1 . ARG A 1 152 ? -15.603 -14.342 2.821   1.00   52.50 ? 693  ARG A NH1 1 
ATOM   1194 N NH2 . ARG A 1 152 ? -15.606 -15.384 4.862   1.00   52.76 ? 693  ARG A NH2 1 
ATOM   1195 N N   . LYS A 1 153 ? -11.112 -15.537 -1.256  1.00   45.71 ? 694  LYS A N   1 
ATOM   1196 C CA  . LYS A 1 153 ? -11.130 -15.993 -2.635  1.00   47.07 ? 694  LYS A CA  1 
ATOM   1197 C C   . LYS A 1 153 ? -9.697  -16.113 -3.109  1.00   47.65 ? 694  LYS A C   1 
ATOM   1198 O O   . LYS A 1 153 ? -9.175  -17.217 -3.248  1.00   48.03 ? 694  LYS A O   1 
ATOM   1199 C CB  . LYS A 1 153 ? -11.889 -15.007 -3.530  1.00   47.79 ? 694  LYS A CB  1 
ATOM   1200 C CG  . LYS A 1 153 ? -12.373 -15.622 -4.843  1.00   48.85 ? 694  LYS A CG  1 
ATOM   1201 C CD  . LYS A 1 153 ? -11.218 -16.096 -5.727  1.00   49.66 ? 694  LYS A CD  1 
ATOM   1202 C CE  . LYS A 1 153 ? -11.661 -17.184 -6.707  1.00   50.23 ? 694  LYS A CE  1 
ATOM   1203 N NZ  . LYS A 1 153 ? -12.793 -16.772 -7.583  1.00   48.69 ? 694  LYS A NZ  1 
ATOM   1204 N N   . LYS A 1 154 ? -9.071  -14.969 -3.359  1.00   48.26 ? 695  LYS A N   1 
ATOM   1205 C CA  . LYS A 1 154 ? -7.690  -14.932 -3.813  1.00   48.84 ? 695  LYS A CA  1 
ATOM   1206 C C   . LYS A 1 154 ? -6.830  -15.902 -3.009  1.00   49.36 ? 695  LYS A C   1 
ATOM   1207 O O   . LYS A 1 154 ? -5.845  -16.437 -3.519  1.00   49.42 ? 695  LYS A O   1 
ATOM   1208 C CB  . LYS A 1 154 ? -7.146  -13.510 -3.693  1.00   48.75 ? 695  LYS A CB  1 
ATOM   1209 C CG  . LYS A 1 154 ? -7.467  -12.624 -4.886  1.00   48.74 ? 695  LYS A CG  1 
ATOM   1210 C CD  . LYS A 1 154 ? -6.455  -12.833 -6.009  1.00   49.05 ? 695  LYS A CD  1 
ATOM   1211 C CE  . LYS A 1 154 ? -5.052  -12.361 -5.592  1.00   48.44 ? 695  LYS A CE  1 
ATOM   1212 N NZ  . LYS A 1 154 ? -4.016  -12.549 -6.658  1.00   47.52 ? 695  LYS A NZ  1 
ATOM   1213 N N   . SER A 1 155 ? -7.211  -16.132 -1.755  1.00   49.85 ? 696  SER A N   1 
ATOM   1214 C CA  . SER A 1 155 ? -6.483  -17.056 -0.892  1.00   51.33 ? 696  SER A CA  1 
ATOM   1215 C C   . SER A 1 155 ? -5.042  -16.609 -0.640  1.00   51.88 ? 696  SER A C   1 
ATOM   1216 O O   . SER A 1 155 ? -4.145  -16.865 -1.447  1.00   52.03 ? 696  SER A O   1 
ATOM   1217 C CB  . SER A 1 155 ? -6.478  -18.453 -1.515  1.00   52.30 ? 696  SER A CB  1 
ATOM   1218 O OG  . SER A 1 155 ? -7.792  -18.875 -1.836  1.00   54.85 ? 696  SER A OG  1 
ATOM   1219 N N   . LEU A 1 156 ? -4.825  -15.952 0.491   1.00   52.06 ? 697  LEU A N   1 
ATOM   1220 C CA  . LEU A 1 156 ? -3.504  -15.470 0.848   1.00   52.52 ? 697  LEU A CA  1 
ATOM   1221 C C   . LEU A 1 156 ? -3.261  -15.794 2.314   0.0000 52.45 ? 697  LEU A C   1 
ATOM   1222 O O   . LEU A 1 156 ? -3.995  -16.583 2.909   0.0000 52.52 ? 697  LEU A O   1 
ATOM   1223 C CB  . LEU A 1 156 ? -3.435  -13.956 0.632   1.00   53.44 ? 697  LEU A CB  1 
ATOM   1224 C CG  . LEU A 1 156 ? -3.803  -13.446 -0.767  1.00   54.80 ? 697  LEU A CG  1 
ATOM   1225 C CD1 . LEU A 1 156 ? -3.907  -11.930 -0.751  1.00   55.40 ? 697  LEU A CD1 1 
ATOM   1226 C CD2 . LEU A 1 156 ? -2.763  -13.901 -1.779  1.00   55.32 ? 697  LEU A CD2 1 
ATOM   1227 N N   . ASN A 1 157 ? -2.231  -15.190 2.896   0.0000 52.39 ? 698  ASN A N   1 
ATOM   1228 C CA  . ASN A 1 157 ? -1.932  -15.413 4.303   0.0000 52.25 ? 698  ASN A CA  1 
ATOM   1229 C C   . ASN A 1 157 ? -3.044  -14.744 5.101   0.0000 52.00 ? 698  ASN A C   1 
ATOM   1230 O O   . ASN A 1 157 ? -2.971  -14.622 6.324   0.0000 52.11 ? 698  ASN A O   1 
ATOM   1231 C CB  . ASN A 1 157 ? -0.580  -14.794 4.667   0.0000 52.54 ? 698  ASN A CB  1 
ATOM   1232 C CG  . ASN A 1 157 ? 0.569   -15.409 3.892   0.0000 52.83 ? 698  ASN A CG  1 
ATOM   1233 O OD1 . ASN A 1 157 ? 0.819   -16.611 3.978   0.0000 53.26 ? 698  ASN A OD1 1 
ATOM   1234 N ND2 . ASN A 1 157 ? 1.277   -14.583 3.129   0.0000 53.06 ? 698  ASN A ND2 1 
ATOM   1235 N N   . GLY A 1 158 ? -4.077  -14.314 4.381   1.00   51.91 ? 699  GLY A N   1 
ATOM   1236 C CA  . GLY A 1 158 ? -5.211  -13.652 4.999   1.00   51.17 ? 699  GLY A CA  1 
ATOM   1237 C C   . GLY A 1 158 ? -4.946  -12.170 5.183   1.00   50.34 ? 699  GLY A C   1 
ATOM   1238 O O   . GLY A 1 158 ? -5.876  -11.376 5.315   1.00   50.44 ? 699  GLY A O   1 
ATOM   1239 N N   . GLY A 1 159 ? -3.667  -11.801 5.176   1.00   49.42 ? 700  GLY A N   1 
ATOM   1240 C CA  . GLY A 1 159 ? -3.286  -10.413 5.368   1.00   47.42 ? 700  GLY A CA  1 
ATOM   1241 C C   . GLY A 1 159 ? -3.131  -10.094 6.846   1.00   45.87 ? 700  GLY A C   1 
ATOM   1242 O O   . GLY A 1 159 ? -2.657  -9.017  7.209   1.00   45.54 ? 700  GLY A O   1 
ATOM   1243 N N   . ALA A 1 160 ? -3.528  -11.044 7.695   1.00   44.24 ? 701  ALA A N   1 
ATOM   1244 C CA  . ALA A 1 160 ? -3.463  -10.897 9.147   1.00   42.27 ? 701  ALA A CA  1 
ATOM   1245 C C   . ALA A 1 160 ? -4.390  -9.759  9.560   1.00   41.09 ? 701  ALA A C   1 
ATOM   1246 O O   . ALA A 1 160 ? -4.305  -9.234  10.676  1.00   40.46 ? 701  ALA A O   1 
ATOM   1247 C CB  . ALA A 1 160 ? -2.032  -10.606 9.587   1.00   41.45 ? 701  ALA A CB  1 
ATOM   1248 N N   . ALA A 1 161 ? -5.281  -9.395  8.638   1.00   39.62 ? 702  ALA A N   1 
ATOM   1249 C CA  . ALA A 1 161 ? -6.244  -8.320  8.844   1.00   38.24 ? 702  ALA A CA  1 
ATOM   1250 C C   . ALA A 1 161 ? -7.330  -8.680  9.857   1.00   37.38 ? 702  ALA A C   1 
ATOM   1251 O O   . ALA A 1 161 ? -7.908  -9.770  9.814   1.00   36.47 ? 702  ALA A O   1 
ATOM   1252 C CB  . ALA A 1 161 ? -6.875  -7.946  7.516   1.00   37.81 ? 702  ALA A CB  1 
ATOM   1253 N N   . ARG A 1 162 ? -7.609  -7.754  10.766  1.00   36.61 ? 703  ARG A N   1 
ATOM   1254 C CA  . ARG A 1 162 ? -8.622  -7.976  11.783  1.00   36.51 ? 703  ARG A CA  1 
ATOM   1255 C C   . ARG A 1 162 ? -9.585  -6.801  11.874  1.00   36.40 ? 703  ARG A C   1 
ATOM   1256 O O   . ARG A 1 162 ? -9.244  -5.682  11.502  1.00   35.79 ? 703  ARG A O   1 
ATOM   1257 C CB  . ARG A 1 162 ? -7.964  -8.185  13.145  1.00   37.57 ? 703  ARG A CB  1 
ATOM   1258 C CG  . ARG A 1 162 ? -7.138  -9.452  13.296  1.00   38.68 ? 703  ARG A CG  1 
ATOM   1259 C CD  . ARG A 1 162 ? -6.604  -9.538  14.723  1.00   41.94 ? 703  ARG A CD  1 
ATOM   1260 N NE  . ARG A 1 162 ? -5.781  -10.717 14.978  1.00   45.71 ? 703  ARG A NE  1 
ATOM   1261 C CZ  . ARG A 1 162 ? -6.197  -11.972 14.831  1.00   48.79 ? 703  ARG A CZ  1 
ATOM   1262 N NH1 . ARG A 1 162 ? -7.435  -12.224 14.417  1.00   49.80 ? 703  ARG A NH1 1 
ATOM   1263 N NH2 . ARG A 1 162 ? -5.380  -12.980 15.115  1.00   49.76 ? 703  ARG A NH2 1 
ATOM   1264 N N   . CYS A 1 163 ? -10.788 -7.056  12.375  1.00   36.81 ? 704  CYS A N   1 
ATOM   1265 C CA  . CYS A 1 163 ? -11.776 -5.993  12.516  1.00   37.93 ? 704  CYS A CA  1 
ATOM   1266 C C   . CYS A 1 163 ? -11.435 -5.135  13.723  1.00   39.60 ? 704  CYS A C   1 
ATOM   1267 O O   . CYS A 1 163 ? -11.060 -5.651  14.773  1.00   40.14 ? 704  CYS A O   1 
ATOM   1268 C CB  . CYS A 1 163 ? -13.181 -6.573  12.690  1.00   35.79 ? 704  CYS A CB  1 
ATOM   1269 S SG  . CYS A 1 163 ? -13.789 -7.528  11.270  1.00   29.01 ? 704  CYS A SG  1 
ATOM   1270 N N   . GLY A 1 164 ? -11.572 -3.825  13.577  1.00   41.24 ? 705  GLY A N   1 
ATOM   1271 C CA  . GLY A 1 164 ? -11.267 -2.944  14.687  1.00   44.17 ? 705  GLY A CA  1 
ATOM   1272 C C   . GLY A 1 164 ? -12.332 -1.895  14.954  1.00   46.41 ? 705  GLY A C   1 
ATOM   1273 O O   . GLY A 1 164 ? -12.009 -0.789  15.400  1.00   46.34 ? 705  GLY A O   1 
ATOM   1274 N N   . ALA A 1 165 ? -13.596 -2.234  14.688  1.00   48.38 ? 706  ALA A N   1 
ATOM   1275 C CA  . ALA A 1 165 ? -14.705 -1.304  14.906  1.00   50.48 ? 706  ALA A CA  1 
ATOM   1276 C C   . ALA A 1 165 ? -15.969 -1.968  15.470  1.00   52.29 ? 706  ALA A C   1 
ATOM   1277 O O   . ALA A 1 165 ? -16.449 -1.596  16.550  1.00   53.22 ? 706  ALA A O   1 
ATOM   1278 C CB  . ALA A 1 165 ? -15.036 -0.570  13.606  1.00   51.29 ? 706  ALA A CB  1 
ATOM   1279 N N   . PRO A 1 166 ? -16.539 -2.950  14.746  1.00   52.60 ? 707  PRO A N   1 
ATOM   1280 C CA  . PRO A 1 166 ? -17.751 -3.601  15.267  1.00   52.54 ? 707  PRO A CA  1 
ATOM   1281 C C   . PRO A 1 166 ? -17.467 -4.352  16.570  1.00   52.64 ? 707  PRO A C   1 
ATOM   1282 O O   . PRO A 1 166 ? -17.168 -5.548  16.550  1.00   52.44 ? 707  PRO A O   1 
ATOM   1283 C CB  . PRO A 1 166 ? -18.152 -4.544  14.135  1.00   53.13 ? 707  PRO A CB  1 
ATOM   1284 C CG  . PRO A 1 166 ? -17.569 -3.876  12.902  1.00   53.41 ? 707  PRO A CG  1 
ATOM   1285 C CD  . PRO A 1 166 ? -16.221 -3.429  13.390  1.00   52.01 ? 707  PRO A CD  1 
ATOM   1286 N N   . SER A 1 167 ? -17.565 -3.634  17.688  1.00   52.49 ? 708  SER A N   1 
ATOM   1287 C CA  . SER A 1 167 ? -17.319 -4.179  19.028  1.00   52.10 ? 708  SER A CA  1 
ATOM   1288 C C   . SER A 1 167 ? -17.388 -5.698  19.099  1.00   51.72 ? 708  SER A C   1 
ATOM   1289 O O   . SER A 1 167 ? -16.440 -6.355  19.522  1.00   51.30 ? 708  SER A O   1 
ATOM   1290 C CB  . SER A 1 167 ? -18.326 -3.597  20.024  1.00   51.71 ? 708  SER A CB  1 
ATOM   1291 O OG  . SER A 1 167 ? -18.416 -2.192  19.887  1.00   52.13 ? 708  SER A OG  1 
ATOM   1292 N N   . LYS A 1 168 ? -18.524 -6.242  18.678  1.00   51.66 ? 709  LYS A N   1 
ATOM   1293 C CA  . LYS A 1 168 ? -18.753 -7.681  18.695  1.00   51.86 ? 709  LYS A CA  1 
ATOM   1294 C C   . LYS A 1 168 ? -17.681 -8.468  17.949  1.00   51.69 ? 709  LYS A C   1 
ATOM   1295 O O   . LYS A 1 168 ? -17.028 -9.340  18.527  1.00   51.70 ? 709  LYS A O   1 
ATOM   1296 C CB  . LYS A 1 168 ? -20.134 -8.003  18.102  1.00   51.70 ? 709  LYS A CB  1 
ATOM   1297 C CG  . LYS A 1 168 ? -21.300 -7.418  18.887  1.00   52.18 ? 709  LYS A CG  1 
ATOM   1298 C CD  . LYS A 1 168 ? -21.327 -5.890  18.822  1.00   52.87 ? 709  LYS A CD  1 
ATOM   1299 C CE  . LYS A 1 168 ? -21.971 -5.379  17.538  1.00   52.71 ? 709  LYS A CE  1 
ATOM   1300 N NZ  . LYS A 1 168 ? -21.359 -5.954  16.308  1.00   53.71 ? 709  LYS A NZ  1 
ATOM   1301 N N   . VAL A 1 169 ? -17.500 -8.154  16.670  1.00   51.47 ? 710  VAL A N   1 
ATOM   1302 C CA  . VAL A 1 169 ? -16.522 -8.853  15.846  1.00   51.31 ? 710  VAL A CA  1 
ATOM   1303 C C   . VAL A 1 169 ? -15.097 -8.327  16.000  1.00   50.87 ? 710  VAL A C   1 
ATOM   1304 O O   . VAL A 1 169 ? -14.177 -8.827  15.360  1.00   50.74 ? 710  VAL A O   1 
ATOM   1305 C CB  . VAL A 1 169 ? -16.913 -8.780  14.357  1.00   51.92 ? 710  VAL A CB  1 
ATOM   1306 C CG1 . VAL A 1 169 ? -18.362 -9.205  14.181  1.00   51.55 ? 710  VAL A CG1 1 
ATOM   1307 C CG2 . VAL A 1 169 ? -16.693 -7.372  13.829  1.00   52.65 ? 710  VAL A CG2 1 
ATOM   1308 N N   . ARG A 1 170 ? -14.918 -7.320  16.845  1.00   50.73 ? 711  ARG A N   1 
ATOM   1309 C CA  . ARG A 1 170 ? -13.601 -6.732  17.075  1.00   50.57 ? 711  ARG A CA  1 
ATOM   1310 C C   . ARG A 1 170 ? -12.508 -7.790  17.178  1.00   49.87 ? 711  ARG A C   1 
ATOM   1311 O O   . ARG A 1 170 ? -12.765 -8.925  17.588  1.00   49.83 ? 711  ARG A O   1 
ATOM   1312 C CB  . ARG A 1 170 ? -13.618 -5.901  18.354  1.00   51.80 ? 711  ARG A CB  1 
ATOM   1313 C CG  . ARG A 1 170 ? -12.287 -5.274  18.718  1.00   53.59 ? 711  ARG A CG  1 
ATOM   1314 C CD  . ARG A 1 170 ? -12.440 -4.464  19.986  1.00   56.24 ? 711  ARG A CD  1 
ATOM   1315 N NE  . ARG A 1 170 ? -11.234 -3.727  20.340  1.00   59.10 ? 711  ARG A NE  1 
ATOM   1316 C CZ  . ARG A 1 170 ? -11.130 -2.959  21.419  1.00   62.25 ? 711  ARG A CZ  1 
ATOM   1317 N NH1 . ARG A 1 170 ? -12.167 -2.835  22.242  1.00   62.12 ? 711  ARG A NH1 1 
ATOM   1318 N NH2 . ARG A 1 170 ? -9.996  -2.315  21.678  1.00   62.22 ? 711  ARG A NH2 1 
ATOM   1319 N N   . ASP A 1 171 ? -11.291 -7.402  16.798  1.00   48.52 ? 712  ASP A N   1 
ATOM   1320 C CA  . ASP A 1 171 ? -10.129 -8.284  16.830  1.00   47.57 ? 712  ASP A CA  1 
ATOM   1321 C C   . ASP A 1 171 ? -10.275 -9.618  16.096  1.00   46.33 ? 712  ASP A C   1 
ATOM   1322 O O   . ASP A 1 171 ? -9.369  -10.452 16.129  1.00   46.00 ? 712  ASP A O   1 
ATOM   1323 C CB  . ASP A 1 171 ? -9.708  -8.548  18.278  1.00   48.43 ? 712  ASP A CB  1 
ATOM   1324 C CG  . ASP A 1 171 ? -8.582  -7.638  18.731  1.00   49.49 ? 712  ASP A CG  1 
ATOM   1325 O OD1 . ASP A 1 171 ? -7.542  -7.596  18.032  1.00   49.57 ? 712  ASP A OD1 1 
ATOM   1326 O OD2 . ASP A 1 171 ? -8.734  -6.970  19.780  1.00   48.70 ? 712  ASP A OD2 1 
ATOM   1327 N N   . VAL A 1 172 ? -11.405 -9.821  15.431  1.00   45.07 ? 713  VAL A N   1 
ATOM   1328 C CA  . VAL A 1 172 ? -11.630 -11.063 14.704  1.00   44.12 ? 713  VAL A CA  1 
ATOM   1329 C C   . VAL A 1 172 ? -11.098 -10.929 13.278  1.00   43.42 ? 713  VAL A C   1 
ATOM   1330 O O   . VAL A 1 172 ? -11.050 -9.830  12.724  1.00   43.15 ? 713  VAL A O   1 
ATOM   1331 C CB  . VAL A 1 172 ? -13.146 -11.418 14.656  1.00   44.18 ? 713  VAL A CB  1 
ATOM   1332 C CG1 . VAL A 1 172 ? -13.356 -12.754 13.958  1.00   42.89 ? 713  VAL A CG1 1 
ATOM   1333 C CG2 . VAL A 1 172 ? -13.718 -11.463 16.068  1.00   43.04 ? 713  VAL A CG2 1 
ATOM   1334 N N   . GLN A 1 173 ? -10.690 -12.050 12.692  1.00   42.88 ? 714  GLN A N   1 
ATOM   1335 C CA  . GLN A 1 173 ? -10.178 -12.057 11.330  1.00   42.24 ? 714  GLN A CA  1 
ATOM   1336 C C   . GLN A 1 173 ? -11.286 -11.840 10.308  1.00   42.00 ? 714  GLN A C   1 
ATOM   1337 O O   . GLN A 1 173 ? -12.253 -12.595 10.267  1.00   41.82 ? 714  GLN A O   1 
ATOM   1338 C CB  . GLN A 1 173 ? -9.487  -13.383 11.032  1.00   41.68 ? 714  GLN A CB  1 
ATOM   1339 C CG  . GLN A 1 173 ? -8.126  -13.539 11.668  1.00   42.16 ? 714  GLN A CG  1 
ATOM   1340 C CD  . GLN A 1 173 ? -7.383  -14.743 11.124  1.00   42.77 ? 714  GLN A CD  1 
ATOM   1341 O OE1 . GLN A 1 173 ? -7.291  -14.935 9.905   1.00   41.38 ? 714  GLN A OE1 1 
ATOM   1342 N NE2 . GLN A 1 173 ? -6.840  -15.559 12.021  1.00   41.50 ? 714  GLN A NE2 1 
ATOM   1343 N N   . ILE A 1 174 ? -11.135 -10.810 9.482   1.00   42.55 ? 715  ILE A N   1 
ATOM   1344 C CA  . ILE A 1 174 ? -12.118 -10.489 8.446   1.00   42.99 ? 715  ILE A CA  1 
ATOM   1345 C C   . ILE A 1 174 ? -12.549 -11.762 7.720   1.00   43.72 ? 715  ILE A C   1 
ATOM   1346 O O   . ILE A 1 174 ? -13.735 -12.067 7.607   1.00   43.30 ? 715  ILE A O   1 
ATOM   1347 C CB  . ILE A 1 174 ? -11.525 -9.544  7.378   1.00   41.95 ? 715  ILE A CB  1 
ATOM   1348 C CG1 . ILE A 1 174 ? -10.671 -8.460  8.034   1.00   41.38 ? 715  ILE A CG1 1 
ATOM   1349 C CG2 . ILE A 1 174 ? -12.634 -8.922  6.576   1.00   41.85 ? 715  ILE A CG2 1 
ATOM   1350 C CD1 . ILE A 1 174 ? -11.363 -7.702  9.123   1.00   41.38 ? 715  ILE A CD1 1 
ATOM   1351 N N   . LYS A 1 175 ? -11.554 -12.492 7.233   1.00   44.85 ? 716  LYS A N   1 
ATOM   1352 C CA  . LYS A 1 175 ? -11.749 -13.733 6.496   1.00   45.94 ? 716  LYS A CA  1 
ATOM   1353 C C   . LYS A 1 175 ? -12.503 -14.796 7.295   1.00   46.75 ? 716  LYS A C   1 
ATOM   1354 O O   . LYS A 1 175 ? -13.131 -15.687 6.720   1.00   46.61 ? 716  LYS A O   1 
ATOM   1355 C CB  . LYS A 1 175 ? -10.383 -14.266 6.070   1.00   45.65 ? 716  LYS A CB  1 
ATOM   1356 C CG  . LYS A 1 175 ? -10.409 -15.553 5.275   1.00   45.82 ? 716  LYS A CG  1 
ATOM   1357 C CD  . LYS A 1 175 ? -8.986  -16.045 5.018   1.00   45.36 ? 716  LYS A CD  1 
ATOM   1358 C CE  . LYS A 1 175 ? -8.141  -16.038 6.298   1.00   43.87 ? 716  LYS A CE  1 
ATOM   1359 N NZ  . LYS A 1 175 ? -8.791  -16.753 7.434   1.00   40.68 ? 716  LYS A NZ  1 
ATOM   1360 N N   . ASP A 1 176 ? -12.438 -14.701 8.618   1.00   47.55 ? 717  ASP A N   1 
ATOM   1361 C CA  . ASP A 1 176 ? -13.118 -15.652 9.494   1.00   48.22 ? 717  ASP A CA  1 
ATOM   1362 C C   . ASP A 1 176 ? -14.570 -15.261 9.748   1.00   48.74 ? 717  ASP A C   1 
ATOM   1363 O O   . ASP A 1 176 ? -15.221 -15.817 10.632  1.00   48.99 ? 717  ASP A O   1 
ATOM   1364 C CB  . ASP A 1 176 ? -12.388 -15.750 10.837  1.00   48.45 ? 717  ASP A CB  1 
ATOM   1365 C CG  . ASP A 1 176 ? -11.153 -16.626 10.771  1.00   47.49 ? 717  ASP A CG  1 
ATOM   1366 O OD1 . ASP A 1 176 ? -10.473 -16.625 9.722   1.00   48.23 ? 717  ASP A OD1 1 
ATOM   1367 O OD2 . ASP A 1 176 ? -10.859 -17.304 11.780  1.00   45.87 ? 717  ASP A OD2 1 
ATOM   1368 N N   . LEU A 1 177 ? -15.074 -14.302 8.982   1.00   49.07 ? 718  LEU A N   1 
ATOM   1369 C CA  . LEU A 1 177 ? -16.451 -13.859 9.150   1.00   49.20 ? 718  LEU A CA  1 
ATOM   1370 C C   . LEU A 1 177 ? -17.222 -13.971 7.848   1.00   49.88 ? 718  LEU A C   1 
ATOM   1371 O O   . LEU A 1 177 ? -16.723 -13.605 6.782   1.00   49.97 ? 718  LEU A O   1 
ATOM   1372 C CB  . LEU A 1 177 ? -16.494 -12.406 9.631   1.00   48.32 ? 718  LEU A CB  1 
ATOM   1373 C CG  . LEU A 1 177 ? -15.973 -12.109 11.035  1.00   48.04 ? 718  LEU A CG  1 
ATOM   1374 C CD1 . LEU A 1 177 ? -15.940 -10.605 11.265  1.00   47.50 ? 718  LEU A CD1 1 
ATOM   1375 C CD2 . LEU A 1 177 ? -16.865 -12.792 12.058  1.00   47.24 ? 718  LEU A CD2 1 
ATOM   1376 N N   . PRO A 1 178 ? -18.452 -14.499 7.916   1.00   50.61 ? 719  PRO A N   1 
ATOM   1377 C CA  . PRO A 1 178 ? -19.275 -14.639 6.714   1.00   50.77 ? 719  PRO A CA  1 
ATOM   1378 C C   . PRO A 1 178 ? -19.881 -13.280 6.388   1.00   51.00 ? 719  PRO A C   1 
ATOM   1379 O O   . PRO A 1 178 ? -20.307 -12.559 7.290   1.00   50.76 ? 719  PRO A O   1 
ATOM   1380 C CB  . PRO A 1 178 ? -20.321 -15.662 7.141   1.00   50.81 ? 719  PRO A CB  1 
ATOM   1381 C CG  . PRO A 1 178 ? -20.527 -15.321 8.590   1.00   50.12 ? 719  PRO A CG  1 
ATOM   1382 C CD  . PRO A 1 178 ? -19.112 -15.113 9.084   1.00   50.62 ? 719  PRO A CD  1 
ATOM   1383 N N   . HIS A 1 179 ? -19.912 -12.927 5.108   1.00   51.54 ? 720  HIS A N   1 
ATOM   1384 C CA  . HIS A 1 179 ? -20.466 -11.642 4.686   1.00   52.65 ? 720  HIS A CA  1 
ATOM   1385 C C   . HIS A 1 179 ? -21.831 -11.392 5.324   1.00   52.44 ? 720  HIS A C   1 
ATOM   1386 O O   . HIS A 1 179 ? -22.349 -10.272 5.299   1.00   52.21 ? 720  HIS A O   1 
ATOM   1387 C CB  . HIS A 1 179 ? -20.587 -11.591 3.162   1.00   54.92 ? 720  HIS A CB  1 
ATOM   1388 C CG  . HIS A 1 179 ? -21.402 -12.705 2.584   1.00   59.04 ? 720  HIS A CG  1 
ATOM   1389 N ND1 . HIS A 1 179 ? -21.109 -14.034 2.806   1.00   60.67 ? 720  HIS A ND1 1 
ATOM   1390 C CD2 . HIS A 1 179 ? -22.506 -12.689 1.800   1.00   60.80 ? 720  HIS A CD2 1 
ATOM   1391 C CE1 . HIS A 1 179 ? -21.998 -14.789 2.185   1.00   62.15 ? 720  HIS A CE1 1 
ATOM   1392 N NE2 . HIS A 1 179 ? -22.857 -13.998 1.567   1.00   61.96 ? 720  HIS A NE2 1 
ATOM   1393 N N   . SER A 1 180 ? -22.406 -12.443 5.898   1.00   51.88 ? 721  SER A N   1 
ATOM   1394 C CA  . SER A 1 180 ? -23.701 -12.342 6.548   1.00   51.47 ? 721  SER A CA  1 
ATOM   1395 C C   . SER A 1 180 ? -23.615 -11.527 7.839   1.00   50.80 ? 721  SER A C   1 
ATOM   1396 O O   . SER A 1 180 ? -24.594 -10.892 8.243   1.00   50.86 ? 721  SER A O   1 
ATOM   1397 C CB  . SER A 1 180 ? -24.244 -13.741 6.847   1.00   51.84 ? 721  SER A CB  1 
ATOM   1398 O OG  . SER A 1 180 ? -23.328 -14.484 7.631   1.00   52.52 ? 721  SER A OG  1 
ATOM   1399 N N   . GLU A 1 181 ? -22.449 -11.546 8.484   1.00   49.76 ? 722  GLU A N   1 
ATOM   1400 C CA  . GLU A 1 181 ? -22.258 -10.799 9.726   1.00   48.80 ? 722  GLU A CA  1 
ATOM   1401 C C   . GLU A 1 181 ? -21.728 -9.411  9.413   1.00   47.79 ? 722  GLU A C   1 
ATOM   1402 O O   . GLU A 1 181 ? -21.646 -8.550  10.287  1.00   46.83 ? 722  GLU A O   1 
ATOM   1403 C CB  . GLU A 1 181 ? -21.284 -11.523 10.658  1.00   49.50 ? 722  GLU A CB  1 
ATOM   1404 C CG  . GLU A 1 181 ? -21.673 -12.960 10.983  1.00   52.83 ? 722  GLU A CG  1 
ATOM   1405 C CD  . GLU A 1 181 ? -23.068 -13.089 11.591  1.00   54.45 ? 722  GLU A CD  1 
ATOM   1406 O OE1 . GLU A 1 181 ? -24.058 -12.768 10.897  1.00   55.57 ? 722  GLU A OE1 1 
ATOM   1407 O OE2 . GLU A 1 181 ? -23.172 -13.519 12.762  1.00   54.55 ? 722  GLU A OE2 1 
ATOM   1408 N N   . PHE A 1 182 ? -21.357 -9.202  8.155   1.00   47.57 ? 723  PHE A N   1 
ATOM   1409 C CA  . PHE A 1 182 ? -20.853 -7.908  7.732   1.00   47.20 ? 723  PHE A CA  1 
ATOM   1410 C C   . PHE A 1 182 ? -22.024 -7.010  7.425   1.00   47.05 ? 723  PHE A C   1 
ATOM   1411 O O   . PHE A 1 182 ? -22.401 -6.841  6.268   1.00   47.01 ? 723  PHE A O   1 
ATOM   1412 C CB  . PHE A 1 182 ? -19.987 -8.028  6.482   1.00   46.87 ? 723  PHE A CB  1 
ATOM   1413 C CG  . PHE A 1 182 ? -18.651 -8.645  6.729   1.00   46.34 ? 723  PHE A CG  1 
ATOM   1414 C CD1 . PHE A 1 182 ? -18.523 -10.022 6.875   1.00   46.41 ? 723  PHE A CD1 1 
ATOM   1415 C CD2 . PHE A 1 182 ? -17.513 -7.849  6.811   1.00   45.93 ? 723  PHE A CD2 1 
ATOM   1416 C CE1 . PHE A 1 182 ? -17.276 -10.604 7.099   1.00   47.04 ? 723  PHE A CE1 1 
ATOM   1417 C CE2 . PHE A 1 182 ? -16.263 -8.417  7.035   1.00   46.81 ? 723  PHE A CE2 1 
ATOM   1418 C CZ  . PHE A 1 182 ? -16.143 -9.802  7.179   1.00   46.76 ? 723  PHE A CZ  1 
ATOM   1419 N N   . LYS A 1 183 ? -22.614 -6.444  8.465   1.00   47.27 ? 724  LYS A N   1 
ATOM   1420 C CA  . LYS A 1 183 ? -23.737 -5.554  8.259   1.00   47.57 ? 724  LYS A CA  1 
ATOM   1421 C C   . LYS A 1 183 ? -23.557 -4.301  9.087   1.00   47.45 ? 724  LYS A C   1 
ATOM   1422 O O   . LYS A 1 183 ? -23.189 -4.363  10.258  1.00   47.63 ? 724  LYS A O   1 
ATOM   1423 C CB  . LYS A 1 183 ? -25.068 -6.241  8.619   1.00   47.67 ? 724  LYS A CB  1 
ATOM   1424 C CG  . LYS A 1 183 ? -25.395 -6.342  10.105  1.00   47.34 ? 724  LYS A CG  1 
ATOM   1425 C CD  . LYS A 1 183 ? -24.465 -7.289  10.844  1.00   47.77 ? 724  LYS A CD  1 
ATOM   1426 C CE  . LYS A 1 183 ? -24.909 -7.498  12.298  1.00   47.84 ? 724  LYS A CE  1 
ATOM   1427 N NZ  . LYS A 1 183 ? -26.203 -8.237  12.422  1.00   46.65 ? 724  LYS A NZ  1 
ATOM   1428 N N   . CYS A 1 184 ? -23.787 -3.161  8.451   1.00   47.55 ? 725  CYS A N   1 
ATOM   1429 C CA  . CYS A 1 184 ? -23.687 -1.872  9.118   1.00   47.38 ? 725  CYS A CA  1 
ATOM   1430 C C   . CYS A 1 184 ? -25.135 -1.533  9.493   1.00   48.10 ? 725  CYS A C   1 
ATOM   1431 O O   . CYS A 1 184 ? -26.068 -2.161  8.987   1.00   48.29 ? 725  CYS A O   1 
ATOM   1432 C CB  . CYS A 1 184 ? -23.135 -0.820  8.155   1.00   43.94 ? 725  CYS A CB  1 
ATOM   1433 S SG  . CYS A 1 184 ? -24.262 -0.616  6.762   1.00   37.52 ? 725  CYS A SG  1 
ATOM   1434 N N   . SER A 1 185 ? -25.317 -0.556  10.378  1.00   48.86 ? 726  SER A N   1 
ATOM   1435 C CA  . SER A 1 185 ? -26.649 -0.147  10.816  1.00   49.16 ? 726  SER A CA  1 
ATOM   1436 C C   . SER A 1 185 ? -26.569 0.909   11.919  1.00   49.29 ? 726  SER A C   1 
ATOM   1437 O O   . SER A 1 185 ? -25.999 0.666   12.987  1.00   49.11 ? 726  SER A O   1 
ATOM   1438 C CB  . SER A 1 185 ? -27.442 -1.360  11.326  1.00   49.79 ? 726  SER A CB  1 
ATOM   1439 O OG  . SER A 1 185 ? -26.836 -1.934  12.473  1.00   51.92 ? 726  SER A OG  1 
ATOM   1440 N N   . SER A 1 186 ? -27.147 2.079   11.649  1.00   49.49 ? 727  SER A N   1 
ATOM   1441 C CA  . SER A 1 186 ? -27.158 3.184   12.603  1.00   49.67 ? 727  SER A CA  1 
ATOM   1442 C C   . SER A 1 186 ? -25.759 3.468   13.134  1.00   49.82 ? 727  SER A C   1 
ATOM   1443 O O   . SER A 1 186 ? -25.112 4.428   12.714  1.00   50.12 ? 727  SER A O   1 
ATOM   1444 C CB  . SER A 1 186 ? -28.101 2.870   13.771  1.00   49.58 ? 727  SER A CB  1 
ATOM   1445 O OG  . SER A 1 186 ? -29.445 2.757   13.328  1.00   48.13 ? 727  SER A OG  1 
ATOM   1446 N N   . GLU A 1 190 ? -21.341 4.114   8.181   1.00   53.43 ? 731  GLU A N   1 
ATOM   1447 C CA  . GLU A 1 190 ? -20.688 4.551   6.951   1.00   53.38 ? 731  GLU A CA  1 
ATOM   1448 C C   . GLU A 1 190 ? -19.459 3.723   6.596   1.00   52.85 ? 731  GLU A C   1 
ATOM   1449 O O   . GLU A 1 190 ? -19.229 2.643   7.143   1.00   52.44 ? 731  GLU A O   1 
ATOM   1450 C CB  . GLU A 1 190 ? -20.271 6.024   7.050   1.00   54.15 ? 731  GLU A CB  1 
ATOM   1451 C CG  . GLU A 1 190 ? -21.413 7.026   6.999   1.00   56.70 ? 731  GLU A CG  1 
ATOM   1452 C CD  . GLU A 1 190 ? -20.914 8.459   6.896   1.00   58.82 ? 731  GLU A CD  1 
ATOM   1453 O OE1 . GLU A 1 190 ? -20.202 8.914   7.822   1.00   59.71 ? 731  GLU A OE1 1 
ATOM   1454 O OE2 . GLU A 1 190 ? -21.232 9.129   5.887   1.00   59.17 ? 731  GLU A OE2 1 
ATOM   1455 N N   . GLY A 1 191 ? -18.678 4.253   5.660   1.00   52.77 ? 732  GLY A N   1 
ATOM   1456 C CA  . GLY A 1 191 ? -17.465 3.599   5.213   1.00   52.95 ? 732  GLY A CA  1 
ATOM   1457 C C   . GLY A 1 191 ? -16.509 4.651   4.687   1.00   53.12 ? 732  GLY A C   1 
ATOM   1458 O O   . GLY A 1 191 ? -15.774 5.270   5.462   1.00   52.88 ? 732  GLY A O   1 
ATOM   1459 N N   . CYS A 1 192 ? -16.529 4.866   3.372   1.00   53.17 ? 733  CYS A N   1 
ATOM   1460 C CA  . CYS A 1 192 ? -15.660 5.856   2.738   1.00   53.40 ? 733  CYS A CA  1 
ATOM   1461 C C   . CYS A 1 192 ? -16.179 6.387   1.408   1.00   54.39 ? 733  CYS A C   1 
ATOM   1462 O O   . CYS A 1 192 ? -17.297 5.992   0.996   1.00   54.93 ? 733  CYS A O   1 
ATOM   1463 C CB  . CYS A 1 192 ? -14.270 5.280   2.504   1.00   51.60 ? 733  CYS A CB  1 
ATOM   1464 S SG  . CYS A 1 192 ? -13.245 5.109   3.994   1.00   49.36 ? 733  CYS A SG  1 
ATOM   1465 O OXT . CYS A 1 192 ? -15.440 7.193   0.793   1.00   54.98 ? 733  CYS A OXT 1 
HETATM 1466 O O   . HOH B 2 .   ? 14.841  1.642   -12.778 1.00   7.42  ? 2001 HOH A O   1 
HETATM 1467 O O   . HOH B 2 .   ? 3.876   8.924   -10.207 1.00   8.24  ? 2002 HOH A O   1 
HETATM 1468 O O   . HOH B 2 .   ? 4.079   6.051   -12.605 1.00   9.14  ? 2003 HOH A O   1 
HETATM 1469 O O   . HOH B 2 .   ? -6.473  1.279   -5.601  1.00   14.56 ? 2004 HOH A O   1 
HETATM 1470 O O   . HOH B 2 .   ? -6.071  -5.436  10.611  1.00   12.67 ? 2005 HOH A O   1 
# 
